data_7CT4
#
_entry.id   7CT4
#
_cell.length_a   79.130
_cell.length_b   79.130
_cell.length_c   366.673
_cell.angle_alpha   90.000
_cell.angle_beta   90.000
_cell.angle_gamma   120.000
#
_symmetry.space_group_name_H-M   'P 61'
#
loop_
_entity.id
_entity.type
_entity.pdbx_description
1 polymer 'D-amino acid oxidase'
2 non-polymer 'FLAVIN-ADENINE DINUCLEOTIDE'
3 water water
#
_entity_poly.entity_id   1
_entity_poly.type   'polypeptide(L)'
_entity_poly.pdbx_seq_one_letter_code
;MGSSHHHHHHSSGLVPRGSHMATNNIVVLGAGVSGLTTAWLLSKDPSNKITVAAKHMPGDYDIEYCSPWAGANYLPVGAE
NSRVGQWERATWPHLRDIAQNHPEAGIHFQDTVVYNRTKDQGSTTGQWFSELVKPNPWYGKVLPNFRELSKDELPPGIDN
ANRFTSVCINTAVYLPWLVGQCRKNGVVFKRAVFKHVAEAANAHHSGQKADLVVNCTGLSSRKLGGVQDNTLLPARGQIV
VVRNDPGLMCSISGTDDGDDEVTYMMTRAAGGGTILGGTYQKHNWDSLPDPNLAVRIMKRCIELCPSLVAPGQGIEGLDI
IRHGVGLRPVREDGPRIEKELIDGVWVVHNYGHGGYGYQTSFGCATTAVEVVREALQQQKQRRDKARL
;
_entity_poly.pdbx_strand_id   A,B,C,D
#
# COMPACT_ATOMS: atom_id res chain seq x y z
N THR A 23 -19.55 17.26 -39.44
CA THR A 23 -19.39 16.57 -38.12
C THR A 23 -18.10 17.02 -37.42
N ASN A 24 -18.28 17.63 -36.25
CA ASN A 24 -17.17 18.13 -35.44
C ASN A 24 -16.51 17.01 -34.63
N ASN A 25 -15.25 16.74 -34.96
CA ASN A 25 -14.47 15.72 -34.27
C ASN A 25 -13.76 16.32 -33.06
N ILE A 26 -14.29 15.99 -31.89
CA ILE A 26 -13.82 16.56 -30.64
C ILE A 26 -13.17 15.48 -29.78
N VAL A 27 -11.94 15.73 -29.35
CA VAL A 27 -11.31 14.90 -28.33
C VAL A 27 -11.43 15.60 -26.98
N VAL A 28 -12.15 14.97 -26.06
CA VAL A 28 -12.21 15.46 -24.69
C VAL A 28 -11.09 14.74 -23.95
N LEU A 29 -10.07 15.50 -23.56
CA LEU A 29 -8.90 14.94 -22.90
C LEU A 29 -9.12 14.97 -21.40
N GLY A 30 -9.44 13.80 -20.84
CA GLY A 30 -9.66 13.64 -19.41
C GLY A 30 -11.05 13.18 -19.05
N ALA A 31 -11.14 12.36 -18.01
CA ALA A 31 -12.39 11.72 -17.57
C ALA A 31 -12.66 11.81 -16.06
N GLY A 32 -12.30 12.94 -15.46
CA GLY A 32 -12.86 13.34 -14.15
C GLY A 32 -14.16 14.09 -14.41
N VAL A 33 -14.71 14.75 -13.39
CA VAL A 33 -15.99 15.51 -13.53
C VAL A 33 -16.01 16.50 -14.68
N SER A 34 -14.91 17.24 -14.83
CA SER A 34 -14.78 18.28 -15.85
C SER A 34 -14.98 17.68 -17.24
N GLY A 35 -14.15 16.70 -17.59
CA GLY A 35 -14.22 16.02 -18.88
C GLY A 35 -15.54 15.30 -19.16
N LEU A 36 -15.99 14.53 -18.18
CA LEU A 36 -17.22 13.75 -18.30
C LEU A 36 -18.48 14.62 -18.48
N THR A 37 -18.63 15.65 -17.65
CA THR A 37 -19.76 16.60 -17.75
C THR A 37 -19.71 17.37 -19.07
N THR A 38 -18.51 17.81 -19.46
CA THR A 38 -18.31 18.55 -20.71
C THR A 38 -18.60 17.65 -21.94
N ALA A 39 -18.13 16.40 -21.87
CA ALA A 39 -18.40 15.42 -22.91
C ALA A 39 -19.90 15.16 -23.06
N TRP A 40 -20.60 15.01 -21.93
CA TRP A 40 -22.05 14.77 -21.92
C TRP A 40 -22.83 15.94 -22.53
N LEU A 41 -22.39 17.18 -22.25
CA LEU A 41 -23.07 18.37 -22.74
C LEU A 41 -22.86 18.56 -24.23
N LEU A 42 -21.61 18.36 -24.67
CA LEU A 42 -21.26 18.36 -26.08
C LEU A 42 -21.94 17.25 -26.88
N SER A 43 -22.21 16.11 -26.22
CA SER A 43 -22.84 14.96 -26.86
C SER A 43 -24.32 15.19 -27.23
N LYS A 44 -24.94 16.20 -26.62
CA LYS A 44 -26.35 16.53 -26.92
C LYS A 44 -26.53 17.28 -28.27
N ASP A 45 -25.41 17.71 -28.86
CA ASP A 45 -25.36 18.25 -30.22
C ASP A 45 -24.94 17.11 -31.17
N PRO A 46 -25.84 16.72 -32.10
CA PRO A 46 -25.63 15.59 -33.00
C PRO A 46 -24.52 15.80 -34.04
N SER A 47 -24.09 17.06 -34.22
CA SER A 47 -22.99 17.37 -35.12
C SER A 47 -21.61 17.11 -34.50
N ASN A 48 -21.59 16.73 -33.22
CA ASN A 48 -20.33 16.42 -32.52
C ASN A 48 -20.09 14.92 -32.43
N LYS A 49 -18.92 14.48 -32.91
CA LYS A 49 -18.46 13.11 -32.70
C LYS A 49 -17.33 13.20 -31.67
N ILE A 50 -17.54 12.57 -30.52
CA ILE A 50 -16.71 12.80 -29.34
C ILE A 50 -15.95 11.54 -28.91
N THR A 51 -14.64 11.70 -28.74
CA THR A 51 -13.80 10.73 -28.03
C THR A 51 -13.39 11.31 -26.68
N VAL A 52 -13.66 10.57 -25.62
CA VAL A 52 -13.03 10.87 -24.33
C VAL A 52 -11.76 10.02 -24.22
N ALA A 53 -10.61 10.69 -24.31
CA ALA A 53 -9.30 10.07 -24.12
C ALA A 53 -8.75 10.48 -22.77
N ALA A 54 -8.40 9.49 -21.95
CA ALA A 54 -7.94 9.74 -20.59
C ALA A 54 -7.00 8.66 -20.08
N LYS A 55 -6.06 9.07 -19.24
CA LYS A 55 -5.12 8.18 -18.54
C LYS A 55 -5.86 7.35 -17.49
N HIS A 56 -6.61 8.04 -16.63
CA HIS A 56 -7.39 7.40 -15.58
C HIS A 56 -8.87 7.63 -15.80
N MET A 57 -9.64 6.57 -15.55
CA MET A 57 -11.09 6.52 -15.79
C MET A 57 -11.76 6.10 -14.48
N PRO A 58 -13.08 6.36 -14.34
CA PRO A 58 -13.83 5.85 -13.18
C PRO A 58 -13.59 4.36 -12.92
N GLY A 59 -13.43 4.01 -11.65
CA GLY A 59 -12.91 2.71 -11.24
C GLY A 59 -11.46 2.74 -10.80
N ASP A 60 -10.71 3.73 -11.27
CA ASP A 60 -9.31 3.92 -10.87
C ASP A 60 -9.22 4.73 -9.59
N TYR A 61 -8.22 4.39 -8.77
CA TYR A 61 -7.76 5.28 -7.67
C TYR A 61 -6.28 5.57 -7.85
N ASP A 62 -5.95 6.87 -7.93
CA ASP A 62 -4.60 7.38 -8.20
C ASP A 62 -4.60 8.85 -7.79
N ILE A 63 -3.50 9.35 -7.24
CA ILE A 63 -3.38 10.79 -6.89
C ILE A 63 -3.35 11.73 -8.08
N GLU A 64 -3.05 11.22 -9.27
CA GLU A 64 -3.13 12.00 -10.50
C GLU A 64 -4.57 12.17 -11.00
N TYR A 65 -5.50 11.50 -10.32
CA TYR A 65 -6.90 11.50 -10.68
C TYR A 65 -7.74 11.97 -9.49
N CYS A 66 -8.08 13.27 -9.48
CA CYS A 66 -8.74 13.89 -8.30
C CYS A 66 -10.18 13.43 -8.03
N SER A 67 -10.99 13.28 -9.08
CA SER A 67 -12.45 13.06 -8.91
C SER A 67 -12.91 11.98 -7.91
N PRO A 68 -12.36 10.73 -8.01
CA PRO A 68 -12.86 9.71 -7.08
C PRO A 68 -12.56 9.98 -5.60
N TRP A 69 -11.64 10.89 -5.30
CA TRP A 69 -11.28 11.25 -3.92
C TRP A 69 -12.25 12.24 -3.27
N ALA A 70 -13.15 12.81 -4.06
CA ALA A 70 -14.06 13.84 -3.57
C ALA A 70 -15.18 13.25 -2.73
N GLY A 71 -15.79 14.10 -1.90
CA GLY A 71 -16.88 13.69 -1.01
C GLY A 71 -18.04 13.00 -1.71
N ALA A 72 -18.79 13.72 -2.56
CA ALA A 72 -18.69 15.17 -2.76
C ALA A 72 -20.03 15.81 -2.43
N ASN A 73 -20.01 17.12 -2.16
CA ASN A 73 -21.25 17.86 -1.88
C ASN A 73 -21.30 19.22 -2.58
N TYR A 74 -22.43 19.90 -2.43
CA TYR A 74 -22.63 21.24 -2.94
C TYR A 74 -22.67 22.17 -1.73
N LEU A 75 -21.68 23.06 -1.67
CA LEU A 75 -21.49 23.99 -0.55
C LEU A 75 -20.69 25.16 -1.12
N PRO A 76 -21.39 26.16 -1.71
CA PRO A 76 -20.69 27.19 -2.49
C PRO A 76 -19.67 28.01 -1.68
N VAL A 77 -18.58 28.37 -2.33
CA VAL A 77 -17.45 29.07 -1.70
C VAL A 77 -17.12 30.39 -2.39
N GLY A 78 -17.56 30.53 -3.65
CA GLY A 78 -17.33 31.75 -4.43
C GLY A 78 -18.19 32.92 -3.99
N ALA A 79 -17.67 34.13 -4.19
CA ALA A 79 -18.40 35.37 -3.95
C ALA A 79 -19.55 35.50 -4.95
N GLU A 80 -20.62 36.18 -4.53
CA GLU A 80 -21.86 36.32 -5.32
C GLU A 80 -21.63 36.63 -6.81
N ASN A 81 -20.81 37.64 -7.08
CA ASN A 81 -20.55 38.12 -8.43
C ASN A 81 -19.28 37.57 -9.10
N SER A 82 -18.58 36.68 -8.40
CA SER A 82 -17.37 36.03 -8.94
C SER A 82 -17.73 34.99 -10.01
N ARG A 83 -16.75 34.69 -10.88
CA ARG A 83 -16.87 33.65 -11.90
C ARG A 83 -17.28 32.30 -11.30
N VAL A 84 -16.61 31.93 -10.19
CA VAL A 84 -16.85 30.65 -9.49
C VAL A 84 -18.27 30.58 -8.92
N GLY A 85 -18.69 31.62 -8.20
CA GLY A 85 -20.02 31.69 -7.59
C GLY A 85 -21.14 31.69 -8.60
N GLN A 86 -20.92 32.34 -9.74
CA GLN A 86 -21.85 32.27 -10.87
C GLN A 86 -21.94 30.85 -11.43
N TRP A 87 -20.79 30.20 -11.57
CA TRP A 87 -20.73 28.80 -12.00
C TRP A 87 -21.39 27.85 -11.00
N GLU A 88 -21.20 28.09 -9.70
CA GLU A 88 -21.87 27.33 -8.63
C GLU A 88 -23.39 27.47 -8.72
N ARG A 89 -23.84 28.72 -8.84
CA ARG A 89 -25.27 29.05 -9.07
C ARG A 89 -25.90 28.31 -10.25
N ALA A 90 -25.25 28.39 -11.42
CA ALA A 90 -25.73 27.72 -12.64
C ALA A 90 -25.71 26.19 -12.55
N THR A 91 -24.83 25.66 -11.69
CA THR A 91 -24.67 24.21 -11.51
C THR A 91 -25.81 23.56 -10.72
N TRP A 92 -26.24 24.19 -9.63
CA TRP A 92 -27.30 23.66 -8.75
C TRP A 92 -28.54 22.99 -9.41
N PRO A 93 -29.23 23.66 -10.38
CA PRO A 93 -30.44 23.03 -10.95
C PRO A 93 -30.19 21.66 -11.60
N HIS A 94 -29.03 21.51 -12.23
CA HIS A 94 -28.59 20.24 -12.81
C HIS A 94 -28.47 19.13 -11.76
N LEU A 95 -27.80 19.45 -10.64
CA LEU A 95 -27.66 18.53 -9.51
C LEU A 95 -28.99 18.23 -8.80
N ARG A 96 -29.81 19.27 -8.60
CA ARG A 96 -31.12 19.14 -7.97
C ARG A 96 -32.02 18.16 -8.76
N ASP A 97 -32.02 18.34 -10.08
CA ASP A 97 -32.78 17.55 -11.05
C ASP A 97 -32.39 16.06 -11.02
N ILE A 98 -31.08 15.81 -10.96
CA ILE A 98 -30.55 14.45 -10.95
C ILE A 98 -30.96 13.76 -9.64
N ALA A 99 -30.87 14.47 -8.51
CA ALA A 99 -31.34 13.99 -7.22
C ALA A 99 -32.87 13.75 -7.18
N GLN A 100 -33.63 14.62 -7.84
CA GLN A 100 -35.10 14.49 -7.87
C GLN A 100 -35.58 13.29 -8.71
N ASN A 101 -35.10 13.21 -9.94
CA ASN A 101 -35.71 12.32 -10.95
C ASN A 101 -34.87 11.11 -11.35
N HIS A 102 -33.58 11.12 -11.00
CA HIS A 102 -32.66 10.06 -11.44
C HIS A 102 -31.88 9.43 -10.29
N PRO A 103 -32.54 8.61 -9.43
CA PRO A 103 -31.88 8.05 -8.25
C PRO A 103 -30.68 7.14 -8.57
N GLU A 104 -30.72 6.51 -9.75
CA GLU A 104 -29.66 5.63 -10.26
C GLU A 104 -28.29 6.29 -10.41
N ALA A 105 -28.26 7.62 -10.36
CA ALA A 105 -27.04 8.40 -10.54
C ALA A 105 -26.23 8.59 -9.26
N GLY A 106 -26.78 8.19 -8.12
CA GLY A 106 -26.06 8.24 -6.83
C GLY A 106 -25.90 9.64 -6.26
N ILE A 107 -26.89 10.50 -6.51
CA ILE A 107 -26.96 11.81 -5.88
C ILE A 107 -28.16 11.87 -4.93
N HIS A 108 -27.89 12.40 -3.75
CA HIS A 108 -28.61 12.24 -2.49
C HIS A 108 -29.01 13.65 -2.05
N PHE A 109 -30.28 13.87 -1.72
CA PHE A 109 -30.66 15.08 -0.97
C PHE A 109 -30.29 14.87 0.49
N GLN A 110 -29.61 15.85 1.09
CA GLN A 110 -29.23 15.77 2.50
C GLN A 110 -29.50 17.07 3.27
N ASP A 111 -30.01 16.91 4.48
CA ASP A 111 -30.10 18.01 5.46
C ASP A 111 -28.67 18.45 5.81
N THR A 112 -28.45 19.76 5.84
CA THR A 112 -27.11 20.33 5.98
C THR A 112 -27.10 21.43 7.04
N VAL A 113 -26.08 21.38 7.91
CA VAL A 113 -25.81 22.43 8.88
C VAL A 113 -24.36 22.90 8.73
N VAL A 114 -24.20 24.21 8.68
CA VAL A 114 -22.92 24.89 8.59
C VAL A 114 -22.75 25.74 9.85
N TYR A 115 -21.76 25.41 10.67
CA TYR A 115 -21.48 26.13 11.92
C TYR A 115 -20.33 27.11 11.74
N ASN A 116 -20.55 28.36 12.14
CA ASN A 116 -19.49 29.38 12.13
C ASN A 116 -19.12 29.71 13.57
N ARG A 117 -17.86 29.46 13.91
CA ARG A 117 -17.36 29.64 15.28
C ARG A 117 -17.11 31.11 15.58
N THR A 118 -17.37 31.49 16.84
CA THR A 118 -16.98 32.81 17.36
C THR A 118 -15.46 32.96 17.46
N LYS A 119 -14.76 31.83 17.56
CA LYS A 119 -13.30 31.76 17.66
C LYS A 119 -12.55 32.12 16.36
N ASP A 120 -13.25 32.05 15.22
CA ASP A 120 -12.67 32.29 13.90
C ASP A 120 -13.12 33.62 13.26
N PRO A 135 -23.80 34.47 8.17
CA PRO A 135 -23.79 35.88 7.81
C PRO A 135 -24.72 36.20 6.62
N ASN A 136 -25.78 35.40 6.48
CA ASN A 136 -26.72 35.44 5.34
C ASN A 136 -26.03 35.37 3.96
N PRO A 137 -25.60 34.13 3.55
CA PRO A 137 -24.92 33.96 2.26
C PRO A 137 -25.89 33.95 1.07
N TRP A 138 -25.36 34.17 -0.14
CA TRP A 138 -26.18 34.25 -1.36
C TRP A 138 -26.89 32.94 -1.74
N TYR A 139 -26.33 31.81 -1.32
CA TYR A 139 -26.94 30.50 -1.59
C TYR A 139 -28.19 30.23 -0.75
N GLY A 140 -28.45 31.11 0.22
CA GLY A 140 -29.72 31.15 0.96
C GLY A 140 -30.91 31.42 0.06
N LYS A 141 -30.65 32.11 -1.05
CA LYS A 141 -31.65 32.40 -2.08
C LYS A 141 -31.73 31.31 -3.17
N VAL A 142 -30.79 30.36 -3.15
CA VAL A 142 -30.76 29.27 -4.15
C VAL A 142 -31.22 27.92 -3.59
N LEU A 143 -30.65 27.51 -2.46
CA LEU A 143 -30.92 26.19 -1.87
C LEU A 143 -32.24 26.13 -1.09
N PRO A 144 -33.02 25.04 -1.28
CA PRO A 144 -34.31 24.84 -0.61
C PRO A 144 -34.23 24.81 0.91
N ASN A 145 -35.34 25.24 1.52
CA ASN A 145 -35.52 25.43 2.96
C ASN A 145 -34.28 25.84 3.76
N PHE A 146 -33.64 26.92 3.30
CA PHE A 146 -32.57 27.57 4.03
C PHE A 146 -33.16 28.36 5.19
N ARG A 147 -32.51 28.26 6.34
CA ARG A 147 -32.80 29.13 7.49
C ARG A 147 -31.59 29.23 8.42
N GLU A 148 -31.36 30.44 8.93
CA GLU A 148 -30.37 30.66 9.98
C GLU A 148 -30.85 29.98 11.26
N LEU A 149 -29.93 29.37 12.00
CA LEU A 149 -30.25 28.79 13.32
C LEU A 149 -30.53 29.91 14.30
N SER A 150 -31.51 29.69 15.18
CA SER A 150 -31.89 30.66 16.20
C SER A 150 -30.90 30.63 17.36
N LYS A 151 -30.91 31.69 18.18
CA LYS A 151 -30.01 31.86 19.32
C LYS A 151 -30.03 30.66 20.28
N ASP A 152 -31.21 30.09 20.50
CA ASP A 152 -31.40 28.89 21.32
C ASP A 152 -30.83 27.62 20.68
N GLU A 153 -30.71 27.63 19.35
CA GLU A 153 -30.23 26.47 18.58
C GLU A 153 -28.71 26.37 18.44
N LEU A 154 -28.01 27.49 18.66
CA LEU A 154 -26.56 27.57 18.51
C LEU A 154 -25.83 26.88 19.68
N PRO A 155 -24.88 25.98 19.38
CA PRO A 155 -24.05 25.31 20.40
C PRO A 155 -23.04 26.28 21.04
N PRO A 156 -22.42 25.89 22.19
CA PRO A 156 -21.37 26.72 22.81
C PRO A 156 -20.14 26.92 21.90
N GLY A 157 -19.75 28.19 21.75
CA GLY A 157 -18.62 28.56 20.90
C GLY A 157 -18.96 28.81 19.44
N ILE A 158 -20.26 28.91 19.13
CA ILE A 158 -20.75 29.10 17.76
C ILE A 158 -21.47 30.45 17.65
N ASP A 159 -20.95 31.31 16.77
CA ASP A 159 -21.47 32.66 16.53
C ASP A 159 -22.82 32.60 15.81
N ASN A 160 -22.81 32.06 14.59
CA ASN A 160 -24.01 31.84 13.80
C ASN A 160 -23.92 30.49 13.10
N ALA A 161 -25.05 30.06 12.54
CA ALA A 161 -25.14 28.79 11.83
C ALA A 161 -26.30 28.79 10.82
N ASN A 162 -26.07 28.14 9.68
CA ASN A 162 -27.05 28.01 8.61
C ASN A 162 -27.51 26.57 8.47
N ARG A 163 -28.81 26.39 8.26
CA ARG A 163 -29.42 25.07 8.03
C ARG A 163 -30.19 25.10 6.72
N PHE A 164 -29.95 24.10 5.88
CA PHE A 164 -30.55 23.99 4.54
C PHE A 164 -30.46 22.56 4.02
N THR A 165 -31.15 22.30 2.90
CA THR A 165 -31.02 21.03 2.19
C THR A 165 -30.13 21.25 0.97
N SER A 166 -29.08 20.44 0.90
CA SER A 166 -28.20 20.42 -0.27
C SER A 166 -28.14 18.97 -0.76
N VAL A 167 -27.06 18.65 -1.48
CA VAL A 167 -26.89 17.39 -2.15
C VAL A 167 -25.54 16.76 -1.74
N CYS A 168 -25.54 15.44 -1.48
CA CYS A 168 -24.29 14.65 -1.42
C CYS A 168 -24.19 13.64 -2.57
N ILE A 169 -23.09 13.72 -3.31
CA ILE A 169 -22.82 12.90 -4.49
C ILE A 169 -21.98 11.67 -4.10
N ASN A 170 -22.52 10.48 -4.36
CA ASN A 170 -21.75 9.23 -4.31
C ASN A 170 -20.91 9.18 -5.58
N THR A 171 -19.69 9.72 -5.48
CA THR A 171 -18.77 9.88 -6.61
C THR A 171 -18.48 8.55 -7.32
N ALA A 172 -18.50 7.46 -6.55
CA ALA A 172 -18.28 6.10 -7.04
C ALA A 172 -19.42 5.56 -7.92
N VAL A 173 -20.64 6.04 -7.71
CA VAL A 173 -21.78 5.72 -8.62
C VAL A 173 -21.89 6.77 -9.73
N TYR A 174 -21.73 8.03 -9.34
CA TYR A 174 -21.98 9.18 -10.24
C TYR A 174 -20.99 9.33 -11.40
N LEU A 175 -19.70 9.16 -11.14
CA LEU A 175 -18.70 9.20 -12.22
C LEU A 175 -18.98 8.13 -13.29
N PRO A 176 -19.13 6.84 -12.89
CA PRO A 176 -19.53 5.82 -13.87
C PRO A 176 -20.89 6.08 -14.51
N TRP A 177 -21.83 6.65 -13.75
CA TRP A 177 -23.13 7.06 -14.30
C TRP A 177 -22.96 8.08 -15.43
N LEU A 178 -22.04 9.03 -15.27
CA LEU A 178 -21.73 10.01 -16.32
C LEU A 178 -21.15 9.37 -17.59
N VAL A 179 -20.20 8.43 -17.40
CA VAL A 179 -19.64 7.63 -18.49
C VAL A 179 -20.78 6.99 -19.29
N GLY A 180 -21.73 6.40 -18.55
CA GLY A 180 -22.92 5.78 -19.11
C GLY A 180 -23.81 6.71 -19.93
N GLN A 181 -24.01 7.93 -19.43
CA GLN A 181 -24.75 8.98 -20.14
C GLN A 181 -24.04 9.43 -21.42
N CYS A 182 -22.72 9.56 -21.35
CA CYS A 182 -21.90 9.83 -22.53
C CYS A 182 -22.01 8.68 -23.55
N ARG A 183 -21.92 7.44 -23.06
CA ARG A 183 -22.07 6.24 -23.90
C ARG A 183 -23.41 6.14 -24.62
N LYS A 184 -24.50 6.50 -23.93
CA LYS A 184 -25.83 6.50 -24.55
C LYS A 184 -25.94 7.50 -25.71
N ASN A 185 -25.12 8.55 -25.66
CA ASN A 185 -25.12 9.59 -26.69
C ASN A 185 -24.01 9.46 -27.75
N GLY A 186 -23.36 8.28 -27.78
CA GLY A 186 -22.36 7.97 -28.80
C GLY A 186 -20.94 8.44 -28.50
N VAL A 187 -20.66 8.82 -27.25
CA VAL A 187 -19.26 9.13 -26.87
C VAL A 187 -18.52 7.80 -26.76
N VAL A 188 -17.36 7.73 -27.40
CA VAL A 188 -16.45 6.59 -27.31
C VAL A 188 -15.33 6.95 -26.32
N PHE A 189 -14.96 5.99 -25.46
CA PHE A 189 -13.92 6.21 -24.46
C PHE A 189 -12.63 5.47 -24.82
N LYS A 190 -11.50 6.13 -24.58
CA LYS A 190 -10.19 5.60 -24.98
C LYS A 190 -9.17 5.84 -23.87
N ARG A 191 -8.57 4.76 -23.37
CA ARG A 191 -7.38 4.86 -22.51
C ARG A 191 -6.22 5.45 -23.33
N ALA A 192 -5.59 6.50 -22.81
CA ALA A 192 -4.48 7.19 -23.49
C ALA A 192 -3.70 8.09 -22.54
N VAL A 193 -2.38 8.08 -22.68
CA VAL A 193 -1.50 9.01 -21.97
C VAL A 193 -0.85 9.91 -23.02
N PHE A 194 -0.84 11.21 -22.75
CA PHE A 194 -0.17 12.17 -23.64
C PHE A 194 0.82 13.00 -22.84
N LYS A 195 1.96 13.30 -23.47
CA LYS A 195 2.98 14.18 -22.90
C LYS A 195 2.76 15.65 -23.29
N HIS A 196 2.04 15.86 -24.40
CA HIS A 196 1.73 17.19 -24.92
C HIS A 196 0.25 17.22 -25.36
N VAL A 197 -0.46 18.32 -25.10
CA VAL A 197 -1.92 18.42 -25.42
C VAL A 197 -2.28 18.14 -26.87
N ALA A 198 -1.46 18.67 -27.80
CA ALA A 198 -1.68 18.53 -29.24
C ALA A 198 -1.75 17.08 -29.73
N GLU A 199 -1.07 16.18 -29.02
CA GLU A 199 -1.09 14.74 -29.33
C GLU A 199 -2.50 14.14 -29.20
N ALA A 200 -3.31 14.68 -28.28
CA ALA A 200 -4.70 14.23 -28.08
C ALA A 200 -5.54 14.31 -29.36
N ALA A 201 -5.25 15.29 -30.21
CA ALA A 201 -5.93 15.46 -31.50
C ALA A 201 -5.76 14.28 -32.46
N ASN A 202 -4.76 13.44 -32.18
CA ASN A 202 -4.50 12.22 -32.96
C ASN A 202 -5.17 10.97 -32.38
N ALA A 203 -5.90 11.13 -31.29
CA ALA A 203 -6.56 10.00 -30.60
C ALA A 203 -8.06 9.89 -30.89
N HIS A 204 -8.56 10.63 -31.88
CA HIS A 204 -9.99 10.61 -32.19
C HIS A 204 -10.41 9.30 -32.84
N HIS A 205 -11.53 8.73 -32.36
CA HIS A 205 -11.96 7.39 -32.76
C HIS A 205 -12.34 7.23 -34.26
N SER A 206 -12.58 8.36 -34.93
CA SER A 206 -12.82 8.39 -36.38
C SER A 206 -11.58 7.98 -37.18
N GLY A 207 -10.39 8.23 -36.62
CA GLY A 207 -9.12 7.99 -37.32
C GLY A 207 -8.62 9.24 -38.02
N GLN A 208 -9.47 10.27 -38.09
CA GLN A 208 -9.11 11.58 -38.62
C GLN A 208 -8.65 12.48 -37.47
N LYS A 209 -7.77 13.43 -37.79
CA LYS A 209 -7.28 14.41 -36.83
C LYS A 209 -8.44 15.26 -36.29
N ALA A 210 -8.49 15.40 -34.97
CA ALA A 210 -9.57 16.13 -34.29
C ALA A 210 -9.59 17.62 -34.64
N ASP A 211 -10.79 18.15 -34.82
CA ASP A 211 -11.03 19.58 -35.06
C ASP A 211 -10.72 20.43 -33.83
N LEU A 212 -10.81 19.80 -32.65
CA LEU A 212 -10.62 20.48 -31.37
C LEU A 212 -10.36 19.50 -30.22
N VAL A 213 -9.45 19.88 -29.33
CA VAL A 213 -9.23 19.16 -28.07
C VAL A 213 -9.80 19.98 -26.90
N VAL A 214 -10.53 19.30 -26.01
CA VAL A 214 -10.97 19.86 -24.72
C VAL A 214 -9.99 19.39 -23.62
N ASN A 215 -9.23 20.33 -23.04
CA ASN A 215 -8.25 20.00 -22.01
C ASN A 215 -8.90 19.91 -20.63
N CYS A 216 -9.22 18.69 -20.20
CA CYS A 216 -9.79 18.47 -18.88
C CYS A 216 -8.89 17.61 -18.00
N THR A 217 -7.62 18.02 -17.91
CA THR A 217 -6.59 17.28 -17.20
C THR A 217 -6.33 17.69 -15.76
N GLY A 218 -7.11 18.66 -15.26
CA GLY A 218 -6.97 19.15 -13.88
C GLY A 218 -5.57 19.59 -13.50
N LEU A 219 -5.06 19.03 -12.39
CA LEU A 219 -3.71 19.34 -11.89
C LEU A 219 -2.57 18.90 -12.82
N SER A 220 -2.82 17.89 -13.65
CA SER A 220 -1.85 17.42 -14.63
C SER A 220 -1.52 18.45 -15.73
N SER A 221 -2.33 19.50 -15.83
CA SER A 221 -2.03 20.64 -16.72
C SER A 221 -0.79 21.45 -16.28
N ARG A 222 -0.31 21.19 -15.07
CA ARG A 222 0.93 21.80 -14.56
C ARG A 222 2.17 21.28 -15.30
N LYS A 223 2.16 19.98 -15.64
CA LYS A 223 3.28 19.34 -16.34
C LYS A 223 3.04 19.03 -17.82
N LEU A 224 1.77 18.98 -18.24
CA LEU A 224 1.40 18.61 -19.61
C LEU A 224 1.89 19.63 -20.64
N GLY A 225 2.53 19.12 -21.70
CA GLY A 225 3.20 19.94 -22.70
C GLY A 225 2.25 20.79 -23.51
N GLY A 226 2.61 22.05 -23.71
CA GLY A 226 1.75 23.02 -24.39
C GLY A 226 0.87 23.82 -23.45
N VAL A 227 0.77 23.37 -22.20
CA VAL A 227 -0.01 24.04 -21.17
C VAL A 227 0.92 24.55 -20.07
N GLN A 228 1.58 23.60 -19.38
CA GLN A 228 2.60 23.86 -18.34
C GLN A 228 2.28 25.06 -17.44
N ASP A 229 1.10 25.00 -16.83
CA ASP A 229 0.54 26.12 -16.07
C ASP A 229 1.04 26.12 -14.62
N ASN A 230 2.00 27.00 -14.37
CA ASN A 230 2.67 27.12 -13.07
C ASN A 230 1.84 27.83 -11.98
N THR A 231 0.67 28.35 -12.35
CA THR A 231 -0.29 28.89 -11.37
C THR A 231 -1.12 27.80 -10.70
N LEU A 232 -1.03 26.58 -11.24
CA LEU A 232 -1.60 25.40 -10.57
C LEU A 232 -0.77 24.96 -9.36
N LEU A 233 -1.47 24.43 -8.36
CA LEU A 233 -0.90 23.91 -7.12
C LEU A 233 -1.83 22.87 -6.48
N PRO A 234 -1.28 21.87 -5.77
CA PRO A 234 -2.16 20.94 -5.06
C PRO A 234 -2.63 21.49 -3.71
N ALA A 235 -3.90 21.23 -3.38
CA ALA A 235 -4.37 21.38 -2.00
C ALA A 235 -4.81 20.02 -1.51
N ARG A 236 -3.93 19.40 -0.73
CA ARG A 236 -4.08 18.01 -0.27
C ARG A 236 -5.26 17.87 0.69
N GLY A 237 -6.11 16.88 0.44
CA GLY A 237 -7.23 16.56 1.32
C GLY A 237 -7.26 15.11 1.70
N GLN A 238 -7.11 14.84 3.00
CA GLN A 238 -7.19 13.50 3.56
C GLN A 238 -8.58 13.26 4.13
N ILE A 239 -9.11 12.06 3.93
CA ILE A 239 -10.47 11.69 4.36
C ILE A 239 -10.48 10.35 5.09
N VAL A 240 -11.53 10.14 5.87
CA VAL A 240 -11.83 8.81 6.42
C VAL A 240 -13.22 8.39 5.97
N VAL A 241 -13.30 7.20 5.38
CA VAL A 241 -14.55 6.65 4.88
C VAL A 241 -15.10 5.69 5.93
N VAL A 242 -16.27 6.01 6.47
CA VAL A 242 -16.87 5.22 7.56
C VAL A 242 -18.26 4.66 7.20
N ARG A 243 -18.68 3.61 7.90
CA ARG A 243 -19.98 2.99 7.70
C ARG A 243 -21.13 3.75 8.38
N ASN A 244 -20.82 4.48 9.46
CA ASN A 244 -21.79 5.22 10.29
C ASN A 244 -22.51 6.31 9.47
N ASP A 245 -23.85 6.26 9.50
CA ASP A 245 -24.70 7.25 8.83
C ASP A 245 -25.29 8.21 9.88
N PRO A 246 -24.77 9.45 9.94
CA PRO A 246 -25.25 10.43 10.93
C PRO A 246 -26.60 11.08 10.60
N GLY A 247 -27.02 10.98 9.33
CA GLY A 247 -28.33 11.45 8.89
C GLY A 247 -28.37 12.85 8.32
N LEU A 248 -27.21 13.50 8.28
CA LEU A 248 -27.06 14.89 7.84
C LEU A 248 -25.62 15.20 7.45
N MET A 249 -25.44 16.29 6.72
CA MET A 249 -24.11 16.83 6.41
C MET A 249 -23.74 17.91 7.43
N CYS A 250 -22.62 17.72 8.13
CA CYS A 250 -22.14 18.68 9.13
C CYS A 250 -20.87 19.35 8.64
N SER A 251 -20.76 20.65 8.90
CA SER A 251 -19.63 21.47 8.46
C SER A 251 -19.38 22.60 9.46
N ILE A 252 -18.10 22.91 9.70
CA ILE A 252 -17.70 23.98 10.62
C ILE A 252 -16.62 24.88 10.00
N SER A 253 -16.63 26.15 10.42
CA SER A 253 -15.81 27.22 9.83
C SER A 253 -14.31 27.06 10.08
N GLY A 254 -13.95 26.43 11.19
CA GLY A 254 -12.55 26.27 11.58
C GLY A 254 -12.32 25.23 12.64
N THR A 255 -11.04 25.08 13.00
CA THR A 255 -10.56 24.05 13.92
C THR A 255 -9.63 24.64 14.97
N ASP A 256 -9.41 23.87 16.05
CA ASP A 256 -8.37 24.17 17.03
C ASP A 256 -7.05 23.48 16.67
N ASP A 257 -7.07 22.72 15.57
CA ASP A 257 -5.93 21.91 15.14
C ASP A 257 -5.12 22.53 13.99
N GLY A 258 -5.16 23.87 13.88
CA GLY A 258 -4.37 24.59 12.89
C GLY A 258 -5.06 24.74 11.55
N ASP A 259 -4.83 25.89 10.92
CA ASP A 259 -5.54 26.34 9.69
C ASP A 259 -5.73 25.30 8.57
N ASP A 260 -4.72 24.47 8.34
CA ASP A 260 -4.73 23.49 7.25
C ASP A 260 -5.57 22.23 7.56
N GLU A 261 -6.07 22.13 8.79
CA GLU A 261 -7.01 21.07 9.17
C GLU A 261 -8.43 21.64 9.22
N VAL A 262 -9.39 20.89 8.70
CA VAL A 262 -10.80 21.28 8.68
C VAL A 262 -11.69 20.18 9.25
N THR A 263 -12.98 20.46 9.38
CA THR A 263 -13.92 19.45 9.85
C THR A 263 -15.21 19.48 9.02
N TYR A 264 -15.53 18.32 8.43
CA TYR A 264 -16.79 18.10 7.73
C TYR A 264 -17.17 16.62 7.67
N MET A 265 -18.44 16.36 7.44
CA MET A 265 -18.94 15.03 7.12
C MET A 265 -20.11 15.09 6.13
N MET A 266 -20.29 13.99 5.40
CA MET A 266 -21.36 13.83 4.42
C MET A 266 -21.55 12.35 4.12
N THR A 267 -22.80 11.93 4.01
CA THR A 267 -23.11 10.53 3.68
C THR A 267 -23.49 10.42 2.21
N ARG A 268 -22.74 9.57 1.49
CA ARG A 268 -23.00 9.30 0.08
C ARG A 268 -24.33 8.59 -0.11
N ALA A 269 -24.99 8.88 -1.23
CA ALA A 269 -26.21 8.20 -1.65
C ALA A 269 -25.98 6.70 -1.84
N ALA A 270 -27.08 5.94 -1.76
CA ALA A 270 -27.11 4.50 -2.09
C ALA A 270 -26.09 3.65 -1.31
N GLY A 271 -25.99 3.93 -0.01
CA GLY A 271 -25.09 3.18 0.89
C GLY A 271 -23.61 3.32 0.55
N GLY A 272 -23.23 4.46 -0.02
CA GLY A 272 -21.84 4.71 -0.43
C GLY A 272 -20.83 4.92 0.70
N GLY A 273 -21.32 5.11 1.92
CA GLY A 273 -20.47 5.33 3.09
C GLY A 273 -20.42 6.80 3.44
N THR A 274 -19.91 7.13 4.63
CA THR A 274 -19.80 8.52 5.06
C THR A 274 -18.37 9.01 4.94
N ILE A 275 -18.22 10.19 4.35
CA ILE A 275 -16.91 10.78 4.13
C ILE A 275 -16.62 11.78 5.26
N LEU A 276 -15.60 11.47 6.05
CA LEU A 276 -15.16 12.34 7.14
C LEU A 276 -13.96 13.14 6.71
N GLY A 277 -14.03 14.44 6.91
CA GLY A 277 -12.94 15.34 6.57
C GLY A 277 -12.53 16.25 7.72
N GLY A 278 -11.38 16.92 7.62
CA GLY A 278 -10.50 16.83 6.45
C GLY A 278 -9.28 17.72 6.58
N THR A 279 -8.61 17.95 5.46
CA THR A 279 -7.43 18.81 5.42
C THR A 279 -7.44 19.66 4.16
N TYR A 280 -6.80 20.82 4.24
CA TYR A 280 -6.61 21.68 3.08
C TYR A 280 -5.17 22.19 3.15
N GLN A 281 -4.28 21.47 2.47
CA GLN A 281 -2.83 21.72 2.60
C GLN A 281 -2.22 22.14 1.29
N LYS A 282 -1.99 23.45 1.16
CA LYS A 282 -1.40 24.04 -0.02
C LYS A 282 0.01 23.49 -0.26
N HIS A 283 0.31 23.18 -1.52
CA HIS A 283 1.63 22.72 -1.99
C HIS A 283 2.12 21.36 -1.45
N ASN A 284 1.24 20.65 -0.73
CA ASN A 284 1.53 19.32 -0.22
C ASN A 284 1.08 18.28 -1.24
N TRP A 285 2.03 17.52 -1.76
CA TRP A 285 1.76 16.52 -2.81
C TRP A 285 1.51 15.10 -2.29
N ASP A 286 1.73 14.90 -0.99
CA ASP A 286 1.70 13.60 -0.30
C ASP A 286 0.42 12.78 -0.54
N SER A 287 0.60 11.54 -0.98
CA SER A 287 -0.51 10.66 -1.40
C SER A 287 -0.93 9.66 -0.34
N LEU A 288 -0.06 9.46 0.65
CA LEU A 288 -0.31 8.53 1.74
C LEU A 288 -1.13 9.20 2.83
N PRO A 289 -2.16 8.51 3.36
CA PRO A 289 -2.86 8.99 4.55
C PRO A 289 -1.91 8.99 5.74
N ASP A 290 -1.82 10.13 6.41
CA ASP A 290 -1.08 10.21 7.65
C ASP A 290 -2.00 9.82 8.80
N PRO A 291 -1.60 8.80 9.59
CA PRO A 291 -2.43 8.29 10.68
C PRO A 291 -2.81 9.29 11.79
N ASN A 292 -1.91 10.22 12.14
CA ASN A 292 -2.24 11.25 13.15
C ASN A 292 -3.34 12.17 12.65
N LEU A 293 -3.24 12.60 11.39
CA LEU A 293 -4.29 13.42 10.73
C LEU A 293 -5.64 12.70 10.72
N ALA A 294 -5.60 11.41 10.43
CA ALA A 294 -6.78 10.54 10.42
C ALA A 294 -7.45 10.50 11.79
N VAL A 295 -6.64 10.27 12.83
CA VAL A 295 -7.14 10.22 14.20
C VAL A 295 -7.84 11.54 14.54
N ARG A 296 -7.22 12.65 14.12
CA ARG A 296 -7.74 14.00 14.40
C ARG A 296 -9.00 14.34 13.59
N ILE A 297 -9.06 13.91 12.33
CA ILE A 297 -10.30 13.95 11.54
C ILE A 297 -11.44 13.29 12.33
N MET A 298 -11.19 12.08 12.80
CA MET A 298 -12.22 11.27 13.44
C MET A 298 -12.71 11.88 14.76
N LYS A 299 -11.78 12.39 15.55
CA LYS A 299 -12.11 13.07 16.83
C LYS A 299 -12.94 14.34 16.60
N ARG A 300 -12.46 15.22 15.72
CA ARG A 300 -13.19 16.44 15.38
C ARG A 300 -14.61 16.14 14.87
N CYS A 301 -14.74 15.14 14.01
CA CYS A 301 -16.04 14.73 13.47
C CYS A 301 -17.01 14.19 14.53
N ILE A 302 -16.54 13.31 15.42
CA ILE A 302 -17.44 12.79 16.48
C ILE A 302 -17.83 13.89 17.50
N GLU A 303 -16.99 14.92 17.58
CA GLU A 303 -17.26 16.09 18.44
C GLU A 303 -18.17 17.13 17.79
N LEU A 304 -18.07 17.28 16.46
CA LEU A 304 -18.97 18.14 15.69
C LEU A 304 -20.40 17.59 15.63
N CYS A 305 -20.54 16.33 15.23
CA CYS A 305 -21.86 15.68 15.20
C CYS A 305 -21.81 14.29 15.88
N PRO A 306 -22.04 14.25 17.22
CA PRO A 306 -22.03 13.02 18.03
C PRO A 306 -23.01 11.89 17.63
N SER A 307 -23.99 12.17 16.76
CA SER A 307 -24.88 11.10 16.25
C SER A 307 -24.19 10.18 15.23
N LEU A 308 -22.91 10.45 14.96
CA LEU A 308 -22.02 9.54 14.21
C LEU A 308 -21.83 8.22 14.94
N VAL A 309 -21.71 8.31 16.26
CA VAL A 309 -21.55 7.15 17.12
C VAL A 309 -22.68 7.15 18.16
N ALA A 310 -22.64 6.19 19.09
CA ALA A 310 -23.56 6.17 20.23
C ALA A 310 -22.95 6.89 21.43
N PRO A 311 -23.78 7.51 22.31
CA PRO A 311 -23.26 8.18 23.52
C PRO A 311 -22.35 7.24 24.34
N GLY A 312 -21.16 7.72 24.67
CA GLY A 312 -20.19 6.93 25.42
C GLY A 312 -19.02 6.47 24.56
N GLN A 313 -19.29 6.22 23.28
CA GLN A 313 -18.29 5.83 22.30
C GLN A 313 -17.47 7.01 21.82
N GLY A 314 -16.16 6.79 21.71
CA GLY A 314 -15.27 7.70 20.99
C GLY A 314 -15.03 7.14 19.60
N ILE A 315 -13.81 7.34 19.09
CA ILE A 315 -13.38 6.96 17.73
C ILE A 315 -13.53 5.44 17.43
N GLU A 316 -13.47 4.62 18.48
CA GLU A 316 -13.75 3.17 18.39
C GLU A 316 -15.19 2.85 17.92
N GLY A 317 -16.11 3.80 18.14
CA GLY A 317 -17.49 3.72 17.65
C GLY A 317 -17.60 3.82 16.14
N LEU A 318 -16.60 4.43 15.50
CA LEU A 318 -16.58 4.55 14.03
C LEU A 318 -16.14 3.25 13.36
N ASP A 319 -16.95 2.80 12.41
CA ASP A 319 -16.67 1.59 11.67
C ASP A 319 -16.02 1.98 10.34
N ILE A 320 -14.69 1.92 10.31
CA ILE A 320 -13.90 2.45 9.21
C ILE A 320 -13.87 1.50 8.00
N ILE A 321 -14.15 2.06 6.83
CA ILE A 321 -13.99 1.36 5.56
C ILE A 321 -12.54 1.52 5.12
N ARG A 322 -12.09 2.76 4.99
CA ARG A 322 -10.73 3.08 4.52
C ARG A 322 -10.35 4.54 4.72
N HIS A 323 -9.07 4.81 4.50
CA HIS A 323 -8.51 6.15 4.44
C HIS A 323 -8.31 6.53 2.98
N GLY A 324 -8.19 7.83 2.71
CA GLY A 324 -7.84 8.28 1.35
C GLY A 324 -7.31 9.69 1.30
N VAL A 325 -6.63 10.00 0.19
CA VAL A 325 -6.03 11.32 -0.02
C VAL A 325 -6.16 11.68 -1.50
N GLY A 326 -6.70 12.87 -1.76
CA GLY A 326 -6.67 13.45 -3.10
C GLY A 326 -6.02 14.82 -3.08
N LEU A 327 -5.63 15.29 -4.26
CA LEU A 327 -5.03 16.62 -4.40
C LEU A 327 -5.91 17.55 -5.23
N ARG A 328 -6.54 18.51 -4.56
CA ARG A 328 -7.39 19.48 -5.27
C ARG A 328 -6.56 20.28 -6.28
N PRO A 329 -7.01 20.38 -7.55
CA PRO A 329 -6.27 21.16 -8.54
C PRO A 329 -6.55 22.68 -8.40
N VAL A 330 -5.86 23.31 -7.45
CA VAL A 330 -6.03 24.74 -7.19
C VAL A 330 -5.27 25.56 -8.24
N ARG A 331 -5.95 26.53 -8.82
CA ARG A 331 -5.32 27.52 -9.69
C ARG A 331 -5.54 28.92 -9.12
N GLU A 332 -4.54 29.79 -9.29
CA GLU A 332 -4.57 31.17 -8.75
C GLU A 332 -5.81 31.94 -9.18
N ASP A 333 -6.05 31.99 -10.49
CA ASP A 333 -7.18 32.72 -11.08
C ASP A 333 -8.48 31.89 -11.15
N GLY A 334 -8.54 30.79 -10.40
CA GLY A 334 -9.68 29.86 -10.47
C GLY A 334 -9.67 29.06 -11.76
N PRO A 335 -10.83 28.48 -12.15
CA PRO A 335 -10.93 27.68 -13.38
C PRO A 335 -10.60 28.42 -14.68
N ARG A 336 -9.81 27.77 -15.53
CA ARG A 336 -9.43 28.32 -16.82
C ARG A 336 -10.30 27.70 -17.91
N ILE A 337 -11.22 28.50 -18.44
CA ILE A 337 -12.07 28.08 -19.56
C ILE A 337 -11.95 29.11 -20.69
N GLU A 338 -11.06 28.80 -21.64
CA GLU A 338 -10.75 29.65 -22.77
C GLU A 338 -10.17 28.84 -23.93
N LYS A 339 -10.28 29.40 -25.14
CA LYS A 339 -9.67 28.83 -26.34
C LYS A 339 -8.18 29.22 -26.45
N GLU A 340 -7.40 28.33 -27.05
CA GLU A 340 -5.98 28.56 -27.32
C GLU A 340 -5.58 27.65 -28.48
N LEU A 341 -4.95 28.23 -29.50
CA LEU A 341 -4.37 27.45 -30.59
C LEU A 341 -2.95 27.03 -30.21
N ILE A 342 -2.81 25.77 -29.82
CA ILE A 342 -1.52 25.19 -29.47
C ILE A 342 -1.10 24.25 -30.60
N ASP A 343 0.09 24.52 -31.15
CA ASP A 343 0.59 23.91 -32.40
C ASP A 343 -0.37 24.16 -33.55
N GLY A 344 -0.95 23.10 -34.11
CA GLY A 344 -1.96 23.22 -35.16
C GLY A 344 -3.38 22.97 -34.70
N VAL A 345 -3.56 22.75 -33.39
CA VAL A 345 -4.85 22.31 -32.83
C VAL A 345 -5.51 23.34 -31.90
N TRP A 346 -6.82 23.51 -32.09
CA TRP A 346 -7.62 24.31 -31.17
C TRP A 346 -7.86 23.58 -29.86
N VAL A 347 -7.45 24.21 -28.76
CA VAL A 347 -7.60 23.65 -27.42
C VAL A 347 -8.48 24.56 -26.58
N VAL A 348 -9.59 24.00 -26.11
CA VAL A 348 -10.44 24.66 -25.12
C VAL A 348 -10.12 24.03 -23.77
N HIS A 349 -9.54 24.84 -22.90
CA HIS A 349 -9.22 24.40 -21.54
C HIS A 349 -10.47 24.36 -20.67
N ASN A 350 -10.49 23.43 -19.72
CA ASN A 350 -11.47 23.42 -18.61
C ASN A 350 -10.84 22.71 -17.42
N TYR A 351 -9.99 23.45 -16.71
CA TYR A 351 -9.25 22.90 -15.57
C TYR A 351 -9.02 23.93 -14.45
N GLY A 352 -8.56 23.45 -13.30
CA GLY A 352 -8.24 24.32 -12.16
C GLY A 352 -9.44 24.62 -11.29
N HIS A 353 -10.13 23.55 -10.89
CA HIS A 353 -11.40 23.66 -10.17
C HIS A 353 -11.28 23.54 -8.64
N GLY A 354 -10.05 23.39 -8.14
CA GLY A 354 -9.78 23.33 -6.70
C GLY A 354 -10.63 22.31 -5.96
N GLY A 355 -11.28 22.76 -4.89
CA GLY A 355 -12.19 21.92 -4.12
C GLY A 355 -13.65 22.08 -4.49
N TYR A 356 -13.92 22.59 -5.69
CA TYR A 356 -15.30 22.91 -6.12
C TYR A 356 -15.63 22.43 -7.55
N GLY A 357 -14.94 21.37 -7.97
CA GLY A 357 -15.11 20.82 -9.32
C GLY A 357 -16.46 20.20 -9.61
N TYR A 358 -17.05 19.59 -8.59
CA TYR A 358 -18.39 19.01 -8.69
C TYR A 358 -19.46 20.09 -8.62
N GLN A 359 -19.37 20.96 -7.61
CA GLN A 359 -20.35 22.04 -7.42
C GLN A 359 -20.28 23.17 -8.47
N THR A 360 -19.27 23.15 -9.32
CA THR A 360 -19.20 24.01 -10.51
C THR A 360 -19.23 23.25 -11.85
N SER A 361 -19.37 21.91 -11.79
CA SER A 361 -19.22 21.04 -12.96
C SER A 361 -20.07 21.43 -14.17
N PHE A 362 -21.36 21.60 -13.95
CA PHE A 362 -22.29 21.95 -15.02
C PHE A 362 -22.14 23.40 -15.45
N GLY A 363 -22.03 24.30 -14.48
CA GLY A 363 -21.75 25.73 -14.74
C GLY A 363 -20.57 25.89 -15.69
N CYS A 364 -19.44 25.29 -15.32
CA CYS A 364 -18.21 25.34 -16.11
C CYS A 364 -18.30 24.64 -17.46
N ALA A 365 -18.92 23.46 -17.47
CA ALA A 365 -19.13 22.67 -18.69
C ALA A 365 -19.90 23.46 -19.77
N THR A 366 -20.96 24.15 -19.33
CA THR A 366 -21.82 24.98 -20.21
C THR A 366 -20.99 26.08 -20.88
N THR A 367 -20.17 26.77 -20.09
CA THR A 367 -19.27 27.82 -20.61
C THR A 367 -18.27 27.26 -21.62
N ALA A 368 -17.73 26.07 -21.32
CA ALA A 368 -16.79 25.38 -22.21
C ALA A 368 -17.39 25.06 -23.57
N VAL A 369 -18.66 24.63 -23.58
CA VAL A 369 -19.45 24.34 -24.79
C VAL A 369 -19.58 25.61 -25.66
N GLU A 370 -19.93 26.73 -25.02
CA GLU A 370 -19.95 28.05 -25.67
C GLU A 370 -18.60 28.43 -26.30
N VAL A 371 -17.51 28.24 -25.53
CA VAL A 371 -16.14 28.45 -26.03
C VAL A 371 -15.80 27.50 -27.21
N VAL A 372 -16.16 26.22 -27.06
CA VAL A 372 -15.99 25.20 -28.13
C VAL A 372 -16.71 25.60 -29.43
N ARG A 373 -17.98 25.97 -29.31
CA ARG A 373 -18.82 26.35 -30.46
C ARG A 373 -18.23 27.52 -31.24
N GLU A 374 -17.76 28.53 -30.51
CA GLU A 374 -17.11 29.70 -31.12
C GLU A 374 -15.85 29.28 -31.89
N ALA A 375 -14.98 28.53 -31.20
CA ALA A 375 -13.71 28.02 -31.75
C ALA A 375 -13.86 27.19 -33.03
N LEU A 376 -15.03 26.56 -33.20
CA LEU A 376 -15.36 25.79 -34.40
C LEU A 376 -15.51 26.65 -35.65
N GLN A 377 -15.92 27.90 -35.45
CA GLN A 377 -15.94 28.92 -36.52
C GLN A 377 -14.61 29.69 -36.54
N SER B 19 -55.27 -9.39 4.26
CA SER B 19 -55.97 -8.66 3.15
C SER B 19 -55.55 -7.19 3.01
N HIS B 20 -54.53 -6.80 3.79
CA HIS B 20 -53.75 -5.60 3.54
C HIS B 20 -52.70 -5.95 2.47
N MET B 21 -52.08 -4.93 1.87
CA MET B 21 -51.04 -5.09 0.86
C MET B 21 -49.92 -6.04 1.31
N ALA B 22 -49.82 -7.18 0.64
CA ALA B 22 -48.89 -8.26 1.00
C ALA B 22 -47.44 -7.86 0.77
N THR B 23 -46.65 -7.90 1.85
CA THR B 23 -45.26 -7.42 1.83
C THR B 23 -44.31 -8.47 2.38
N ASN B 24 -43.13 -8.54 1.76
CA ASN B 24 -42.03 -9.37 2.23
C ASN B 24 -40.83 -8.47 2.48
N ASN B 25 -40.42 -8.36 3.75
CA ASN B 25 -39.25 -7.60 4.11
C ASN B 25 -38.01 -8.49 3.97
N ILE B 26 -37.21 -8.20 2.96
CA ILE B 26 -36.03 -9.00 2.60
C ILE B 26 -34.77 -8.16 2.82
N VAL B 27 -33.80 -8.73 3.53
CA VAL B 27 -32.46 -8.16 3.56
C VAL B 27 -31.56 -8.99 2.67
N VAL B 28 -30.98 -8.34 1.67
CA VAL B 28 -29.93 -8.95 0.89
C VAL B 28 -28.60 -8.61 1.57
N LEU B 29 -27.96 -9.65 2.07
CA LEU B 29 -26.67 -9.50 2.72
C LEU B 29 -25.55 -9.65 1.68
N GLY B 30 -24.97 -8.52 1.30
CA GLY B 30 -23.89 -8.47 0.32
C GLY B 30 -24.22 -7.63 -0.89
N ALA B 31 -23.21 -6.91 -1.40
CA ALA B 31 -23.36 -6.03 -2.55
C ALA B 31 -22.28 -6.23 -3.65
N GLY B 32 -21.88 -7.49 -3.84
CA GLY B 32 -21.14 -7.90 -5.03
C GLY B 32 -22.16 -8.39 -6.07
N VAL B 33 -21.69 -8.96 -7.19
CA VAL B 33 -22.64 -9.38 -8.27
C VAL B 33 -23.77 -10.28 -7.80
N SER B 34 -23.45 -11.28 -6.98
CA SER B 34 -24.46 -12.18 -6.41
C SER B 34 -25.52 -11.40 -5.66
N GLY B 35 -25.08 -10.58 -4.69
CA GLY B 35 -26.00 -9.76 -3.89
C GLY B 35 -26.84 -8.80 -4.73
N LEU B 36 -26.18 -8.12 -5.64
CA LEU B 36 -26.80 -7.06 -6.45
C LEU B 36 -27.76 -7.58 -7.52
N THR B 37 -27.34 -8.62 -8.23
CA THR B 37 -28.19 -9.25 -9.28
C THR B 37 -29.43 -9.87 -8.64
N THR B 38 -29.25 -10.50 -7.48
CA THR B 38 -30.36 -11.11 -6.75
C THR B 38 -31.32 -10.06 -6.18
N ALA B 39 -30.76 -8.95 -5.69
CA ALA B 39 -31.52 -7.78 -5.23
C ALA B 39 -32.39 -7.23 -6.36
N TRP B 40 -31.79 -7.05 -7.53
CA TRP B 40 -32.46 -6.50 -8.70
C TRP B 40 -33.61 -7.37 -9.17
N LEU B 41 -33.39 -8.68 -9.22
CA LEU B 41 -34.43 -9.63 -9.63
C LEU B 41 -35.58 -9.70 -8.63
N LEU B 42 -35.25 -9.76 -7.33
CA LEU B 42 -36.26 -9.66 -6.26
C LEU B 42 -37.03 -8.34 -6.28
N SER B 43 -36.38 -7.26 -6.72
CA SER B 43 -36.98 -5.90 -6.73
C SER B 43 -38.09 -5.74 -7.76
N LYS B 44 -38.06 -6.59 -8.78
CA LYS B 44 -39.07 -6.60 -9.83
C LYS B 44 -40.42 -7.18 -9.36
N ASP B 45 -40.41 -7.85 -8.20
CA ASP B 45 -41.61 -8.24 -7.46
C ASP B 45 -41.95 -7.07 -6.53
N PRO B 46 -43.10 -6.38 -6.76
CA PRO B 46 -43.48 -5.24 -5.92
C PRO B 46 -43.82 -5.62 -4.48
N SER B 47 -44.11 -6.90 -4.25
CA SER B 47 -44.41 -7.45 -2.94
C SER B 47 -43.19 -7.41 -2.02
N ASN B 48 -41.99 -7.45 -2.60
CA ASN B 48 -40.74 -7.40 -1.84
C ASN B 48 -40.34 -5.96 -1.45
N LYS B 49 -40.06 -5.77 -0.17
CA LYS B 49 -39.41 -4.57 0.36
C LYS B 49 -37.99 -4.99 0.73
N ILE B 50 -37.01 -4.40 0.05
CA ILE B 50 -35.62 -4.90 0.05
C ILE B 50 -34.61 -3.87 0.54
N THR B 51 -33.79 -4.30 1.50
CA THR B 51 -32.60 -3.60 1.95
C THR B 51 -31.38 -4.40 1.50
N VAL B 52 -30.42 -3.74 0.85
CA VAL B 52 -29.10 -4.34 0.65
C VAL B 52 -28.18 -3.82 1.76
N ALA B 53 -27.82 -4.72 2.67
CA ALA B 53 -26.86 -4.42 3.74
C ALA B 53 -25.54 -5.13 3.44
N ALA B 54 -24.44 -4.36 3.44
CA ALA B 54 -23.12 -4.88 3.04
C ALA B 54 -21.94 -4.09 3.62
N LYS B 55 -20.85 -4.82 3.87
CA LYS B 55 -19.61 -4.25 4.39
C LYS B 55 -18.91 -3.41 3.33
N HIS B 56 -18.77 -3.99 2.14
CA HIS B 56 -18.19 -3.31 1.00
C HIS B 56 -19.23 -3.13 -0.12
N MET B 57 -19.09 -2.02 -0.84
CA MET B 57 -20.03 -1.60 -1.90
C MET B 57 -19.24 -1.26 -3.13
N PRO B 58 -19.90 -1.15 -4.32
CA PRO B 58 -19.20 -0.67 -5.51
C PRO B 58 -18.46 0.65 -5.28
N GLY B 59 -17.23 0.71 -5.78
CA GLY B 59 -16.32 1.81 -5.52
C GLY B 59 -15.24 1.49 -4.50
N ASP B 60 -15.48 0.47 -3.68
CA ASP B 60 -14.50 -0.05 -2.72
C ASP B 60 -13.58 -1.07 -3.38
N TYR B 61 -12.30 -1.05 -3.00
CA TYR B 61 -11.38 -2.15 -3.30
C TYR B 61 -10.86 -2.78 -2.02
N ASP B 62 -11.04 -4.09 -1.87
CA ASP B 62 -10.68 -4.84 -0.67
C ASP B 62 -10.62 -6.31 -1.02
N ILE B 63 -9.73 -7.08 -0.38
CA ILE B 63 -9.64 -8.53 -0.64
C ILE B 63 -10.82 -9.36 -0.15
N GLU B 64 -11.57 -8.79 0.80
CA GLU B 64 -12.80 -9.41 1.28
C GLU B 64 -13.95 -9.24 0.29
N TYR B 65 -13.74 -8.45 -0.77
CA TYR B 65 -14.79 -8.12 -1.75
C TYR B 65 -14.33 -8.51 -3.14
N CYS B 66 -14.79 -9.67 -3.61
CA CYS B 66 -14.25 -10.25 -4.84
C CYS B 66 -14.66 -9.51 -6.13
N SER B 67 -15.89 -9.02 -6.19
CA SER B 67 -16.46 -8.54 -7.47
C SER B 67 -15.68 -7.48 -8.27
N PRO B 68 -15.11 -6.43 -7.62
CA PRO B 68 -14.37 -5.44 -8.43
C PRO B 68 -13.04 -5.94 -9.01
N TRP B 69 -12.54 -7.07 -8.54
CA TRP B 69 -11.28 -7.64 -9.02
C TRP B 69 -11.44 -8.42 -10.33
N ALA B 70 -12.67 -8.78 -10.66
CA ALA B 70 -12.98 -9.62 -11.82
C ALA B 70 -12.72 -8.90 -13.15
N GLY B 71 -12.44 -9.67 -14.19
CA GLY B 71 -12.13 -9.14 -15.54
C GLY B 71 -13.09 -8.09 -16.12
N ALA B 72 -14.34 -8.45 -16.38
CA ALA B 72 -14.89 -9.79 -16.28
C ALA B 72 -15.49 -10.14 -17.64
N ASN B 73 -15.49 -11.43 -17.99
CA ASN B 73 -16.12 -11.90 -19.23
C ASN B 73 -17.09 -13.06 -19.06
N TYR B 74 -17.73 -13.43 -20.17
CA TYR B 74 -18.56 -14.63 -20.26
C TYR B 74 -17.73 -15.66 -21.04
N LEU B 75 -17.41 -16.77 -20.40
CA LEU B 75 -16.67 -17.85 -21.04
C LEU B 75 -16.89 -19.08 -20.19
N PRO B 76 -17.93 -19.88 -20.53
CA PRO B 76 -18.38 -20.98 -19.69
C PRO B 76 -17.30 -22.01 -19.34
N VAL B 77 -17.37 -22.52 -18.12
CA VAL B 77 -16.45 -23.55 -17.62
C VAL B 77 -17.20 -24.81 -17.17
N GLY B 78 -18.52 -24.68 -17.04
CA GLY B 78 -19.37 -25.78 -16.59
C GLY B 78 -19.62 -26.81 -17.66
N ALA B 79 -19.79 -28.07 -17.23
CA ALA B 79 -20.26 -29.16 -18.10
C ALA B 79 -21.69 -28.86 -18.54
N GLU B 80 -22.05 -29.29 -19.75
CA GLU B 80 -23.34 -28.93 -20.37
C GLU B 80 -24.52 -29.09 -19.42
N ASN B 81 -24.64 -30.27 -18.82
CA ASN B 81 -25.78 -30.60 -17.97
C ASN B 81 -25.55 -30.44 -16.47
N SER B 82 -24.37 -29.92 -16.10
CA SER B 82 -24.08 -29.56 -14.71
C SER B 82 -24.88 -28.32 -14.31
N ARG B 83 -25.09 -28.16 -12.99
CA ARG B 83 -25.76 -26.98 -12.42
C ARG B 83 -25.09 -25.67 -12.86
N VAL B 84 -23.77 -25.60 -12.71
CA VAL B 84 -22.96 -24.43 -13.15
C VAL B 84 -23.18 -24.14 -14.64
N GLY B 85 -23.06 -25.19 -15.47
CA GLY B 85 -23.29 -25.12 -16.92
C GLY B 85 -24.65 -24.56 -17.30
N GLN B 86 -25.69 -25.02 -16.61
CA GLN B 86 -27.07 -24.57 -16.83
C GLN B 86 -27.28 -23.13 -16.37
N TRP B 87 -26.69 -22.76 -15.24
CA TRP B 87 -26.68 -21.37 -14.77
C TRP B 87 -25.97 -20.44 -15.77
N GLU B 88 -24.84 -20.91 -16.31
CA GLU B 88 -24.12 -20.19 -17.37
C GLU B 88 -24.97 -19.95 -18.61
N ARG B 89 -25.64 -20.99 -19.09
CA ARG B 89 -26.56 -20.91 -20.23
C ARG B 89 -27.71 -19.93 -19.98
N ALA B 90 -28.32 -20.04 -18.79
CA ALA B 90 -29.42 -19.14 -18.39
C ALA B 90 -29.02 -17.67 -18.31
N THR B 91 -27.74 -17.41 -18.02
CA THR B 91 -27.24 -16.04 -17.81
C THR B 91 -26.97 -15.28 -19.11
N TRP B 92 -26.46 -15.97 -20.15
CA TRP B 92 -26.17 -15.32 -21.45
C TRP B 92 -27.26 -14.37 -22.01
N PRO B 93 -28.56 -14.79 -22.04
CA PRO B 93 -29.61 -13.88 -22.55
C PRO B 93 -29.62 -12.51 -21.86
N HIS B 94 -29.54 -12.51 -20.52
CA HIS B 94 -29.60 -11.28 -19.72
C HIS B 94 -28.41 -10.39 -20.05
N LEU B 95 -27.22 -10.99 -20.06
CA LEU B 95 -25.99 -10.29 -20.40
C LEU B 95 -26.03 -9.71 -21.82
N ARG B 96 -26.43 -10.53 -22.79
CA ARG B 96 -26.56 -10.12 -24.19
C ARG B 96 -27.53 -8.94 -24.34
N ASP B 97 -28.67 -9.02 -23.66
CA ASP B 97 -29.69 -7.97 -23.66
C ASP B 97 -29.16 -6.64 -23.09
N ILE B 98 -28.40 -6.74 -22.01
CA ILE B 98 -27.78 -5.55 -21.40
C ILE B 98 -26.75 -4.94 -22.36
N ALA B 99 -25.94 -5.81 -22.98
CA ALA B 99 -24.98 -5.38 -23.99
C ALA B 99 -25.67 -4.75 -25.21
N GLN B 100 -26.79 -5.36 -25.61
CA GLN B 100 -27.61 -4.88 -26.73
C GLN B 100 -28.23 -3.51 -26.48
N ASN B 101 -28.95 -3.39 -25.37
CA ASN B 101 -29.92 -2.31 -25.17
C ASN B 101 -29.49 -1.21 -24.21
N HIS B 102 -28.52 -1.52 -23.34
CA HIS B 102 -28.12 -0.60 -22.26
C HIS B 102 -26.60 -0.32 -22.23
N PRO B 103 -26.10 0.53 -23.17
CA PRO B 103 -24.65 0.83 -23.21
C PRO B 103 -24.14 1.52 -21.94
N GLU B 104 -25.04 2.18 -21.22
CA GLU B 104 -24.74 2.78 -19.92
C GLU B 104 -24.26 1.77 -18.85
N ALA B 105 -24.59 0.49 -19.05
CA ALA B 105 -24.25 -0.58 -18.09
C ALA B 105 -22.79 -1.03 -18.12
N GLY B 106 -22.07 -0.64 -19.18
CA GLY B 106 -20.65 -0.97 -19.31
C GLY B 106 -20.34 -2.39 -19.74
N ILE B 107 -21.26 -3.00 -20.49
CA ILE B 107 -21.01 -4.29 -21.13
C ILE B 107 -20.94 -4.06 -22.63
N HIS B 108 -20.00 -4.73 -23.30
CA HIS B 108 -19.92 -4.71 -24.76
C HIS B 108 -19.54 -6.09 -25.34
N PHE B 109 -19.96 -6.34 -26.58
CA PHE B 109 -19.53 -7.55 -27.26
C PHE B 109 -18.08 -7.39 -27.73
N GLN B 110 -17.36 -8.50 -27.73
CA GLN B 110 -15.97 -8.57 -28.19
C GLN B 110 -15.76 -9.90 -28.88
N ASP B 111 -14.98 -9.89 -29.97
CA ASP B 111 -14.49 -11.12 -30.59
C ASP B 111 -13.61 -11.87 -29.59
N THR B 112 -13.74 -13.20 -29.54
CA THR B 112 -13.09 -14.04 -28.54
C THR B 112 -12.42 -15.26 -29.19
N VAL B 113 -11.19 -15.56 -28.76
CA VAL B 113 -10.48 -16.79 -29.18
C VAL B 113 -10.04 -17.61 -27.96
N VAL B 114 -10.32 -18.90 -27.98
CA VAL B 114 -9.90 -19.85 -26.94
C VAL B 114 -9.08 -20.98 -27.58
N TYR B 115 -7.88 -21.23 -27.02
CA TYR B 115 -6.99 -22.30 -27.45
C TYR B 115 -6.93 -23.43 -26.41
N ASN B 116 -7.22 -24.65 -26.85
CA ASN B 116 -7.11 -25.84 -26.00
C ASN B 116 -5.88 -26.64 -26.42
N ARG B 117 -4.84 -26.56 -25.59
CA ARG B 117 -3.51 -27.11 -25.90
C ARG B 117 -3.48 -28.64 -26.04
N THR B 118 -2.46 -29.14 -26.75
CA THR B 118 -2.26 -30.58 -26.92
C THR B 118 -1.83 -31.29 -25.62
N LYS B 119 -1.21 -30.52 -24.70
CA LYS B 119 -0.84 -30.99 -23.36
C LYS B 119 -2.07 -31.31 -22.50
N ASP B 120 -3.19 -30.64 -22.78
CA ASP B 120 -4.49 -30.95 -22.18
C ASP B 120 -5.36 -31.69 -23.18
N PRO B 135 -13.09 -29.23 -27.64
CA PRO B 135 -13.59 -29.67 -28.94
C PRO B 135 -15.13 -29.66 -29.00
N ASN B 136 -15.67 -28.86 -29.92
CA ASN B 136 -17.11 -28.51 -30.01
C ASN B 136 -17.86 -28.38 -28.66
N PRO B 137 -17.46 -27.37 -27.83
CA PRO B 137 -18.11 -27.18 -26.52
C PRO B 137 -19.55 -26.68 -26.66
N TRP B 138 -20.36 -26.91 -25.63
CA TRP B 138 -21.79 -26.60 -25.70
C TRP B 138 -22.13 -25.16 -26.07
N TYR B 139 -21.28 -24.21 -25.65
CA TYR B 139 -21.51 -22.78 -25.90
C TYR B 139 -21.43 -22.37 -27.37
N GLY B 140 -20.93 -23.27 -28.22
CA GLY B 140 -20.93 -23.09 -29.67
C GLY B 140 -22.32 -23.00 -30.30
N LYS B 141 -23.31 -23.56 -29.61
CA LYS B 141 -24.71 -23.51 -30.02
C LYS B 141 -25.49 -22.35 -29.36
N VAL B 142 -24.79 -21.58 -28.52
CA VAL B 142 -25.42 -20.49 -27.75
C VAL B 142 -24.85 -19.13 -28.17
N LEU B 143 -23.53 -19.04 -28.26
CA LEU B 143 -22.83 -17.79 -28.55
C LEU B 143 -22.73 -17.53 -30.05
N PRO B 144 -22.98 -16.27 -30.48
CA PRO B 144 -22.99 -15.94 -31.91
C PRO B 144 -21.61 -15.99 -32.57
N ASN B 145 -21.63 -16.19 -33.89
CA ASN B 145 -20.43 -16.19 -34.76
C ASN B 145 -19.35 -17.21 -34.36
N PHE B 146 -19.80 -18.35 -33.85
CA PHE B 146 -18.90 -19.41 -33.42
C PHE B 146 -18.32 -20.16 -34.63
N ARG B 147 -17.04 -20.50 -34.54
CA ARG B 147 -16.38 -21.37 -35.52
C ARG B 147 -15.30 -22.20 -34.84
N GLU B 148 -15.14 -23.43 -35.34
CA GLU B 148 -13.99 -24.26 -35.01
C GLU B 148 -12.84 -23.83 -35.90
N LEU B 149 -11.69 -23.51 -35.29
CA LEU B 149 -10.50 -23.14 -36.05
C LEU B 149 -9.96 -24.38 -36.75
N SER B 150 -9.58 -24.20 -38.02
CA SER B 150 -9.22 -25.31 -38.92
C SER B 150 -7.95 -26.07 -38.51
N LYS B 151 -7.73 -27.23 -39.14
CA LYS B 151 -6.49 -28.01 -39.00
C LYS B 151 -5.26 -27.20 -39.42
N ASP B 152 -5.45 -26.35 -40.43
CA ASP B 152 -4.41 -25.44 -40.94
C ASP B 152 -4.09 -24.30 -39.97
N GLU B 153 -5.11 -23.79 -39.29
CA GLU B 153 -5.01 -22.56 -38.49
C GLU B 153 -4.55 -22.72 -37.04
N LEU B 154 -4.61 -23.96 -36.53
CA LEU B 154 -4.23 -24.26 -35.14
C LEU B 154 -2.70 -24.13 -34.92
N PRO B 155 -2.27 -23.24 -34.00
CA PRO B 155 -0.85 -23.01 -33.70
C PRO B 155 -0.18 -24.24 -33.06
N PRO B 156 1.18 -24.33 -33.12
CA PRO B 156 1.89 -25.51 -32.60
C PRO B 156 1.60 -25.80 -31.12
N GLY B 157 1.24 -27.06 -30.84
CA GLY B 157 0.94 -27.51 -29.49
C GLY B 157 -0.49 -27.33 -29.03
N ILE B 158 -1.40 -27.09 -29.97
CA ILE B 158 -2.83 -26.87 -29.68
C ILE B 158 -3.69 -27.92 -30.38
N ASP B 159 -4.44 -28.68 -29.59
CA ASP B 159 -5.35 -29.74 -30.06
C ASP B 159 -6.57 -29.18 -30.80
N ASN B 160 -7.19 -28.14 -30.22
CA ASN B 160 -8.37 -27.49 -30.80
C ASN B 160 -8.48 -26.03 -30.37
N ALA B 161 -8.98 -25.19 -31.28
CA ALA B 161 -9.20 -23.76 -31.00
C ALA B 161 -10.56 -23.29 -31.51
N ASN B 162 -11.18 -22.37 -30.77
CA ASN B 162 -12.46 -21.79 -31.20
C ASN B 162 -12.55 -20.26 -31.05
N ARG B 163 -13.12 -19.63 -32.08
CA ARG B 163 -13.42 -18.19 -32.10
C ARG B 163 -14.93 -17.95 -32.09
N PHE B 164 -15.35 -16.87 -31.43
CA PHE B 164 -16.77 -16.57 -31.18
C PHE B 164 -16.92 -15.16 -30.58
N THR B 165 -18.14 -14.63 -30.62
CA THR B 165 -18.38 -13.33 -29.98
C THR B 165 -19.02 -13.54 -28.62
N SER B 166 -18.39 -12.97 -27.59
CA SER B 166 -18.95 -12.97 -26.24
C SER B 166 -19.03 -11.54 -25.71
N VAL B 167 -18.94 -11.39 -24.38
CA VAL B 167 -19.18 -10.13 -23.71
C VAL B 167 -18.01 -9.83 -22.76
N CYS B 168 -17.55 -8.58 -22.70
CA CYS B 168 -16.68 -8.14 -21.61
C CYS B 168 -17.31 -7.00 -20.79
N ILE B 169 -17.34 -7.23 -19.48
CA ILE B 169 -17.98 -6.36 -18.51
C ILE B 169 -16.94 -5.45 -17.88
N ASN B 170 -17.17 -4.15 -18.02
CA ASN B 170 -16.44 -3.17 -17.25
C ASN B 170 -17.10 -3.17 -15.86
N THR B 171 -16.49 -3.92 -14.95
CA THR B 171 -17.04 -4.11 -13.60
C THR B 171 -17.16 -2.79 -12.82
N ALA B 172 -16.30 -1.83 -13.14
CA ALA B 172 -16.27 -0.52 -12.47
C ALA B 172 -17.43 0.38 -12.90
N VAL B 173 -18.04 0.05 -14.04
CA VAL B 173 -19.27 0.72 -14.48
C VAL B 173 -20.48 -0.13 -14.12
N TYR B 174 -20.37 -1.45 -14.32
CA TYR B 174 -21.50 -2.38 -14.20
C TYR B 174 -22.02 -2.58 -12.78
N LEU B 175 -21.11 -2.71 -11.81
CA LEU B 175 -21.51 -2.86 -10.40
C LEU B 175 -22.31 -1.64 -9.88
N PRO B 176 -21.82 -0.39 -10.10
CA PRO B 176 -22.63 0.79 -9.78
C PRO B 176 -23.90 0.91 -10.61
N TRP B 177 -23.88 0.41 -11.85
CA TRP B 177 -25.08 0.42 -12.69
C TRP B 177 -26.17 -0.46 -12.06
N LEU B 178 -25.78 -1.63 -11.56
CA LEU B 178 -26.70 -2.50 -10.82
C LEU B 178 -27.23 -1.86 -9.53
N VAL B 179 -26.36 -1.13 -8.82
CA VAL B 179 -26.79 -0.34 -7.65
C VAL B 179 -27.90 0.64 -8.07
N GLY B 180 -27.66 1.33 -9.18
CA GLY B 180 -28.62 2.30 -9.72
C GLY B 180 -29.94 1.68 -10.15
N GLN B 181 -29.88 0.49 -10.72
CA GLN B 181 -31.06 -0.25 -11.16
C GLN B 181 -31.90 -0.70 -9.98
N CYS B 182 -31.22 -1.06 -8.89
CA CYS B 182 -31.88 -1.44 -7.66
C CYS B 182 -32.54 -0.23 -7.01
N ARG B 183 -31.83 0.90 -7.01
CA ARG B 183 -32.32 2.16 -6.42
C ARG B 183 -33.57 2.67 -7.13
N LYS B 184 -33.59 2.59 -8.46
CA LYS B 184 -34.79 2.90 -9.26
C LYS B 184 -36.03 2.18 -8.73
N ASN B 185 -35.87 0.89 -8.42
CA ASN B 185 -36.94 0.05 -7.86
C ASN B 185 -37.13 0.18 -6.33
N GLY B 186 -36.52 1.20 -5.73
CA GLY B 186 -36.65 1.46 -4.29
C GLY B 186 -35.91 0.51 -3.35
N VAL B 187 -34.84 -0.12 -3.83
CA VAL B 187 -33.96 -0.91 -2.95
C VAL B 187 -33.12 0.10 -2.17
N VAL B 188 -33.05 -0.07 -0.85
CA VAL B 188 -32.27 0.82 0.02
C VAL B 188 -30.95 0.14 0.36
N PHE B 189 -29.87 0.87 0.15
CA PHE B 189 -28.54 0.35 0.42
C PHE B 189 -28.04 0.89 1.74
N LYS B 190 -27.50 -0.02 2.55
CA LYS B 190 -27.04 0.29 3.91
C LYS B 190 -25.71 -0.38 4.21
N ARG B 191 -24.71 0.42 4.59
CA ARG B 191 -23.44 -0.11 5.10
C ARG B 191 -23.71 -0.83 6.41
N ALA B 192 -23.27 -2.09 6.49
CA ALA B 192 -23.36 -2.87 7.71
C ALA B 192 -22.32 -3.99 7.78
N VAL B 193 -21.98 -4.42 9.00
CA VAL B 193 -21.06 -5.54 9.25
C VAL B 193 -21.68 -6.49 10.27
N PHE B 194 -21.84 -7.75 9.88
CA PHE B 194 -22.44 -8.76 10.74
C PHE B 194 -21.44 -9.87 11.07
N LYS B 195 -21.47 -10.34 12.32
CA LYS B 195 -20.71 -11.53 12.74
C LYS B 195 -21.51 -12.83 12.53
N HIS B 196 -22.82 -12.70 12.34
CA HIS B 196 -23.75 -13.83 12.20
C HIS B 196 -24.87 -13.47 11.22
N VAL B 197 -25.23 -14.40 10.33
CA VAL B 197 -26.29 -14.17 9.31
C VAL B 197 -27.62 -13.67 9.87
N ALA B 198 -28.00 -14.14 11.06
CA ALA B 198 -29.26 -13.74 11.71
C ALA B 198 -29.35 -12.26 12.05
N GLU B 199 -28.20 -11.63 12.31
CA GLU B 199 -28.13 -10.21 12.67
C GLU B 199 -28.58 -9.29 11.54
N ALA B 200 -28.38 -9.73 10.29
CA ALA B 200 -28.88 -9.05 9.08
C ALA B 200 -30.40 -8.86 9.07
N ALA B 201 -31.14 -9.76 9.73
CA ALA B 201 -32.59 -9.62 9.87
C ALA B 201 -33.04 -8.36 10.64
N ASN B 202 -32.16 -7.83 11.49
CA ASN B 202 -32.44 -6.63 12.29
C ASN B 202 -32.01 -5.34 11.58
N ALA B 203 -31.53 -5.48 10.35
CA ALA B 203 -30.96 -4.38 9.58
C ALA B 203 -31.89 -3.87 8.45
N HIS B 204 -33.12 -4.37 8.41
CA HIS B 204 -34.08 -3.98 7.35
C HIS B 204 -34.51 -2.52 7.49
N HIS B 205 -34.53 -1.80 6.37
CA HIS B 205 -34.75 -0.35 6.37
C HIS B 205 -36.14 0.11 6.85
N SER B 206 -37.10 -0.82 6.84
CA SER B 206 -38.47 -0.57 7.32
C SER B 206 -38.57 -0.37 8.84
N GLY B 207 -37.48 -0.68 9.56
CA GLY B 207 -37.47 -0.68 11.03
C GLY B 207 -38.01 -1.95 11.64
N GLN B 208 -38.59 -2.80 10.79
CA GLN B 208 -39.18 -4.07 11.23
C GLN B 208 -38.22 -5.21 10.93
N LYS B 209 -38.35 -6.29 11.69
CA LYS B 209 -37.57 -7.51 11.49
C LYS B 209 -37.85 -8.10 10.11
N ALA B 210 -36.78 -8.41 9.38
CA ALA B 210 -36.87 -9.01 8.05
C ALA B 210 -37.55 -10.38 8.11
N ASP B 211 -38.37 -10.67 7.10
CA ASP B 211 -38.99 -11.98 6.94
C ASP B 211 -37.99 -13.02 6.45
N LEU B 212 -37.06 -12.57 5.60
CA LEU B 212 -36.04 -13.44 5.00
C LEU B 212 -34.74 -12.67 4.78
N VAL B 213 -33.64 -13.40 4.87
CA VAL B 213 -32.32 -12.85 4.54
C VAL B 213 -31.72 -13.65 3.38
N VAL B 214 -31.21 -12.94 2.38
CA VAL B 214 -30.46 -13.59 1.30
C VAL B 214 -28.97 -13.45 1.59
N ASN B 215 -28.32 -14.59 1.83
CA ASN B 215 -26.89 -14.62 2.16
C ASN B 215 -26.01 -14.63 0.90
N CYS B 216 -25.51 -13.46 0.52
CA CYS B 216 -24.61 -13.30 -0.62
C CYS B 216 -23.25 -12.73 -0.22
N THR B 217 -22.59 -13.41 0.70
CA THR B 217 -21.34 -12.93 1.29
C THR B 217 -20.10 -13.56 0.65
N GLY B 218 -20.30 -14.39 -0.38
CA GLY B 218 -19.18 -15.06 -1.07
C GLY B 218 -18.28 -15.80 -0.10
N LEU B 219 -16.98 -15.52 -0.18
CA LEU B 219 -15.96 -16.19 0.63
C LEU B 219 -16.09 -15.95 2.15
N SER B 220 -16.81 -14.89 2.54
CA SER B 220 -16.97 -14.56 3.96
C SER B 220 -17.92 -15.51 4.67
N SER B 221 -18.60 -16.36 3.92
CA SER B 221 -19.41 -17.46 4.49
C SER B 221 -18.57 -18.56 5.13
N ARG B 222 -17.27 -18.58 4.84
CA ARG B 222 -16.33 -19.48 5.54
C ARG B 222 -16.31 -19.17 7.04
N LYS B 223 -16.33 -17.88 7.38
CA LYS B 223 -16.22 -17.41 8.77
C LYS B 223 -17.51 -16.89 9.41
N LEU B 224 -18.50 -16.53 8.59
CA LEU B 224 -19.74 -15.93 9.07
C LEU B 224 -20.53 -16.87 9.98
N GLY B 225 -21.02 -16.32 11.09
CA GLY B 225 -21.75 -17.11 12.09
C GLY B 225 -23.03 -17.65 11.53
N GLY B 226 -23.36 -18.88 11.92
CA GLY B 226 -24.54 -19.59 11.41
C GLY B 226 -24.37 -20.22 10.03
N VAL B 227 -23.19 -20.05 9.43
CA VAL B 227 -22.90 -20.57 8.08
C VAL B 227 -21.67 -21.45 8.14
N GLN B 228 -20.53 -20.83 8.48
CA GLN B 228 -19.28 -21.54 8.79
C GLN B 228 -19.00 -22.65 7.79
N ASP B 229 -19.04 -22.31 6.50
CA ASP B 229 -18.88 -23.29 5.44
C ASP B 229 -17.41 -23.59 5.18
N ASN B 230 -16.95 -24.68 5.77
CA ASN B 230 -15.56 -25.14 5.61
C ASN B 230 -15.24 -25.61 4.18
N THR B 231 -16.27 -25.86 3.37
CA THR B 231 -16.10 -26.26 1.96
C THR B 231 -15.73 -25.10 1.03
N LEU B 232 -15.70 -23.88 1.57
CA LEU B 232 -15.21 -22.70 0.87
C LEU B 232 -13.69 -22.56 0.99
N LEU B 233 -13.07 -22.15 -0.11
CA LEU B 233 -11.63 -21.89 -0.17
C LEU B 233 -11.35 -20.73 -1.14
N PRO B 234 -10.26 -19.96 -0.90
CA PRO B 234 -9.90 -18.95 -1.89
C PRO B 234 -9.12 -19.55 -3.06
N ALA B 235 -9.40 -19.05 -4.26
CA ALA B 235 -8.51 -19.24 -5.39
C ALA B 235 -8.01 -17.89 -5.83
N ARG B 236 -6.81 -17.55 -5.37
CA ARG B 236 -6.17 -16.26 -5.63
C ARG B 236 -5.99 -16.02 -7.11
N GLY B 237 -6.36 -14.82 -7.55
CA GLY B 237 -6.23 -14.42 -8.93
C GLY B 237 -5.57 -13.08 -9.00
N GLN B 238 -4.42 -13.02 -9.66
CA GLN B 238 -3.67 -11.77 -9.84
C GLN B 238 -3.83 -11.27 -11.27
N ILE B 239 -4.10 -9.98 -11.39
CA ILE B 239 -4.27 -9.34 -12.70
C ILE B 239 -3.30 -8.17 -12.89
N VAL B 240 -3.07 -7.81 -14.16
CA VAL B 240 -2.44 -6.57 -14.56
C VAL B 240 -3.44 -5.82 -15.44
N VAL B 241 -3.76 -4.59 -15.03
CA VAL B 241 -4.65 -3.70 -15.77
C VAL B 241 -3.80 -2.79 -16.66
N VAL B 242 -4.04 -2.82 -17.97
CA VAL B 242 -3.25 -2.04 -18.94
C VAL B 242 -4.12 -1.18 -19.87
N ARG B 243 -3.51 -0.17 -20.49
CA ARG B 243 -4.21 0.70 -21.43
C ARG B 243 -4.41 0.09 -22.82
N ASN B 244 -3.52 -0.81 -23.22
CA ASN B 244 -3.48 -1.37 -24.58
C ASN B 244 -4.76 -2.11 -24.93
N ASP B 245 -5.34 -1.81 -26.09
CA ASP B 245 -6.55 -2.48 -26.57
C ASP B 245 -6.22 -3.31 -27.83
N PRO B 246 -6.17 -4.65 -27.70
CA PRO B 246 -5.95 -5.54 -28.83
C PRO B 246 -7.16 -5.68 -29.75
N GLY B 247 -8.35 -5.33 -29.24
CA GLY B 247 -9.60 -5.43 -30.00
C GLY B 247 -10.27 -6.80 -29.94
N LEU B 248 -9.81 -7.66 -29.04
CA LEU B 248 -10.37 -9.01 -28.86
C LEU B 248 -10.04 -9.61 -27.49
N MET B 249 -10.78 -10.65 -27.12
CA MET B 249 -10.51 -11.46 -25.95
C MET B 249 -9.81 -12.73 -26.40
N CYS B 250 -8.76 -13.14 -25.68
CA CYS B 250 -8.07 -14.40 -25.96
C CYS B 250 -7.47 -15.06 -24.73
N SER B 251 -7.66 -16.37 -24.65
CA SER B 251 -7.16 -17.20 -23.55
C SER B 251 -6.54 -18.51 -24.08
N ILE B 252 -5.86 -19.23 -23.20
CA ILE B 252 -5.35 -20.59 -23.47
C ILE B 252 -5.65 -21.49 -22.26
N SER B 253 -5.88 -22.78 -22.51
CA SER B 253 -6.29 -23.73 -21.47
C SER B 253 -5.21 -24.06 -20.40
N GLY B 254 -3.99 -23.61 -20.63
CA GLY B 254 -2.87 -23.81 -19.69
C GLY B 254 -1.58 -23.14 -20.12
N THR B 255 -0.57 -23.20 -19.25
CA THR B 255 0.72 -22.54 -19.47
C THR B 255 1.90 -23.44 -19.09
N ASP B 256 3.11 -23.03 -19.50
CA ASP B 256 4.34 -23.69 -19.08
C ASP B 256 4.75 -23.29 -17.65
N ASP B 257 4.21 -22.19 -17.15
CA ASP B 257 4.64 -21.59 -15.87
C ASP B 257 3.96 -22.18 -14.62
N GLY B 258 3.50 -23.42 -14.72
CA GLY B 258 2.87 -24.13 -13.61
C GLY B 258 1.36 -24.18 -13.71
N ASP B 259 0.78 -25.11 -12.94
CA ASP B 259 -0.67 -25.35 -12.91
C ASP B 259 -1.47 -24.14 -12.41
N ASP B 260 -0.89 -23.40 -11.47
CA ASP B 260 -1.54 -22.25 -10.83
C ASP B 260 -1.40 -20.92 -11.62
N GLU B 261 -0.72 -20.98 -12.76
CA GLU B 261 -0.58 -19.81 -13.64
C GLU B 261 -1.29 -20.03 -14.98
N VAL B 262 -2.08 -19.03 -15.38
CA VAL B 262 -2.88 -19.08 -16.61
C VAL B 262 -2.62 -17.86 -17.50
N THR B 263 -3.20 -17.86 -18.71
CA THR B 263 -3.06 -16.75 -19.65
C THR B 263 -4.41 -16.36 -20.26
N TYR B 264 -4.76 -15.09 -20.07
CA TYR B 264 -5.96 -14.49 -20.69
C TYR B 264 -5.85 -12.97 -20.80
N MET B 265 -6.71 -12.42 -21.64
CA MET B 265 -6.91 -10.97 -21.74
C MET B 265 -8.33 -10.64 -22.19
N MET B 266 -8.82 -9.50 -21.70
CA MET B 266 -10.10 -8.93 -22.10
C MET B 266 -10.08 -7.42 -21.93
N THR B 267 -10.71 -6.72 -22.86
CA THR B 267 -10.80 -5.28 -22.78
C THR B 267 -12.19 -4.89 -22.33
N ARG B 268 -12.24 -4.17 -21.21
CA ARG B 268 -13.49 -3.72 -20.60
C ARG B 268 -14.15 -2.69 -21.49
N ALA B 269 -15.47 -2.63 -21.39
CA ALA B 269 -16.25 -1.66 -22.15
C ALA B 269 -15.98 -0.24 -21.66
N ALA B 270 -16.23 0.71 -22.55
CA ALA B 270 -16.28 2.14 -22.23
C ALA B 270 -14.96 2.68 -21.68
N GLY B 271 -13.87 2.28 -22.33
CA GLY B 271 -12.51 2.66 -21.94
C GLY B 271 -12.06 2.17 -20.58
N GLY B 272 -12.69 1.10 -20.10
CA GLY B 272 -12.42 0.53 -18.78
C GLY B 272 -11.03 -0.03 -18.58
N GLY B 273 -10.31 -0.24 -19.69
CA GLY B 273 -8.95 -0.81 -19.69
C GLY B 273 -8.92 -2.31 -20.00
N THR B 274 -7.72 -2.81 -20.23
CA THR B 274 -7.55 -4.24 -20.55
C THR B 274 -7.00 -4.99 -19.33
N ILE B 275 -7.61 -6.13 -19.06
CA ILE B 275 -7.23 -7.01 -17.98
C ILE B 275 -6.35 -8.11 -18.56
N LEU B 276 -5.14 -8.21 -18.02
CA LEU B 276 -4.20 -9.28 -18.33
C LEU B 276 -4.13 -10.24 -17.15
N GLY B 277 -4.24 -11.53 -17.44
CA GLY B 277 -4.21 -12.58 -16.41
C GLY B 277 -3.41 -13.81 -16.88
N GLY B 278 -3.16 -14.76 -15.98
CA GLY B 278 -3.63 -14.66 -14.61
C GLY B 278 -3.07 -15.77 -13.76
N THR B 279 -3.86 -16.17 -12.78
CA THR B 279 -3.40 -16.97 -11.67
C THR B 279 -4.58 -17.66 -11.02
N TYR B 280 -4.41 -18.93 -10.65
CA TYR B 280 -5.44 -19.67 -9.94
C TYR B 280 -4.75 -20.45 -8.83
N GLN B 281 -4.60 -19.78 -7.68
CA GLN B 281 -3.86 -20.33 -6.56
C GLN B 281 -4.80 -20.66 -5.42
N LYS B 282 -5.22 -21.93 -5.40
CA LYS B 282 -6.05 -22.47 -4.31
C LYS B 282 -5.34 -22.35 -2.97
N HIS B 283 -6.10 -21.97 -1.94
CA HIS B 283 -5.64 -21.85 -0.53
C HIS B 283 -4.60 -20.75 -0.27
N ASN B 284 -4.49 -19.80 -1.18
CA ASN B 284 -3.58 -18.68 -1.07
C ASN B 284 -4.40 -17.41 -0.81
N TRP B 285 -4.22 -16.83 0.38
CA TRP B 285 -4.96 -15.64 0.78
C TRP B 285 -4.25 -14.33 0.44
N ASP B 286 -3.04 -14.41 -0.16
CA ASP B 286 -2.17 -13.22 -0.32
C ASP B 286 -2.80 -12.08 -1.13
N SER B 287 -3.10 -10.98 -0.44
CA SER B 287 -3.71 -9.78 -1.01
C SER B 287 -2.81 -8.93 -1.90
N LEU B 288 -1.50 -9.13 -1.81
CA LEU B 288 -0.55 -8.25 -2.50
C LEU B 288 -0.11 -8.85 -3.84
N PRO B 289 -0.09 -8.04 -4.92
CA PRO B 289 0.39 -8.59 -6.19
C PRO B 289 1.89 -8.85 -6.16
N ASP B 290 2.26 -10.07 -6.56
CA ASP B 290 3.65 -10.50 -6.58
C ASP B 290 4.25 -10.01 -7.91
N PRO B 291 5.35 -9.21 -7.83
CA PRO B 291 5.92 -8.59 -9.02
C PRO B 291 6.42 -9.58 -10.08
N ASN B 292 6.97 -10.71 -9.64
CA ASN B 292 7.37 -11.79 -10.54
C ASN B 292 6.18 -12.38 -11.30
N LEU B 293 5.07 -12.60 -10.59
CA LEU B 293 3.83 -13.10 -11.20
C LEU B 293 3.30 -12.13 -12.24
N ALA B 294 3.37 -10.83 -11.92
CA ALA B 294 2.97 -9.74 -12.80
C ALA B 294 3.73 -9.74 -14.12
N VAL B 295 5.06 -9.82 -14.03
CA VAL B 295 5.98 -9.85 -15.18
C VAL B 295 5.71 -11.05 -16.10
N ARG B 296 5.46 -12.21 -15.49
CA ARG B 296 5.18 -13.43 -16.24
C ARG B 296 3.80 -13.38 -16.91
N ILE B 297 2.78 -12.87 -16.19
CA ILE B 297 1.45 -12.59 -16.78
C ILE B 297 1.64 -11.78 -18.07
N MET B 298 2.37 -10.68 -17.94
CA MET B 298 2.60 -9.77 -19.06
C MET B 298 3.39 -10.41 -20.20
N LYS B 299 4.36 -11.26 -19.86
CA LYS B 299 5.16 -11.99 -20.85
C LYS B 299 4.31 -12.98 -21.64
N ARG B 300 3.50 -13.77 -20.94
CA ARG B 300 2.59 -14.74 -21.55
C ARG B 300 1.57 -14.06 -22.47
N CYS B 301 0.96 -12.98 -21.98
CA CYS B 301 -0.04 -12.19 -22.72
C CYS B 301 0.52 -11.58 -24.00
N ILE B 302 1.75 -11.06 -23.91
CA ILE B 302 2.52 -10.56 -25.06
C ILE B 302 2.72 -11.65 -26.12
N GLU B 303 3.04 -12.86 -25.66
CA GLU B 303 3.18 -14.04 -26.51
C GLU B 303 1.87 -14.50 -27.15
N LEU B 304 0.82 -14.64 -26.34
CA LEU B 304 -0.46 -15.20 -26.79
C LEU B 304 -1.16 -14.35 -27.86
N CYS B 305 -1.26 -13.05 -27.62
CA CYS B 305 -1.86 -12.11 -28.57
C CYS B 305 -0.96 -10.87 -28.75
N PRO B 306 0.00 -10.94 -29.69
CA PRO B 306 1.07 -9.94 -29.92
C PRO B 306 0.66 -8.51 -30.25
N SER B 307 -0.56 -8.33 -30.76
CA SER B 307 -1.07 -6.99 -31.10
C SER B 307 -1.41 -6.11 -29.88
N LEU B 308 -1.04 -6.57 -28.69
CA LEU B 308 -1.01 -5.74 -27.47
C LEU B 308 -0.01 -4.60 -27.62
N VAL B 309 1.15 -4.93 -28.18
CA VAL B 309 2.21 -3.95 -28.41
C VAL B 309 2.45 -3.73 -29.89
N ALA B 310 3.14 -2.65 -30.23
CA ALA B 310 3.65 -2.43 -31.57
C ALA B 310 4.88 -3.34 -31.74
N PRO B 311 4.85 -4.24 -32.75
CA PRO B 311 5.91 -5.26 -32.93
C PRO B 311 7.34 -4.73 -32.84
N GLY B 312 8.23 -5.54 -32.28
CA GLY B 312 9.58 -5.10 -31.92
C GLY B 312 9.68 -4.69 -30.46
N GLN B 313 8.53 -4.63 -29.78
CA GLN B 313 8.45 -4.31 -28.36
C GLN B 313 8.15 -5.54 -27.52
N GLY B 314 8.68 -5.55 -26.30
CA GLY B 314 8.28 -6.51 -25.28
C GLY B 314 7.38 -5.84 -24.26
N ILE B 315 7.43 -6.32 -23.02
CA ILE B 315 6.62 -5.85 -21.89
C ILE B 315 6.57 -4.30 -21.73
N GLU B 316 7.66 -3.63 -22.10
CA GLU B 316 7.76 -2.16 -22.02
C GLU B 316 6.81 -1.39 -22.95
N GLY B 317 6.22 -2.08 -23.93
CA GLY B 317 5.20 -1.50 -24.81
C GLY B 317 3.80 -1.44 -24.17
N LEU B 318 3.60 -2.20 -23.10
CA LEU B 318 2.35 -2.16 -22.34
C LEU B 318 2.30 -0.90 -21.49
N ASP B 319 1.17 -0.21 -21.52
CA ASP B 319 0.97 0.99 -20.70
C ASP B 319 0.13 0.57 -19.49
N ILE B 320 0.81 0.21 -18.40
CA ILE B 320 0.18 -0.37 -17.20
C ILE B 320 -0.58 0.69 -16.42
N ILE B 321 -1.81 0.35 -16.03
CA ILE B 321 -2.61 1.20 -15.15
C ILE B 321 -2.25 0.88 -13.69
N ARG B 322 -2.35 -0.39 -13.33
CA ARG B 322 -2.19 -0.88 -11.95
C ARG B 322 -2.10 -2.40 -11.94
N HIS B 323 -1.76 -2.94 -10.77
CA HIS B 323 -1.83 -4.36 -10.47
C HIS B 323 -3.02 -4.58 -9.56
N GLY B 324 -3.56 -5.79 -9.59
CA GLY B 324 -4.68 -6.15 -8.72
C GLY B 324 -4.69 -7.62 -8.35
N VAL B 325 -5.15 -7.92 -7.14
CA VAL B 325 -5.35 -9.30 -6.68
C VAL B 325 -6.71 -9.49 -6.03
N GLY B 326 -7.41 -10.53 -6.47
CA GLY B 326 -8.65 -10.94 -5.82
C GLY B 326 -8.64 -12.40 -5.42
N LEU B 327 -9.51 -12.76 -4.49
CA LEU B 327 -9.67 -14.17 -4.07
C LEU B 327 -11.01 -14.70 -4.52
N ARG B 328 -11.01 -15.58 -5.52
CA ARG B 328 -12.23 -16.25 -6.02
C ARG B 328 -12.83 -17.10 -4.90
N PRO B 329 -14.15 -16.94 -4.62
CA PRO B 329 -14.80 -17.72 -3.56
C PRO B 329 -15.18 -19.15 -4.01
N VAL B 330 -14.16 -20.02 -4.11
CA VAL B 330 -14.36 -21.39 -4.59
C VAL B 330 -15.03 -22.25 -3.52
N ARG B 331 -16.12 -22.91 -3.89
CA ARG B 331 -16.72 -23.94 -3.05
C ARG B 331 -16.60 -25.28 -3.75
N GLU B 332 -16.29 -26.33 -3.01
CA GLU B 332 -16.06 -27.64 -3.61
C GLU B 332 -17.28 -28.19 -4.35
N ASP B 333 -18.48 -27.98 -3.80
CA ASP B 333 -19.73 -28.43 -4.45
C ASP B 333 -20.35 -27.37 -5.38
N GLY B 334 -19.61 -26.30 -5.67
CA GLY B 334 -20.14 -25.18 -6.45
C GLY B 334 -21.07 -24.30 -5.63
N PRO B 335 -21.83 -23.41 -6.30
CA PRO B 335 -22.70 -22.45 -5.61
C PRO B 335 -23.76 -23.10 -4.74
N ARG B 336 -23.85 -22.63 -3.49
CA ARG B 336 -24.89 -23.04 -2.58
C ARG B 336 -26.08 -22.12 -2.77
N ILE B 337 -27.18 -22.68 -3.25
CA ILE B 337 -28.47 -21.98 -3.34
C ILE B 337 -29.54 -22.88 -2.74
N GLU B 338 -29.84 -22.62 -1.47
CA GLU B 338 -30.79 -23.39 -0.67
C GLU B 338 -31.36 -22.57 0.48
N LYS B 339 -32.51 -23.00 0.99
CA LYS B 339 -33.16 -22.36 2.12
C LYS B 339 -32.83 -23.05 3.44
N GLU B 340 -32.58 -22.25 4.46
CA GLU B 340 -32.24 -22.71 5.79
C GLU B 340 -32.86 -21.76 6.80
N LEU B 341 -33.30 -22.30 7.93
CA LEU B 341 -33.78 -21.48 9.04
C LEU B 341 -32.66 -21.39 10.09
N ILE B 342 -32.02 -20.22 10.15
CA ILE B 342 -30.95 -19.96 11.11
C ILE B 342 -31.52 -19.00 12.15
N ASP B 343 -31.58 -19.46 13.41
CA ASP B 343 -32.38 -18.85 14.48
C ASP B 343 -33.86 -18.76 14.08
N GLY B 344 -34.49 -17.60 14.28
CA GLY B 344 -35.87 -17.39 13.86
C GLY B 344 -36.02 -16.98 12.41
N VAL B 345 -34.91 -16.68 11.74
CA VAL B 345 -34.93 -16.11 10.37
C VAL B 345 -34.67 -17.15 9.27
N TRP B 346 -35.55 -17.13 8.27
CA TRP B 346 -35.36 -17.86 7.02
C TRP B 346 -34.22 -17.25 6.22
N VAL B 347 -33.27 -18.10 5.83
CA VAL B 347 -32.07 -17.67 5.12
C VAL B 347 -31.99 -18.39 3.78
N VAL B 348 -31.76 -17.63 2.72
CA VAL B 348 -31.48 -18.23 1.41
C VAL B 348 -30.05 -17.93 1.00
N HIS B 349 -29.23 -18.96 0.94
CA HIS B 349 -27.85 -18.83 0.51
C HIS B 349 -27.78 -18.63 -1.01
N ASN B 350 -26.82 -17.80 -1.43
CA ASN B 350 -26.40 -17.65 -2.81
C ASN B 350 -24.94 -17.18 -2.80
N TYR B 351 -24.05 -18.14 -2.53
CA TYR B 351 -22.61 -17.91 -2.47
C TYR B 351 -21.83 -19.12 -2.98
N GLY B 352 -20.54 -18.94 -3.24
CA GLY B 352 -19.65 -20.03 -3.68
C GLY B 352 -19.54 -20.12 -5.19
N HIS B 353 -19.36 -18.95 -5.82
CA HIS B 353 -19.38 -18.82 -7.27
C HIS B 353 -17.97 -18.90 -7.92
N GLY B 354 -16.95 -19.14 -7.10
CA GLY B 354 -15.57 -19.30 -7.60
C GLY B 354 -15.18 -18.23 -8.60
N GLY B 355 -14.71 -18.65 -9.78
CA GLY B 355 -14.27 -17.74 -10.83
C GLY B 355 -15.30 -17.50 -11.93
N TYR B 356 -16.57 -17.73 -11.62
CA TYR B 356 -17.66 -17.69 -12.61
C TYR B 356 -18.93 -16.95 -12.14
N GLY B 357 -18.81 -16.12 -11.10
CA GLY B 357 -19.91 -15.34 -10.52
C GLY B 357 -20.70 -14.41 -11.43
N TYR B 358 -20.02 -13.85 -12.44
CA TYR B 358 -20.66 -12.94 -13.41
C TYR B 358 -21.42 -13.72 -14.48
N GLN B 359 -20.76 -14.75 -15.02
CA GLN B 359 -21.33 -15.59 -16.07
C GLN B 359 -22.38 -16.60 -15.57
N THR B 360 -22.55 -16.68 -14.24
CA THR B 360 -23.65 -17.41 -13.62
C THR B 360 -24.65 -16.51 -12.89
N SER B 361 -24.34 -15.21 -12.79
CA SER B 361 -25.12 -14.26 -11.96
C SER B 361 -26.64 -14.34 -12.12
N PHE B 362 -27.14 -14.05 -13.32
CA PHE B 362 -28.57 -14.07 -13.56
C PHE B 362 -29.18 -15.45 -13.40
N GLY B 363 -28.48 -16.48 -13.90
CA GLY B 363 -28.88 -17.88 -13.69
C GLY B 363 -29.03 -18.23 -12.22
N CYS B 364 -27.99 -17.94 -11.43
CA CYS B 364 -27.99 -18.17 -9.98
C CYS B 364 -29.00 -17.31 -9.23
N ALA B 365 -29.08 -16.03 -9.59
CA ALA B 365 -30.04 -15.10 -8.99
C ALA B 365 -31.50 -15.53 -9.23
N THR B 366 -31.79 -16.06 -10.42
CA THR B 366 -33.12 -16.60 -10.75
C THR B 366 -33.53 -17.77 -9.84
N THR B 367 -32.61 -18.74 -9.66
CA THR B 367 -32.82 -19.88 -8.75
C THR B 367 -33.09 -19.41 -7.32
N ALA B 368 -32.26 -18.49 -6.83
CA ALA B 368 -32.44 -17.92 -5.50
C ALA B 368 -33.80 -17.22 -5.32
N VAL B 369 -34.24 -16.49 -6.35
CA VAL B 369 -35.58 -15.84 -6.35
C VAL B 369 -36.66 -16.90 -6.14
N GLU B 370 -36.59 -17.99 -6.91
CA GLU B 370 -37.51 -19.12 -6.77
C GLU B 370 -37.42 -19.80 -5.39
N VAL B 371 -36.21 -19.96 -4.86
CA VAL B 371 -36.02 -20.50 -3.49
C VAL B 371 -36.62 -19.55 -2.43
N VAL B 372 -36.45 -18.24 -2.63
CA VAL B 372 -37.07 -17.21 -1.78
C VAL B 372 -38.60 -17.33 -1.79
N ARG B 373 -39.18 -17.39 -2.98
CA ARG B 373 -40.64 -17.57 -3.18
C ARG B 373 -41.14 -18.90 -2.58
N GLU B 374 -40.29 -19.92 -2.60
CA GLU B 374 -40.52 -21.20 -1.94
C GLU B 374 -40.58 -21.09 -0.40
N ALA B 375 -39.60 -20.40 0.19
CA ALA B 375 -39.52 -20.23 1.65
C ALA B 375 -40.63 -19.31 2.19
N LEU B 376 -41.00 -18.31 1.40
CA LEU B 376 -42.07 -17.38 1.73
C LEU B 376 -43.47 -18.02 1.68
N GLN B 377 -43.57 -19.18 1.04
CA GLN B 377 -44.79 -19.98 1.05
C GLN B 377 -44.99 -20.65 2.41
N GLN B 378 -45.65 -19.90 3.31
CA GLN B 378 -45.90 -20.31 4.69
C GLN B 378 -47.12 -19.59 5.27
N ALA C 22 39.20 -30.62 7.83
CA ALA C 22 37.86 -31.26 7.77
C ALA C 22 36.77 -30.22 7.98
N THR C 23 35.97 -29.98 6.94
CA THR C 23 34.94 -28.94 6.95
C THR C 23 33.54 -29.46 6.65
N ASN C 24 32.54 -28.67 7.04
CA ASN C 24 31.13 -28.98 6.81
C ASN C 24 30.49 -27.81 6.08
N ASN C 25 29.87 -28.09 4.94
CA ASN C 25 29.16 -27.07 4.18
C ASN C 25 27.72 -27.03 4.65
N ILE C 26 27.37 -25.95 5.33
CA ILE C 26 26.02 -25.79 5.85
C ILE C 26 25.31 -24.63 5.13
N VAL C 27 24.13 -24.91 4.59
CA VAL C 27 23.21 -23.86 4.16
C VAL C 27 22.16 -23.68 5.24
N VAL C 28 22.15 -22.49 5.86
CA VAL C 28 21.03 -22.12 6.72
C VAL C 28 20.00 -21.45 5.80
N LEU C 29 18.84 -22.09 5.68
CA LEU C 29 17.77 -21.56 4.85
C LEU C 29 16.83 -20.72 5.70
N GLY C 30 16.95 -19.41 5.53
CA GLY C 30 16.13 -18.45 6.25
C GLY C 30 16.97 -17.45 7.00
N ALA C 31 16.53 -16.19 6.98
CA ALA C 31 17.27 -15.09 7.60
C ALA C 31 16.45 -14.28 8.61
N GLY C 32 15.45 -14.92 9.21
CA GLY C 32 14.70 -14.35 10.35
C GLY C 32 15.52 -14.54 11.62
N VAL C 33 14.90 -14.40 12.80
CA VAL C 33 15.64 -14.62 14.08
C VAL C 33 16.23 -16.01 14.13
N SER C 34 15.43 -17.00 13.74
CA SER C 34 15.79 -18.40 13.89
C SER C 34 16.99 -18.77 13.04
N GLY C 35 16.97 -18.34 11.78
CA GLY C 35 18.07 -18.57 10.85
C GLY C 35 19.34 -17.86 11.26
N LEU C 36 19.21 -16.59 11.62
CA LEU C 36 20.36 -15.75 11.99
C LEU C 36 21.04 -16.21 13.28
N THR C 37 20.24 -16.62 14.26
CA THR C 37 20.75 -17.03 15.57
C THR C 37 21.40 -18.43 15.48
N THR C 38 20.82 -19.30 14.67
CA THR C 38 21.36 -20.65 14.43
C THR C 38 22.65 -20.56 13.61
N ALA C 39 22.65 -19.73 12.56
CA ALA C 39 23.85 -19.51 11.75
C ALA C 39 25.01 -18.94 12.58
N TRP C 40 24.71 -17.99 13.47
CA TRP C 40 25.72 -17.34 14.30
C TRP C 40 26.37 -18.31 15.28
N LEU C 41 25.54 -19.13 15.93
CA LEU C 41 26.03 -20.14 16.87
C LEU C 41 26.83 -21.21 16.16
N LEU C 42 26.34 -21.65 14.98
CA LEU C 42 27.07 -22.61 14.14
C LEU C 42 28.42 -22.07 13.66
N SER C 43 28.46 -20.78 13.35
CA SER C 43 29.69 -20.12 12.90
C SER C 43 30.84 -20.12 13.92
N LYS C 44 30.51 -20.30 15.20
CA LYS C 44 31.51 -20.36 16.27
C LYS C 44 32.31 -21.67 16.23
N ASP C 45 31.79 -22.64 15.48
CA ASP C 45 32.49 -23.87 15.19
C ASP C 45 33.31 -23.68 13.90
N PRO C 46 34.65 -23.73 14.01
CA PRO C 46 35.54 -23.48 12.87
C PRO C 46 35.40 -24.45 11.71
N SER C 47 34.85 -25.65 11.96
CA SER C 47 34.70 -26.68 10.93
C SER C 47 33.50 -26.42 10.00
N ASN C 48 32.62 -25.51 10.40
CA ASN C 48 31.46 -25.11 9.60
C ASN C 48 31.76 -23.97 8.62
N LYS C 49 31.53 -24.23 7.32
CA LYS C 49 31.50 -23.21 6.28
C LYS C 49 30.03 -22.99 5.94
N ILE C 50 29.55 -21.76 6.17
CA ILE C 50 28.10 -21.49 6.25
C ILE C 50 27.59 -20.45 5.24
N THR C 51 26.51 -20.81 4.54
CA THR C 51 25.78 -19.87 3.69
C THR C 51 24.41 -19.66 4.32
N VAL C 52 24.03 -18.41 4.50
CA VAL C 52 22.64 -18.10 4.82
C VAL C 52 21.99 -17.77 3.48
N ALA C 53 21.09 -18.64 3.04
CA ALA C 53 20.31 -18.44 1.83
C ALA C 53 18.85 -18.14 2.22
N ALA C 54 18.34 -16.99 1.78
CA ALA C 54 17.00 -16.52 2.17
C ALA C 54 16.32 -15.64 1.12
N LYS C 55 15.01 -15.83 0.99
CA LYS C 55 14.14 -14.97 0.18
C LYS C 55 14.10 -13.52 0.67
N HIS C 56 13.77 -13.34 1.95
CA HIS C 56 13.75 -12.00 2.56
C HIS C 56 14.83 -11.84 3.61
N MET C 57 15.45 -10.65 3.62
CA MET C 57 16.59 -10.32 4.49
C MET C 57 16.27 -9.13 5.38
N PRO C 58 17.02 -8.96 6.51
CA PRO C 58 16.83 -7.76 7.33
C PRO C 58 16.92 -6.48 6.51
N GLY C 59 15.93 -5.61 6.71
CA GLY C 59 15.67 -4.48 5.82
C GLY C 59 14.38 -4.66 5.03
N ASP C 60 13.99 -5.92 4.79
CA ASP C 60 12.76 -6.23 4.08
C ASP C 60 11.55 -6.18 5.01
N TYR C 61 10.46 -5.64 4.50
CA TYR C 61 9.15 -5.83 5.13
C TYR C 61 8.25 -6.56 4.15
N ASP C 62 7.72 -7.70 4.60
CA ASP C 62 6.89 -8.59 3.79
C ASP C 62 6.13 -9.50 4.73
N ILE C 63 4.93 -9.90 4.33
CA ILE C 63 4.06 -10.76 5.16
C ILE C 63 4.63 -12.16 5.37
N GLU C 64 5.41 -12.63 4.40
CA GLU C 64 6.08 -13.93 4.47
C GLU C 64 7.31 -13.92 5.39
N TYR C 65 7.64 -12.76 5.97
CA TYR C 65 8.85 -12.59 6.76
C TYR C 65 8.49 -12.05 8.15
N CYS C 66 8.31 -12.94 9.13
CA CYS C 66 7.75 -12.58 10.45
C CYS C 66 8.65 -11.71 11.33
N SER C 67 9.94 -12.04 11.39
CA SER C 67 10.89 -11.41 12.32
C SER C 67 10.81 -9.87 12.45
N PRO C 68 10.83 -9.12 11.31
CA PRO C 68 10.79 -7.64 11.47
C PRO C 68 9.47 -7.07 12.03
N TRP C 69 8.40 -7.85 12.01
CA TRP C 69 7.11 -7.40 12.52
C TRP C 69 7.01 -7.43 14.05
N ALA C 70 7.87 -8.22 14.68
CA ALA C 70 7.89 -8.42 16.14
C ALA C 70 8.18 -7.16 16.95
N GLY C 71 7.74 -7.19 18.21
CA GLY C 71 7.93 -6.05 19.13
C GLY C 71 9.37 -5.60 19.28
N ALA C 72 10.25 -6.42 19.85
CA ALA C 72 9.94 -7.71 20.48
C ALA C 72 10.40 -7.62 21.92
N ASN C 73 9.83 -8.46 22.79
CA ASN C 73 10.31 -8.51 24.17
C ASN C 73 10.47 -9.93 24.69
N TYR C 74 11.04 -10.04 25.89
CA TYR C 74 11.20 -11.29 26.58
C TYR C 74 10.12 -11.36 27.66
N LEU C 75 9.11 -12.18 27.39
CA LEU C 75 7.99 -12.34 28.30
C LEU C 75 7.49 -13.77 28.21
N PRO C 76 8.07 -14.69 29.02
CA PRO C 76 7.78 -16.12 28.90
C PRO C 76 6.30 -16.48 28.94
N VAL C 77 5.93 -17.43 28.09
CA VAL C 77 4.56 -17.92 27.95
C VAL C 77 4.48 -19.43 28.20
N GLY C 78 5.64 -20.08 28.26
CA GLY C 78 5.73 -21.52 28.45
C GLY C 78 5.75 -21.96 29.90
N ALA C 79 5.18 -23.14 30.17
CA ALA C 79 5.22 -23.77 31.48
C ALA C 79 6.64 -24.21 31.82
N GLU C 80 6.97 -24.21 33.12
CA GLU C 80 8.32 -24.48 33.64
C GLU C 80 9.01 -25.74 33.05
N ASN C 81 8.27 -26.85 33.00
CA ASN C 81 8.83 -28.13 32.53
C ASN C 81 8.57 -28.43 31.04
N SER C 82 7.92 -27.51 30.34
CA SER C 82 7.67 -27.66 28.91
C SER C 82 8.94 -27.37 28.09
N ARG C 83 8.95 -27.83 26.85
CA ARG C 83 10.08 -27.59 25.92
C ARG C 83 10.28 -26.09 25.72
N VAL C 84 9.19 -25.37 25.47
CA VAL C 84 9.19 -23.92 25.25
C VAL C 84 9.70 -23.16 26.48
N GLY C 85 9.20 -23.57 27.66
CA GLY C 85 9.61 -22.98 28.94
C GLY C 85 11.10 -23.05 29.17
N GLN C 86 11.68 -24.24 28.94
CA GLN C 86 13.13 -24.45 29.06
C GLN C 86 13.90 -23.62 28.03
N TRP C 87 13.38 -23.57 26.79
CA TRP C 87 13.97 -22.73 25.75
C TRP C 87 14.00 -21.25 26.09
N GLU C 88 12.93 -20.76 26.72
CA GLU C 88 12.88 -19.38 27.18
C GLU C 88 13.93 -19.14 28.25
N ARG C 89 13.97 -20.04 29.23
CA ARG C 89 14.95 -20.02 30.33
C ARG C 89 16.40 -19.98 29.83
N ALA C 90 16.71 -20.82 28.84
CA ALA C 90 18.04 -20.89 28.22
C ALA C 90 18.41 -19.65 27.40
N THR C 91 17.41 -18.91 26.91
CA THR C 91 17.65 -17.74 26.06
C THR C 91 18.04 -16.50 26.86
N TRP C 92 17.41 -16.27 28.01
CA TRP C 92 17.65 -15.08 28.83
C TRP C 92 19.13 -14.67 29.03
N PRO C 93 20.03 -15.60 29.47
CA PRO C 93 21.43 -15.20 29.68
C PRO C 93 22.12 -14.59 28.46
N HIS C 94 21.75 -15.05 27.26
CA HIS C 94 22.28 -14.50 26.02
C HIS C 94 21.76 -13.09 25.76
N LEU C 95 20.46 -12.91 25.93
CA LEU C 95 19.82 -11.62 25.71
C LEU C 95 20.27 -10.59 26.73
N ARG C 96 20.32 -10.99 28.00
CA ARG C 96 20.91 -10.15 29.05
C ARG C 96 22.36 -9.77 28.73
N ASP C 97 23.17 -10.76 28.31
CA ASP C 97 24.57 -10.54 27.94
C ASP C 97 24.69 -9.46 26.86
N ILE C 98 23.89 -9.60 25.81
CA ILE C 98 23.88 -8.65 24.69
C ILE C 98 23.40 -7.26 25.15
N ALA C 99 22.39 -7.21 26.03
CA ALA C 99 21.86 -5.95 26.57
C ALA C 99 22.88 -5.23 27.45
N GLN C 100 23.60 -5.99 28.25
CA GLN C 100 24.58 -5.46 29.19
C GLN C 100 25.87 -5.01 28.49
N ASN C 101 26.34 -5.82 27.55
CA ASN C 101 27.67 -5.64 26.95
C ASN C 101 27.73 -5.04 25.55
N HIS C 102 26.64 -5.12 24.79
CA HIS C 102 26.63 -4.68 23.40
C HIS C 102 25.50 -3.70 23.05
N PRO C 103 25.63 -2.41 23.46
CA PRO C 103 24.55 -1.44 23.16
C PRO C 103 24.31 -1.23 21.67
N GLU C 104 25.27 -1.66 20.85
CA GLU C 104 25.14 -1.60 19.38
C GLU C 104 24.12 -2.58 18.78
N ALA C 105 23.73 -3.60 19.56
CA ALA C 105 22.80 -4.64 19.11
C ALA C 105 21.32 -4.28 19.15
N GLY C 106 20.99 -3.12 19.71
CA GLY C 106 19.61 -2.64 19.81
C GLY C 106 18.76 -3.32 20.87
N ILE C 107 19.39 -3.81 21.93
CA ILE C 107 18.63 -4.39 23.05
C ILE C 107 18.80 -3.53 24.29
N HIS C 108 17.69 -3.13 24.92
CA HIS C 108 17.75 -2.51 26.25
C HIS C 108 16.87 -3.15 27.31
N PHE C 109 17.29 -3.01 28.56
CA PHE C 109 16.50 -3.45 29.70
C PHE C 109 15.33 -2.51 29.88
N GLN C 110 14.17 -3.08 30.23
CA GLN C 110 13.00 -2.26 30.58
C GLN C 110 12.27 -2.86 31.77
N ASP C 111 11.80 -1.98 32.63
CA ASP C 111 10.86 -2.33 33.69
C ASP C 111 9.57 -2.82 33.04
N THR C 112 8.97 -3.85 33.62
CA THR C 112 7.81 -4.51 33.04
C THR C 112 6.76 -4.76 34.10
N VAL C 113 5.51 -4.48 33.73
CA VAL C 113 4.33 -4.81 34.54
C VAL C 113 3.45 -5.78 33.74
N VAL C 114 3.02 -6.84 34.40
CA VAL C 114 2.07 -7.81 33.84
C VAL C 114 0.87 -7.83 34.79
N TYR C 115 -0.32 -7.56 34.25
CA TYR C 115 -1.59 -7.62 34.99
C TYR C 115 -2.39 -8.87 34.61
N ASN C 116 -2.81 -9.62 35.63
CA ASN C 116 -3.66 -10.80 35.42
C ASN C 116 -5.06 -10.55 35.97
N ARG C 117 -6.05 -10.62 35.06
CA ARG C 117 -7.45 -10.37 35.39
CA ARG C 117 -7.46 -10.39 35.37
C ARG C 117 -8.03 -11.47 36.27
N THR C 118 -9.04 -11.09 37.06
CA THR C 118 -9.80 -12.01 37.91
C THR C 118 -10.45 -13.16 37.12
N LYS C 119 -10.79 -12.90 35.85
CA LYS C 119 -11.32 -13.91 34.93
C LYS C 119 -10.19 -14.77 34.33
N ASP C 120 -9.53 -15.54 35.21
CA ASP C 120 -8.44 -16.45 34.84
C ASP C 120 -8.26 -17.55 35.89
N LYS C 134 -1.45 -15.75 36.72
CA LYS C 134 -0.96 -16.87 37.53
C LYS C 134 0.14 -16.40 38.51
N PRO C 135 -0.19 -16.30 39.83
CA PRO C 135 0.71 -15.69 40.82
C PRO C 135 2.02 -16.46 41.01
N ASN C 136 3.11 -15.71 41.17
CA ASN C 136 4.50 -16.22 41.29
C ASN C 136 4.93 -17.18 40.15
N PRO C 137 5.14 -16.64 38.93
CA PRO C 137 5.57 -17.47 37.80
C PRO C 137 7.06 -17.84 37.89
N TRP C 138 7.46 -18.88 37.15
CA TRP C 138 8.83 -19.40 37.19
C TRP C 138 9.89 -18.36 36.81
N TYR C 139 9.53 -17.44 35.92
CA TYR C 139 10.46 -16.39 35.46
C TYR C 139 10.77 -15.33 36.54
N GLY C 140 9.96 -15.34 37.60
CA GLY C 140 10.22 -14.54 38.79
C GLY C 140 11.56 -14.84 39.46
N LYS C 141 11.97 -16.11 39.40
CA LYS C 141 13.27 -16.54 39.92
C LYS C 141 14.43 -16.22 38.97
N VAL C 142 14.10 -15.84 37.73
CA VAL C 142 15.09 -15.68 36.65
C VAL C 142 15.34 -14.19 36.36
N LEU C 143 14.28 -13.43 36.15
CA LEU C 143 14.36 -12.01 35.77
C LEU C 143 14.67 -11.10 36.96
N PRO C 144 15.47 -10.02 36.74
CA PRO C 144 15.84 -9.13 37.85
C PRO C 144 14.66 -8.32 38.40
N ASN C 145 14.80 -7.90 39.66
CA ASN C 145 13.88 -6.98 40.35
C ASN C 145 12.42 -7.44 40.37
N PHE C 146 12.22 -8.76 40.45
CA PHE C 146 10.88 -9.32 40.51
C PHE C 146 10.20 -9.01 41.84
N ARG C 147 9.03 -8.38 41.74
CA ARG C 147 8.15 -8.13 42.88
C ARG C 147 6.69 -8.34 42.49
N GLU C 148 5.93 -8.95 43.41
CA GLU C 148 4.50 -9.11 43.27
C GLU C 148 3.81 -7.91 43.94
N LEU C 149 2.88 -7.29 43.22
CA LEU C 149 2.21 -6.06 43.70
C LEU C 149 1.18 -6.37 44.77
N SER C 150 1.04 -5.44 45.72
CA SER C 150 0.09 -5.56 46.84
C SER C 150 -1.37 -5.42 46.38
N LYS C 151 -2.27 -6.00 47.16
CA LYS C 151 -3.72 -6.03 46.85
C LYS C 151 -4.35 -4.64 46.67
N ASP C 152 -3.83 -3.66 47.40
CA ASP C 152 -4.32 -2.27 47.31
C ASP C 152 -3.63 -1.45 46.22
N GLU C 153 -2.63 -2.04 45.57
CA GLU C 153 -1.94 -1.42 44.43
C GLU C 153 -2.53 -1.88 43.09
N LEU C 154 -3.34 -2.92 43.14
CA LEU C 154 -4.00 -3.50 41.98
C LEU C 154 -5.16 -2.66 41.46
N PRO C 155 -5.26 -2.47 40.13
CA PRO C 155 -6.46 -1.85 39.51
C PRO C 155 -7.70 -2.76 39.65
N PRO C 156 -8.93 -2.18 39.53
CA PRO C 156 -10.14 -3.00 39.61
C PRO C 156 -10.24 -4.03 38.48
N GLY C 157 -10.56 -5.27 38.85
CA GLY C 157 -10.64 -6.38 37.89
C GLY C 157 -9.39 -7.25 37.83
N ILE C 158 -8.28 -6.72 38.34
CA ILE C 158 -6.99 -7.41 38.35
C ILE C 158 -6.90 -8.29 39.60
N ASP C 159 -6.66 -9.58 39.38
CA ASP C 159 -6.48 -10.57 40.45
C ASP C 159 -5.09 -10.45 41.08
N ASN C 160 -4.07 -10.53 40.24
CA ASN C 160 -2.67 -10.45 40.65
C ASN C 160 -1.86 -9.74 39.57
N ALA C 161 -0.79 -9.08 40.01
CA ALA C 161 0.12 -8.41 39.10
C ALA C 161 1.57 -8.55 39.56
N ASN C 162 2.51 -8.42 38.62
CA ASN C 162 3.92 -8.38 38.96
C ASN C 162 4.72 -7.38 38.13
N ARG C 163 5.80 -6.90 38.75
CA ARG C 163 6.75 -5.99 38.14
C ARG C 163 8.12 -6.66 38.12
N PHE C 164 8.92 -6.37 37.09
CA PHE C 164 10.26 -6.97 36.90
C PHE C 164 11.02 -6.27 35.80
N THR C 165 12.33 -6.50 35.75
CA THR C 165 13.16 -6.05 34.62
C THR C 165 13.21 -7.15 33.56
N SER C 166 13.00 -6.76 32.31
CA SER C 166 13.21 -7.64 31.16
C SER C 166 13.87 -6.86 30.02
N VAL C 167 13.84 -7.39 28.79
CA VAL C 167 14.44 -6.68 27.66
C VAL C 167 13.40 -6.37 26.57
N CYS C 168 13.60 -5.24 25.88
CA CYS C 168 12.90 -4.98 24.63
C CYS C 168 13.95 -4.88 23.52
N ILE C 169 13.69 -5.62 22.45
CA ILE C 169 14.59 -5.70 21.31
C ILE C 169 14.07 -4.76 20.24
N ASN C 170 14.93 -3.84 19.81
CA ASN C 170 14.70 -3.09 18.60
C ASN C 170 15.07 -4.01 17.43
N THR C 171 14.05 -4.66 16.85
CA THR C 171 14.27 -5.66 15.80
C THR C 171 14.98 -5.08 14.57
N ALA C 172 14.73 -3.80 14.29
CA ALA C 172 15.27 -3.09 13.14
C ALA C 172 16.78 -2.87 13.25
N VAL C 173 17.28 -2.84 14.48
CA VAL C 173 18.72 -2.74 14.74
C VAL C 173 19.30 -4.15 15.03
N TYR C 174 18.54 -5.00 15.71
CA TYR C 174 19.06 -6.32 16.15
C TYR C 174 19.23 -7.35 15.03
N LEU C 175 18.28 -7.39 14.10
CA LEU C 175 18.38 -8.34 12.99
C LEU C 175 19.59 -8.05 12.08
N PRO C 176 19.82 -6.76 11.71
CA PRO C 176 21.08 -6.53 11.00
C PRO C 176 22.33 -6.74 11.89
N TRP C 177 22.21 -6.51 13.19
CA TRP C 177 23.33 -6.81 14.12
C TRP C 177 23.74 -8.30 14.03
N LEU C 178 22.75 -9.20 14.02
CA LEU C 178 23.02 -10.64 13.86
C LEU C 178 23.61 -10.97 12.50
N VAL C 179 23.10 -10.35 11.44
CA VAL C 179 23.73 -10.43 10.10
C VAL C 179 25.23 -10.06 10.22
N GLY C 180 25.50 -8.92 10.84
CA GLY C 180 26.86 -8.43 11.06
C GLY C 180 27.76 -9.38 11.83
N GLN C 181 27.22 -9.97 12.91
CA GLN C 181 27.96 -10.94 13.72
C GLN C 181 28.27 -12.23 12.96
N CYS C 182 27.32 -12.65 12.13
CA CYS C 182 27.51 -13.77 11.21
C CYS C 182 28.60 -13.47 10.18
N ARG C 183 28.61 -12.24 9.64
CA ARG C 183 29.63 -11.79 8.68
C ARG C 183 31.06 -11.80 9.24
N LYS C 184 31.21 -11.38 10.50
CA LYS C 184 32.52 -11.36 11.18
C LYS C 184 33.13 -12.76 11.27
N ASN C 185 32.26 -13.76 11.41
CA ASN C 185 32.65 -15.17 11.50
C ASN C 185 32.66 -15.87 10.13
N GLY C 186 32.65 -15.08 9.05
CA GLY C 186 32.73 -15.58 7.67
C GLY C 186 31.49 -16.23 7.06
N VAL C 187 30.31 -15.96 7.61
CA VAL C 187 29.05 -16.46 7.00
C VAL C 187 28.77 -15.61 5.77
N VAL C 188 28.49 -16.29 4.66
CA VAL C 188 28.15 -15.64 3.40
C VAL C 188 26.63 -15.59 3.27
N PHE C 189 26.11 -14.41 2.99
CA PHE C 189 24.67 -14.24 2.79
C PHE C 189 24.36 -14.15 1.30
N LYS C 190 23.21 -14.70 0.92
CA LYS C 190 22.81 -14.82 -0.48
C LYS C 190 21.29 -14.85 -0.62
N ARG C 191 20.78 -13.97 -1.47
CA ARG C 191 19.38 -13.97 -1.88
C ARG C 191 19.05 -15.24 -2.66
N ALA C 192 18.08 -15.99 -2.17
CA ALA C 192 17.55 -17.16 -2.89
C ALA C 192 16.09 -17.46 -2.57
N VAL C 193 15.42 -18.13 -3.50
CA VAL C 193 14.05 -18.60 -3.31
C VAL C 193 14.03 -20.07 -3.69
N PHE C 194 13.50 -20.92 -2.81
CA PHE C 194 13.41 -22.34 -3.08
C PHE C 194 11.98 -22.82 -3.07
N LYS C 195 11.69 -23.80 -3.94
CA LYS C 195 10.36 -24.41 -3.98
C LYS C 195 10.33 -25.70 -3.15
N HIS C 196 11.51 -26.24 -2.88
CA HIS C 196 11.69 -27.50 -2.15
C HIS C 196 12.95 -27.36 -1.32
N VAL C 197 12.89 -27.86 -0.08
CA VAL C 197 13.98 -27.75 0.91
C VAL C 197 15.35 -28.30 0.43
N ALA C 198 15.32 -29.37 -0.34
CA ALA C 198 16.51 -30.04 -0.88
C ALA C 198 17.30 -29.20 -1.88
N GLU C 199 16.61 -28.29 -2.58
CA GLU C 199 17.24 -27.32 -3.49
C GLU C 199 18.24 -26.40 -2.79
N ALA C 200 18.00 -26.16 -1.50
CA ALA C 200 18.86 -25.28 -0.69
C ALA C 200 20.29 -25.79 -0.61
N ALA C 201 20.45 -27.11 -0.66
CA ALA C 201 21.75 -27.79 -0.67
C ALA C 201 22.62 -27.50 -1.91
N ASN C 202 22.00 -26.96 -2.96
CA ASN C 202 22.71 -26.55 -4.17
C ASN C 202 23.11 -25.07 -4.17
N ALA C 203 22.86 -24.39 -3.06
CA ALA C 203 23.06 -22.94 -2.96
C ALA C 203 24.25 -22.52 -2.08
N HIS C 204 25.07 -23.49 -1.66
CA HIS C 204 26.22 -23.17 -0.79
C HIS C 204 27.26 -22.36 -1.55
N HIS C 205 27.79 -21.32 -0.90
CA HIS C 205 28.73 -20.37 -1.54
C HIS C 205 30.03 -21.00 -2.06
N SER C 206 30.45 -22.12 -1.46
CA SER C 206 31.61 -22.88 -1.94
C SER C 206 31.49 -23.37 -3.38
N GLY C 207 30.24 -23.57 -3.82
CA GLY C 207 29.96 -24.15 -5.13
C GLY C 207 29.81 -25.66 -5.08
N GLN C 208 29.96 -26.21 -3.87
CA GLN C 208 29.81 -27.64 -3.63
C GLN C 208 28.50 -27.89 -2.88
N LYS C 209 27.95 -29.10 -3.02
CA LYS C 209 26.71 -29.45 -2.31
C LYS C 209 26.86 -29.29 -0.80
N ALA C 210 25.83 -28.74 -0.17
CA ALA C 210 25.79 -28.63 1.29
C ALA C 210 25.72 -30.03 1.88
N ASP C 211 26.44 -30.22 2.97
CA ASP C 211 26.40 -31.47 3.75
C ASP C 211 25.14 -31.55 4.59
N LEU C 212 24.61 -30.37 4.93
CA LEU C 212 23.40 -30.22 5.73
C LEU C 212 22.69 -28.91 5.37
N VAL C 213 21.35 -28.95 5.37
CA VAL C 213 20.52 -27.75 5.26
C VAL C 213 19.82 -27.54 6.60
N VAL C 214 19.93 -26.33 7.16
CA VAL C 214 19.10 -25.99 8.32
C VAL C 214 17.89 -25.16 7.90
N ASN C 215 16.70 -25.69 8.18
CA ASN C 215 15.44 -25.13 7.70
C ASN C 215 14.81 -24.15 8.71
N CYS C 216 15.07 -22.86 8.51
CA CYS C 216 14.48 -21.82 9.34
C CYS C 216 13.58 -20.90 8.50
N THR C 217 12.55 -21.52 7.92
CA THR C 217 11.61 -20.84 7.00
C THR C 217 10.32 -20.38 7.67
N GLY C 218 10.18 -20.69 8.96
CA GLY C 218 8.99 -20.33 9.75
C GLY C 218 7.71 -20.84 9.11
N LEU C 219 6.76 -19.92 8.88
CA LEU C 219 5.44 -20.25 8.33
C LEU C 219 5.47 -20.75 6.87
N SER C 220 6.53 -20.40 6.14
CA SER C 220 6.72 -20.93 4.78
C SER C 220 6.98 -22.46 4.73
N SER C 221 7.32 -23.06 5.87
CA SER C 221 7.43 -24.54 5.95
C SER C 221 6.08 -25.25 5.76
N ARG C 222 4.97 -24.49 5.81
CA ARG C 222 3.64 -25.01 5.51
C ARG C 222 3.49 -25.42 4.03
N LYS C 223 4.20 -24.72 3.15
CA LYS C 223 4.09 -24.91 1.69
C LYS C 223 5.39 -25.41 1.04
N LEU C 224 6.51 -25.30 1.76
CA LEU C 224 7.81 -25.68 1.22
C LEU C 224 7.87 -27.19 0.95
N GLY C 225 8.31 -27.53 -0.27
CA GLY C 225 8.47 -28.91 -0.71
C GLY C 225 9.40 -29.70 0.18
N GLY C 226 9.04 -30.96 0.39
CA GLY C 226 9.74 -31.85 1.33
C GLY C 226 9.40 -31.59 2.79
N VAL C 227 8.66 -30.52 3.07
CA VAL C 227 8.27 -30.21 4.45
C VAL C 227 6.76 -30.21 4.56
N GLN C 228 6.10 -29.22 3.94
CA GLN C 228 4.64 -29.12 3.86
C GLN C 228 3.96 -29.47 5.19
N ASP C 229 4.34 -28.74 6.23
CA ASP C 229 3.88 -29.04 7.59
C ASP C 229 2.50 -28.43 7.78
N ASN C 230 1.50 -29.31 7.80
CA ASN C 230 0.08 -28.96 7.94
C ASN C 230 -0.32 -28.50 9.33
N THR C 231 0.55 -28.73 10.31
CA THR C 231 0.32 -28.30 11.69
C THR C 231 0.67 -26.83 11.91
N LEU C 232 1.26 -26.19 10.89
CA LEU C 232 1.52 -24.75 10.93
C LEU C 232 0.26 -23.97 10.62
N LEU C 233 0.11 -22.83 11.31
CA LEU C 233 -0.99 -21.90 11.13
C LEU C 233 -0.54 -20.49 11.48
N PRO C 234 -1.03 -19.47 10.74
CA PRO C 234 -0.71 -18.12 11.13
C PRO C 234 -1.49 -17.68 12.37
N ALA C 235 -0.84 -16.92 13.25
CA ALA C 235 -1.55 -16.13 14.26
C ALA C 235 -1.29 -14.67 13.95
N ARG C 236 -2.21 -14.07 13.19
CA ARG C 236 -2.10 -12.68 12.75
C ARG C 236 -1.90 -11.72 13.94
N GLY C 237 -0.97 -10.78 13.78
CA GLY C 237 -0.64 -9.81 14.83
C GLY C 237 -0.53 -8.40 14.30
N GLN C 238 -1.50 -7.56 14.65
CA GLN C 238 -1.50 -6.18 14.22
C GLN C 238 -0.89 -5.26 15.29
N ILE C 239 -0.12 -4.28 14.83
CA ILE C 239 0.58 -3.33 15.69
C ILE C 239 0.44 -1.87 15.24
N VAL C 240 0.52 -0.97 16.20
CA VAL C 240 0.66 0.45 15.94
C VAL C 240 2.02 0.88 16.50
N VAL C 241 2.82 1.47 15.63
CA VAL C 241 4.15 1.94 15.97
C VAL C 241 4.04 3.43 16.30
N VAL C 242 4.41 3.81 17.52
CA VAL C 242 4.27 5.20 17.98
C VAL C 242 5.58 5.79 18.54
N ARG C 243 5.68 7.12 18.45
CA ARG C 243 6.83 7.85 18.95
C ARG C 243 6.85 8.00 20.47
N ASN C 244 5.67 8.03 21.09
CA ASN C 244 5.49 8.18 22.54
C ASN C 244 6.24 7.11 23.34
N ASP C 245 7.00 7.56 24.34
CA ASP C 245 7.76 6.65 25.22
C ASP C 245 7.19 6.69 26.65
N PRO C 246 6.47 5.63 27.05
CA PRO C 246 5.89 5.54 28.41
C PRO C 246 6.88 5.16 29.53
N GLY C 247 8.00 4.55 29.16
CA GLY C 247 9.10 4.26 30.10
C GLY C 247 9.15 2.86 30.68
N LEU C 248 8.13 2.06 30.38
CA LEU C 248 8.02 0.68 30.85
C LEU C 248 7.26 -0.16 29.83
N MET C 249 7.41 -1.48 29.91
CA MET C 249 6.59 -2.40 29.13
C MET C 249 5.36 -2.78 29.96
N CYS C 250 4.20 -2.80 29.31
CA CYS C 250 2.94 -3.18 29.95
C CYS C 250 2.28 -4.30 29.17
N SER C 251 1.51 -5.13 29.88
CA SER C 251 0.65 -6.14 29.26
C SER C 251 -0.42 -6.63 30.24
N ILE C 252 -1.56 -7.02 29.69
CA ILE C 252 -2.67 -7.61 30.45
C ILE C 252 -2.97 -9.00 29.86
N SER C 253 -3.45 -9.91 30.72
CA SER C 253 -3.73 -11.31 30.34
C SER C 253 -4.89 -11.50 29.34
N GLY C 254 -5.75 -10.50 29.21
CA GLY C 254 -6.86 -10.55 28.26
C GLY C 254 -7.62 -9.23 28.18
N THR C 255 -8.63 -9.19 27.31
CA THR C 255 -9.45 -7.99 27.14
C THR C 255 -10.93 -8.37 27.05
N ASP C 256 -11.79 -7.35 26.92
CA ASP C 256 -13.23 -7.54 26.67
C ASP C 256 -13.58 -7.22 25.22
N ASP C 257 -12.58 -7.17 24.35
CA ASP C 257 -12.80 -6.96 22.92
C ASP C 257 -12.81 -8.26 22.11
N GLY C 258 -12.64 -9.38 22.82
CA GLY C 258 -12.62 -10.70 22.20
C GLY C 258 -11.35 -11.46 22.51
N ASP C 259 -11.44 -12.79 22.38
CA ASP C 259 -10.33 -13.70 22.66
C ASP C 259 -9.07 -13.45 21.81
N ASP C 260 -9.24 -12.76 20.68
CA ASP C 260 -8.14 -12.50 19.75
C ASP C 260 -7.65 -11.04 19.69
N GLU C 261 -8.16 -10.20 20.60
CA GLU C 261 -7.66 -8.83 20.72
C GLU C 261 -7.00 -8.64 22.08
N VAL C 262 -5.68 -8.48 22.06
CA VAL C 262 -4.87 -8.39 23.30
C VAL C 262 -4.40 -6.96 23.56
N THR C 263 -3.71 -6.74 24.69
CA THR C 263 -3.10 -5.44 24.99
C THR C 263 -1.70 -5.56 25.56
N TYR C 264 -0.76 -4.96 24.85
CA TYR C 264 0.63 -4.81 25.30
C TYR C 264 1.25 -3.55 24.71
N MET C 265 2.33 -3.09 25.33
CA MET C 265 3.23 -2.10 24.73
C MET C 265 4.66 -2.34 25.18
N MET C 266 5.59 -1.91 24.34
CA MET C 266 7.03 -1.96 24.63
C MET C 266 7.75 -0.89 23.83
N THR C 267 8.77 -0.30 24.42
CA THR C 267 9.59 0.69 23.73
C THR C 267 10.91 0.05 23.28
N ARG C 268 11.16 0.10 21.98
CA ARG C 268 12.39 -0.41 21.37
C ARG C 268 13.60 0.44 21.78
N ALA C 269 14.74 -0.21 21.98
CA ALA C 269 16.01 0.47 22.27
C ALA C 269 16.43 1.41 21.15
N ALA C 270 17.26 2.40 21.50
CA ALA C 270 17.93 3.26 20.54
C ALA C 270 16.95 4.07 19.68
N GLY C 271 15.92 4.61 20.33
CA GLY C 271 14.92 5.47 19.69
C GLY C 271 14.05 4.82 18.63
N GLY C 272 13.97 3.49 18.67
CA GLY C 272 13.27 2.70 17.65
C GLY C 272 11.76 2.84 17.62
N GLY C 273 11.21 3.46 18.68
CA GLY C 273 9.77 3.68 18.81
C GLY C 273 9.09 2.69 19.74
N THR C 274 7.83 2.96 20.04
CA THR C 274 7.01 2.11 20.89
C THR C 274 6.05 1.29 20.06
N ILE C 275 6.00 0.00 20.36
CA ILE C 275 5.14 -0.94 19.69
C ILE C 275 3.94 -1.14 20.57
N LEU C 276 2.78 -0.81 20.02
CA LEU C 276 1.49 -1.00 20.68
C LEU C 276 0.76 -2.15 20.03
N GLY C 277 0.31 -3.08 20.87
CA GLY C 277 -0.44 -4.23 20.44
C GLY C 277 -1.69 -4.46 21.27
N GLY C 278 -2.53 -5.40 20.84
CA GLY C 278 -2.26 -6.18 19.64
C GLY C 278 -3.37 -7.13 19.30
N THR C 279 -3.02 -8.10 18.45
CA THR C 279 -3.97 -9.01 17.88
C THR C 279 -3.37 -10.43 17.85
N TYR C 280 -4.21 -11.44 18.08
CA TYR C 280 -3.82 -12.84 17.97
C TYR C 280 -4.93 -13.63 17.27
N GLN C 281 -4.97 -13.53 15.94
CA GLN C 281 -6.02 -14.15 15.13
C GLN C 281 -5.51 -15.38 14.38
N LYS C 282 -5.76 -16.54 14.97
CA LYS C 282 -5.41 -17.84 14.38
C LYS C 282 -6.14 -18.02 13.04
N HIS C 283 -5.43 -18.62 12.07
CA HIS C 283 -5.93 -18.88 10.70
C HIS C 283 -6.30 -17.63 9.88
N ASN C 284 -5.77 -16.48 10.27
CA ASN C 284 -6.03 -15.22 9.56
C ASN C 284 -4.73 -14.79 8.87
N TRP C 285 -4.81 -14.67 7.54
CA TRP C 285 -3.64 -14.39 6.69
C TRP C 285 -3.53 -12.93 6.24
N ASP C 286 -4.56 -12.12 6.56
CA ASP C 286 -4.70 -10.73 6.08
C ASP C 286 -3.50 -9.85 6.43
N SER C 287 -2.85 -9.34 5.40
CA SER C 287 -1.58 -8.63 5.54
C SER C 287 -1.73 -7.14 5.85
N LEU C 288 -2.92 -6.60 5.60
CA LEU C 288 -3.13 -5.16 5.65
C LEU C 288 -3.67 -4.72 7.01
N PRO C 289 -3.11 -3.64 7.60
CA PRO C 289 -3.69 -3.18 8.87
C PRO C 289 -5.17 -2.86 8.71
N ASP C 290 -5.98 -3.40 9.62
CA ASP C 290 -7.39 -3.02 9.67
C ASP C 290 -7.50 -1.76 10.53
N PRO C 291 -8.09 -0.67 9.98
CA PRO C 291 -8.25 0.56 10.76
C PRO C 291 -9.03 0.42 12.07
N ASN C 292 -10.16 -0.30 12.09
CA ASN C 292 -10.95 -0.52 13.32
C ASN C 292 -10.10 -1.18 14.40
N LEU C 293 -9.34 -2.20 14.01
CA LEU C 293 -8.49 -2.94 14.94
C LEU C 293 -7.38 -2.06 15.49
N ALA C 294 -6.82 -1.20 14.63
CA ALA C 294 -5.80 -0.22 15.03
C ALA C 294 -6.31 0.75 16.11
N VAL C 295 -7.50 1.30 15.87
CA VAL C 295 -8.16 2.21 16.81
C VAL C 295 -8.35 1.56 18.17
N ARG C 296 -8.77 0.29 18.17
CA ARG C 296 -9.03 -0.46 19.42
C ARG C 296 -7.77 -0.82 20.20
N ILE C 297 -6.68 -1.11 19.48
CA ILE C 297 -5.37 -1.35 20.11
C ILE C 297 -4.93 -0.12 20.89
N MET C 298 -5.00 1.04 20.21
CA MET C 298 -4.58 2.33 20.77
C MET C 298 -5.41 2.78 21.96
N LYS C 299 -6.73 2.57 21.90
CA LYS C 299 -7.62 2.85 23.02
C LYS C 299 -7.32 1.95 24.21
N ARG C 300 -7.10 0.66 23.94
CA ARG C 300 -6.78 -0.31 24.98
C ARG C 300 -5.42 -0.02 25.62
N CYS C 301 -4.48 0.48 24.82
CA CYS C 301 -3.15 0.83 25.30
C CYS C 301 -3.13 2.09 26.17
N ILE C 302 -3.82 3.14 25.73
CA ILE C 302 -3.86 4.40 26.50
C ILE C 302 -4.65 4.29 27.80
N GLU C 303 -5.50 3.26 27.87
CA GLU C 303 -6.25 2.95 29.09
C GLU C 303 -5.52 1.97 30.02
N LEU C 304 -4.65 1.12 29.46
CA LEU C 304 -3.82 0.23 30.26
C LEU C 304 -2.68 0.97 30.95
N CYS C 305 -1.85 1.68 30.16
CA CYS C 305 -0.78 2.51 30.70
C CYS C 305 -0.93 3.97 30.23
N PRO C 306 -1.72 4.79 30.97
CA PRO C 306 -2.03 6.20 30.67
C PRO C 306 -0.85 7.13 30.44
N SER C 307 0.32 6.80 30.99
CA SER C 307 1.56 7.58 30.79
C SER C 307 2.02 7.69 29.33
N LEU C 308 1.43 6.88 28.45
CA LEU C 308 1.63 6.96 27.00
C LEU C 308 1.29 8.34 26.45
N VAL C 309 0.39 9.02 27.14
CA VAL C 309 -0.20 10.27 26.69
C VAL C 309 -0.30 11.26 27.85
N ALA C 310 -0.46 12.55 27.52
CA ALA C 310 -0.62 13.62 28.51
C ALA C 310 -1.96 13.50 29.27
N PRO C 311 -2.03 14.00 30.52
CA PRO C 311 -3.19 13.83 31.42
C PRO C 311 -4.59 13.88 30.80
N GLY C 312 -4.87 14.88 29.97
CA GLY C 312 -6.22 15.07 29.41
C GLY C 312 -6.57 14.25 28.17
N GLN C 313 -5.57 13.64 27.54
CA GLN C 313 -5.68 13.17 26.15
C GLN C 313 -6.18 11.74 25.95
N GLY C 314 -6.78 11.51 24.77
CA GLY C 314 -7.09 10.17 24.28
C GLY C 314 -6.13 9.76 23.18
N ILE C 315 -6.64 9.02 22.19
CA ILE C 315 -5.87 8.47 21.05
C ILE C 315 -5.06 9.53 20.26
N GLU C 316 -5.56 10.77 20.22
CA GLU C 316 -4.94 11.89 19.50
C GLU C 316 -3.58 12.38 20.01
N GLY C 317 -3.25 12.03 21.25
CA GLY C 317 -1.94 12.36 21.82
C GLY C 317 -0.87 11.33 21.51
N LEU C 318 -1.26 10.22 20.88
CA LEU C 318 -0.28 9.29 20.31
C LEU C 318 0.23 9.82 18.97
N ASP C 319 1.55 9.83 18.83
CA ASP C 319 2.22 10.23 17.60
C ASP C 319 2.62 8.99 16.79
N ILE C 320 1.68 8.55 15.94
CA ILE C 320 1.81 7.33 15.15
C ILE C 320 2.93 7.43 14.09
N ILE C 321 3.79 6.41 14.07
CA ILE C 321 4.81 6.25 13.03
C ILE C 321 4.21 5.55 11.80
N ARG C 322 3.58 4.40 12.05
CA ARG C 322 2.96 3.54 11.02
C ARG C 322 2.16 2.43 11.70
N HIS C 323 1.38 1.71 10.90
CA HIS C 323 0.75 0.47 11.32
C HIS C 323 1.53 -0.73 10.76
N GLY C 324 1.28 -1.91 11.30
CA GLY C 324 1.90 -3.13 10.78
C GLY C 324 1.18 -4.42 11.16
N VAL C 325 1.46 -5.46 10.38
CA VAL C 325 0.83 -6.76 10.53
C VAL C 325 1.86 -7.82 10.17
N GLY C 326 2.08 -8.74 11.12
CA GLY C 326 2.84 -9.96 10.86
C GLY C 326 2.01 -11.20 11.14
N LEU C 327 2.48 -12.34 10.65
CA LEU C 327 1.83 -13.63 10.92
C LEU C 327 2.73 -14.53 11.72
N ARG C 328 2.35 -14.80 12.97
CA ARG C 328 3.12 -15.67 13.86
C ARG C 328 3.11 -17.11 13.33
N PRO C 329 4.30 -17.73 13.19
CA PRO C 329 4.33 -19.10 12.67
C PRO C 329 4.01 -20.11 13.77
N VAL C 330 2.72 -20.26 14.09
CA VAL C 330 2.25 -21.17 15.16
C VAL C 330 2.20 -22.61 14.65
N ARG C 331 2.85 -23.50 15.39
CA ARG C 331 2.80 -24.94 15.13
C ARG C 331 2.11 -25.64 16.29
N GLU C 332 1.32 -26.66 15.98
CA GLU C 332 0.49 -27.37 16.98
C GLU C 332 1.28 -27.86 18.20
N ASP C 333 2.44 -28.47 17.95
CA ASP C 333 3.31 -29.02 19.01
C ASP C 333 4.47 -28.08 19.37
N GLY C 334 4.38 -26.84 18.89
CA GLY C 334 5.42 -25.83 19.10
C GLY C 334 6.58 -26.05 18.15
N PRO C 335 7.78 -25.51 18.49
CA PRO C 335 8.94 -25.60 17.60
C PRO C 335 9.37 -27.01 17.24
N ARG C 336 9.57 -27.22 15.94
CA ARG C 336 10.12 -28.47 15.41
C ARG C 336 11.62 -28.30 15.25
N ILE C 337 12.38 -28.94 16.14
CA ILE C 337 13.84 -29.00 16.02
C ILE C 337 14.26 -30.48 16.01
N GLU C 338 14.49 -30.99 14.79
CA GLU C 338 14.86 -32.40 14.55
C GLU C 338 15.49 -32.61 13.17
N LYS C 339 16.26 -33.69 13.05
CA LYS C 339 16.90 -34.06 11.77
C LYS C 339 15.98 -34.92 10.92
N GLU C 340 16.18 -34.83 9.60
CA GLU C 340 15.41 -35.60 8.62
C GLU C 340 16.22 -35.68 7.32
N LEU C 341 16.41 -36.90 6.83
CA LEU C 341 17.02 -37.09 5.52
C LEU C 341 15.96 -36.92 4.43
N ILE C 342 16.07 -35.84 3.68
CA ILE C 342 15.05 -35.44 2.68
C ILE C 342 15.68 -35.36 1.30
N ASP C 343 15.29 -36.30 0.42
CA ASP C 343 15.83 -36.43 -0.94
C ASP C 343 17.37 -36.60 -0.94
N GLY C 344 17.88 -37.36 0.03
CA GLY C 344 19.32 -37.57 0.20
C GLY C 344 20.10 -36.37 0.72
N VAL C 345 19.38 -35.44 1.36
CA VAL C 345 19.99 -34.25 1.97
C VAL C 345 19.56 -34.19 3.45
N TRP C 346 20.55 -34.16 4.34
CA TRP C 346 20.29 -34.00 5.76
C TRP C 346 19.79 -32.60 6.07
N VAL C 347 18.67 -32.55 6.78
CA VAL C 347 17.99 -31.31 7.09
C VAL C 347 17.72 -31.28 8.59
N VAL C 348 18.07 -30.17 9.22
CA VAL C 348 17.68 -29.91 10.61
C VAL C 348 16.68 -28.75 10.59
N HIS C 349 15.45 -29.06 10.97
CA HIS C 349 14.40 -28.06 11.05
C HIS C 349 14.57 -27.19 12.29
N ASN C 350 14.22 -25.91 12.17
CA ASN C 350 14.12 -25.02 13.31
C ASN C 350 13.07 -23.96 12.99
N TYR C 351 11.81 -24.39 13.06
CA TYR C 351 10.68 -23.52 12.74
C TYR C 351 9.48 -23.81 13.64
N GLY C 352 8.53 -22.88 13.63
CA GLY C 352 7.27 -23.02 14.36
C GLY C 352 7.30 -22.36 15.72
N HIS C 353 7.83 -21.12 15.76
CA HIS C 353 8.10 -20.42 17.01
C HIS C 353 6.95 -19.49 17.44
N GLY C 354 5.84 -19.52 16.69
CA GLY C 354 4.64 -18.73 17.05
C GLY C 354 4.93 -17.30 17.47
N GLY C 355 4.49 -16.94 18.68
CA GLY C 355 4.71 -15.59 19.26
C GLY C 355 5.95 -15.47 20.16
N TYR C 356 6.82 -16.47 20.14
CA TYR C 356 7.96 -16.52 21.08
C TYR C 356 9.33 -16.80 20.45
N GLY C 357 9.46 -16.52 19.15
CA GLY C 357 10.69 -16.78 18.40
C GLY C 357 11.94 -16.04 18.83
N TYR C 358 11.78 -14.82 19.36
CA TYR C 358 12.92 -14.06 19.88
C TYR C 358 13.30 -14.56 21.28
N GLN C 359 12.29 -14.74 22.12
CA GLN C 359 12.50 -15.16 23.52
C GLN C 359 12.90 -16.64 23.69
N THR C 360 12.76 -17.44 22.63
CA THR C 360 13.30 -18.82 22.57
C THR C 360 14.55 -18.95 21.68
N SER C 361 15.02 -17.84 21.09
CA SER C 361 15.92 -17.89 19.95
C SER C 361 17.23 -18.63 20.21
N PHE C 362 17.94 -18.23 21.26
CA PHE C 362 19.22 -18.86 21.62
C PHE C 362 19.09 -20.27 22.19
N GLY C 363 18.02 -20.53 22.94
CA GLY C 363 17.71 -21.86 23.44
C GLY C 363 17.43 -22.83 22.31
N CYS C 364 16.62 -22.39 21.34
CA CYS C 364 16.26 -23.18 20.16
C CYS C 364 17.43 -23.41 19.22
N ALA C 365 18.23 -22.35 19.00
CA ALA C 365 19.42 -22.42 18.16
C ALA C 365 20.47 -23.39 18.72
N THR C 366 20.59 -23.42 20.05
CA THR C 366 21.51 -24.32 20.75
C THR C 366 21.17 -25.79 20.56
N THR C 367 19.88 -26.11 20.70
CA THR C 367 19.37 -27.47 20.47
C THR C 367 19.57 -27.89 19.02
N ALA C 368 19.23 -26.99 18.10
CA ALA C 368 19.51 -27.13 16.67
C ALA C 368 20.99 -27.39 16.37
N VAL C 369 21.89 -26.64 17.01
CA VAL C 369 23.35 -26.86 16.88
C VAL C 369 23.71 -28.31 17.26
N GLU C 370 23.08 -28.84 18.31
CA GLU C 370 23.28 -30.23 18.71
C GLU C 370 22.64 -31.27 17.78
N VAL C 371 21.50 -30.92 17.17
CA VAL C 371 20.86 -31.84 16.21
C VAL C 371 21.70 -31.91 14.91
N VAL C 372 22.25 -30.76 14.51
CA VAL C 372 23.22 -30.66 13.40
C VAL C 372 24.47 -31.53 13.67
N ARG C 373 25.03 -31.41 14.88
CA ARG C 373 26.18 -32.22 15.31
C ARG C 373 25.88 -33.72 15.21
N GLU C 374 24.74 -34.12 15.78
CA GLU C 374 24.22 -35.48 15.73
C GLU C 374 23.99 -35.99 14.30
N ALA C 375 23.43 -35.14 13.44
CA ALA C 375 23.16 -35.49 12.04
C ALA C 375 24.45 -35.67 11.23
N LEU C 376 25.43 -34.78 11.46
CA LEU C 376 26.75 -34.90 10.87
C LEU C 376 27.52 -36.12 11.39
N GLN C 377 27.37 -36.41 12.69
CA GLN C 377 27.98 -37.58 13.34
C GLN C 377 27.49 -38.90 12.76
N GLN C 378 26.21 -38.94 12.38
CA GLN C 378 25.62 -40.09 11.69
C GLN C 378 26.08 -40.14 10.23
N GLN C 379 26.25 -38.97 9.64
CA GLN C 379 26.73 -38.81 8.26
C GLN C 379 28.20 -39.23 8.10
N LYS C 380 29.01 -38.94 9.12
CA LYS C 380 30.45 -39.25 9.13
C LYS C 380 30.72 -40.75 9.04
N GLN C 381 30.00 -41.53 9.85
CA GLN C 381 30.14 -42.99 9.89
C GLN C 381 29.45 -43.63 8.68
N THR D 23 30.93 21.07 29.34
CA THR D 23 30.20 20.01 28.58
C THR D 23 29.14 20.63 27.67
N ASN D 24 29.07 20.10 26.45
CA ASN D 24 28.22 20.66 25.40
C ASN D 24 27.02 19.77 25.14
N ASN D 25 25.83 20.29 25.44
CA ASN D 25 24.59 19.58 25.18
C ASN D 25 24.15 19.82 23.74
N ILE D 26 24.35 18.79 22.91
CA ILE D 26 24.05 18.87 21.47
C ILE D 26 22.88 17.94 21.13
N VAL D 27 21.88 18.51 20.46
CA VAL D 27 20.83 17.72 19.83
C VAL D 27 21.12 17.65 18.33
N VAL D 28 21.31 16.43 17.83
CA VAL D 28 21.39 16.22 16.40
C VAL D 28 19.97 15.96 15.93
N LEU D 29 19.46 16.90 15.13
CA LEU D 29 18.12 16.79 14.60
C LEU D 29 18.20 16.03 13.28
N GLY D 30 17.76 14.77 13.30
CA GLY D 30 17.81 13.89 12.13
C GLY D 30 18.59 12.61 12.32
N ALA D 31 18.08 11.52 11.75
CA ALA D 31 18.73 10.23 11.87
C ALA D 31 18.90 9.51 10.53
N GLY D 32 19.10 10.28 9.45
CA GLY D 32 19.58 9.74 8.16
C GLY D 32 21.10 9.70 8.17
N VAL D 33 21.73 9.45 7.03
CA VAL D 33 23.21 9.41 6.94
C VAL D 33 23.87 10.63 7.54
N SER D 34 23.36 11.81 7.17
CA SER D 34 23.93 13.09 7.59
C SER D 34 23.93 13.22 9.11
N GLY D 35 22.75 13.03 9.71
CA GLY D 35 22.55 13.05 11.16
C GLY D 35 23.37 12.02 11.91
N LEU D 36 23.28 10.77 11.48
CA LEU D 36 23.98 9.67 12.15
C LEU D 36 25.50 9.82 12.05
N THR D 37 25.99 10.16 10.85
CA THR D 37 27.44 10.28 10.64
C THR D 37 28.00 11.45 11.45
N THR D 38 27.26 12.57 11.47
CA THR D 38 27.66 13.76 12.25
C THR D 38 27.64 13.49 13.76
N ALA D 39 26.58 12.84 14.25
CA ALA D 39 26.47 12.45 15.66
C ALA D 39 27.61 11.54 16.08
N TRP D 40 28.00 10.63 15.18
CA TRP D 40 29.09 9.70 15.43
C TRP D 40 30.44 10.43 15.52
N LEU D 41 30.71 11.34 14.59
CA LEU D 41 31.95 12.13 14.66
C LEU D 41 31.98 13.02 15.90
N LEU D 42 30.83 13.61 16.24
CA LEU D 42 30.70 14.45 17.44
C LEU D 42 30.90 13.67 18.73
N SER D 43 30.42 12.42 18.74
CA SER D 43 30.51 11.51 19.89
C SER D 43 31.93 11.11 20.30
N LYS D 44 32.87 11.28 19.38
CA LYS D 44 34.29 10.99 19.64
C LYS D 44 34.91 11.97 20.63
N ASP D 45 34.28 13.14 20.76
CA ASP D 45 34.64 14.17 21.73
C ASP D 45 33.86 13.91 23.02
N PRO D 46 34.56 13.59 24.14
CA PRO D 46 33.88 13.29 25.41
C PRO D 46 33.21 14.49 26.08
N SER D 47 33.60 15.71 25.67
CA SER D 47 32.96 16.95 26.14
C SER D 47 31.62 17.21 25.45
N ASN D 48 31.28 16.38 24.45
CA ASN D 48 29.97 16.40 23.80
C ASN D 48 29.02 15.39 24.44
N LYS D 49 27.86 15.87 24.87
CA LYS D 49 26.72 15.02 25.26
C LYS D 49 25.70 15.09 24.14
N ILE D 50 25.40 13.94 23.54
CA ILE D 50 24.66 13.88 22.26
C ILE D 50 23.31 13.17 22.36
N THR D 51 22.27 13.90 21.96
CA THR D 51 20.95 13.34 21.70
C THR D 51 20.73 13.38 20.19
N VAL D 52 20.32 12.24 19.62
CA VAL D 52 19.74 12.24 18.27
C VAL D 52 18.22 12.20 18.39
N ALA D 53 17.58 13.29 17.97
CA ALA D 53 16.12 13.40 17.94
C ALA D 53 15.65 13.44 16.49
N ALA D 54 14.67 12.60 16.16
CA ALA D 54 14.25 12.42 14.76
C ALA D 54 12.83 11.88 14.62
N LYS D 55 12.16 12.28 13.52
CA LYS D 55 10.83 11.76 13.20
C LYS D 55 10.91 10.28 12.78
N HIS D 56 11.83 9.99 11.86
CA HIS D 56 12.01 8.66 11.31
C HIS D 56 13.38 8.09 11.64
N MET D 57 13.42 6.79 11.94
CA MET D 57 14.64 6.12 12.36
C MET D 57 14.93 4.92 11.45
N PRO D 58 16.20 4.43 11.41
CA PRO D 58 16.47 3.22 10.64
C PRO D 58 15.52 2.08 11.01
N GLY D 59 14.99 1.43 9.98
CA GLY D 59 13.91 0.47 10.16
C GLY D 59 12.60 1.01 9.60
N ASP D 60 12.51 2.34 9.49
CA ASP D 60 11.35 3.01 8.90
C ASP D 60 11.51 3.16 7.39
N TYR D 61 10.41 2.98 6.67
CA TYR D 61 10.34 3.37 5.27
C TYR D 61 9.26 4.44 5.12
N ASP D 62 9.69 5.61 4.68
CA ASP D 62 8.79 6.74 4.51
C ASP D 62 9.36 7.68 3.48
N ILE D 63 8.48 8.35 2.76
CA ILE D 63 8.87 9.29 1.70
C ILE D 63 9.60 10.53 2.23
N GLU D 64 9.43 10.84 3.52
CA GLU D 64 10.12 11.97 4.15
C GLU D 64 11.55 11.61 4.55
N TYR D 65 11.83 10.30 4.59
CA TYR D 65 13.09 9.76 5.07
C TYR D 65 13.89 9.14 3.94
N CYS D 66 14.80 9.93 3.35
CA CYS D 66 15.51 9.54 2.13
C CYS D 66 16.49 8.37 2.28
N SER D 67 17.25 8.37 3.38
CA SER D 67 18.41 7.47 3.54
C SER D 67 18.21 5.98 3.24
N PRO D 68 17.09 5.36 3.73
CA PRO D 68 16.80 3.95 3.42
C PRO D 68 16.54 3.64 1.94
N TRP D 69 16.15 4.64 1.16
CA TRP D 69 15.85 4.47 -0.27
C TRP D 69 17.10 4.38 -1.16
N ALA D 70 18.24 4.84 -0.64
CA ALA D 70 19.48 4.88 -1.40
C ALA D 70 20.02 3.48 -1.70
N GLY D 71 20.80 3.37 -2.77
CA GLY D 71 21.40 2.10 -3.22
C GLY D 71 22.16 1.28 -2.17
N ALA D 72 23.26 1.80 -1.62
CA ALA D 72 23.92 3.02 -2.04
C ALA D 72 25.35 2.73 -2.47
N ASN D 73 25.91 3.58 -3.33
CA ASN D 73 27.33 3.48 -3.70
C ASN D 73 28.11 4.79 -3.72
N TYR D 74 29.41 4.64 -3.95
CA TYR D 74 30.35 5.75 -4.07
C TYR D 74 30.71 5.92 -5.55
N LEU D 75 30.14 6.94 -6.15
CA LEU D 75 30.37 7.25 -7.55
C LEU D 75 30.39 8.76 -7.64
N PRO D 76 31.59 9.39 -7.50
CA PRO D 76 31.69 10.85 -7.45
C PRO D 76 30.95 11.54 -8.59
N VAL D 77 30.29 12.65 -8.26
CA VAL D 77 29.55 13.47 -9.22
C VAL D 77 30.06 14.92 -9.22
N GLY D 78 30.78 15.30 -8.17
CA GLY D 78 31.35 16.64 -8.04
C GLY D 78 32.61 16.83 -8.86
N ALA D 79 32.85 18.06 -9.30
CA ALA D 79 34.08 18.42 -10.01
C ALA D 79 35.22 18.52 -9.01
N GLU D 80 36.44 18.33 -9.49
CA GLU D 80 37.64 18.18 -8.65
C GLU D 80 37.77 19.13 -7.46
N ASN D 81 37.62 20.43 -7.72
CA ASN D 81 37.82 21.48 -6.72
C ASN D 81 36.52 22.13 -6.23
N SER D 82 35.39 21.51 -6.54
CA SER D 82 34.10 21.87 -5.95
C SER D 82 34.04 21.41 -4.49
N ARG D 83 33.24 22.09 -3.67
CA ARG D 83 32.97 21.65 -2.29
C ARG D 83 32.53 20.17 -2.24
N VAL D 84 31.56 19.81 -3.09
CA VAL D 84 31.06 18.43 -3.21
C VAL D 84 32.21 17.46 -3.54
N GLY D 85 33.05 17.85 -4.51
CA GLY D 85 34.21 17.09 -4.95
C GLY D 85 35.21 16.79 -3.85
N GLN D 86 35.54 17.82 -3.06
CA GLN D 86 36.45 17.66 -1.93
C GLN D 86 35.81 16.86 -0.79
N TRP D 87 34.49 17.00 -0.62
CA TRP D 87 33.76 16.19 0.34
C TRP D 87 33.71 14.71 -0.05
N GLU D 88 33.52 14.45 -1.34
CA GLU D 88 33.60 13.08 -1.90
C GLU D 88 34.99 12.48 -1.68
N ARG D 89 36.01 13.29 -1.96
CA ARG D 89 37.41 12.91 -1.81
C ARG D 89 37.72 12.56 -0.34
N ALA D 90 37.24 13.38 0.59
CA ALA D 90 37.45 13.18 2.02
C ALA D 90 36.74 11.95 2.60
N THR D 91 35.60 11.59 2.01
CA THR D 91 34.75 10.47 2.47
C THR D 91 35.31 9.10 2.10
N TRP D 92 35.98 9.00 0.96
CA TRP D 92 36.48 7.69 0.48
C TRP D 92 37.25 6.88 1.54
N PRO D 93 38.30 7.47 2.19
CA PRO D 93 39.09 6.69 3.17
C PRO D 93 38.28 6.14 4.34
N HIS D 94 37.24 6.87 4.76
CA HIS D 94 36.33 6.36 5.78
C HIS D 94 35.58 5.12 5.28
N LEU D 95 34.99 5.20 4.08
CA LEU D 95 34.28 4.07 3.48
C LEU D 95 35.19 2.86 3.16
N ARG D 96 36.35 3.13 2.57
CA ARG D 96 37.36 2.10 2.31
C ARG D 96 37.71 1.34 3.60
N ASP D 97 38.02 2.09 4.65
CA ASP D 97 38.39 1.50 5.95
C ASP D 97 37.29 0.62 6.53
N ILE D 98 36.04 1.08 6.43
CA ILE D 98 34.86 0.30 6.86
C ILE D 98 34.69 -0.98 6.03
N ALA D 99 34.77 -0.86 4.71
CA ALA D 99 34.70 -2.03 3.82
C ALA D 99 35.84 -3.03 4.08
N GLN D 100 37.02 -2.52 4.38
CA GLN D 100 38.20 -3.35 4.65
C GLN D 100 38.14 -4.10 5.99
N ASN D 101 37.83 -3.38 7.05
CA ASN D 101 38.04 -3.85 8.42
C ASN D 101 36.79 -4.17 9.21
N HIS D 102 35.63 -3.73 8.73
CA HIS D 102 34.39 -3.95 9.46
C HIS D 102 33.26 -4.50 8.59
N PRO D 103 33.30 -5.82 8.27
CA PRO D 103 32.23 -6.44 7.46
C PRO D 103 30.83 -6.37 8.10
N GLU D 104 30.79 -6.24 9.42
CA GLU D 104 29.52 -6.07 10.16
C GLU D 104 28.72 -4.82 9.77
N ALA D 105 29.41 -3.82 9.22
CA ALA D 105 28.80 -2.55 8.81
C ALA D 105 27.98 -2.61 7.52
N GLY D 106 28.12 -3.71 6.77
CA GLY D 106 27.34 -3.92 5.54
C GLY D 106 27.81 -3.11 4.35
N ILE D 107 29.11 -2.84 4.29
CA ILE D 107 29.72 -2.25 3.10
C ILE D 107 30.74 -3.24 2.52
N HIS D 108 30.68 -3.48 1.22
CA HIS D 108 31.73 -4.27 0.55
C HIS D 108 32.26 -3.62 -0.73
N PHE D 109 33.48 -4.02 -1.11
CA PHE D 109 34.07 -3.57 -2.37
C PHE D 109 33.41 -4.26 -3.56
N GLN D 110 33.26 -3.53 -4.65
CA GLN D 110 32.70 -4.06 -5.89
C GLN D 110 33.45 -3.47 -7.08
N ASP D 111 33.64 -4.29 -8.11
CA ASP D 111 34.13 -3.85 -9.41
C ASP D 111 33.03 -3.01 -10.04
N THR D 112 33.42 -1.87 -10.61
CA THR D 112 32.48 -0.88 -11.15
C THR D 112 32.81 -0.60 -12.60
N VAL D 113 31.76 -0.39 -13.40
CA VAL D 113 31.88 0.13 -14.78
C VAL D 113 31.02 1.38 -14.94
N VAL D 114 31.62 2.44 -15.46
CA VAL D 114 30.88 3.66 -15.81
C VAL D 114 31.02 3.85 -17.32
N TYR D 115 29.90 3.82 -18.03
CA TYR D 115 29.86 4.08 -19.47
C TYR D 115 29.41 5.52 -19.74
N ASN D 116 30.17 6.23 -20.56
CA ASN D 116 29.80 7.58 -20.96
C ASN D 116 29.37 7.60 -22.41
N ARG D 117 28.15 8.03 -22.63
CA ARG D 117 27.56 8.20 -23.96
C ARG D 117 28.03 9.49 -24.63
N THR D 118 27.52 9.73 -25.84
CA THR D 118 27.90 10.91 -26.64
C THR D 118 27.10 12.17 -26.26
N LYS D 119 25.82 12.00 -25.89
CA LYS D 119 24.97 13.11 -25.45
C LYS D 119 25.35 13.63 -24.07
N PRO D 135 36.09 11.54 -19.55
CA PRO D 135 37.42 10.95 -19.66
C PRO D 135 38.38 11.50 -18.62
N ASN D 136 39.29 10.64 -18.15
CA ASN D 136 40.26 10.93 -17.08
C ASN D 136 39.68 11.68 -15.86
N PRO D 137 38.62 11.13 -15.22
CA PRO D 137 38.02 11.84 -14.09
C PRO D 137 38.92 11.79 -12.86
N TRP D 138 38.79 12.79 -11.99
CA TRP D 138 39.67 12.94 -10.82
C TRP D 138 39.70 11.75 -9.86
N TYR D 139 38.58 11.03 -9.76
CA TYR D 139 38.48 9.82 -8.92
C TYR D 139 39.35 8.65 -9.39
N GLY D 140 39.92 8.80 -10.59
CA GLY D 140 40.87 7.85 -11.16
C GLY D 140 42.20 7.78 -10.42
N LYS D 141 42.54 8.86 -9.72
CA LYS D 141 43.73 8.93 -8.85
C LYS D 141 43.40 8.53 -7.42
N VAL D 142 42.11 8.37 -7.13
CA VAL D 142 41.61 8.13 -5.77
C VAL D 142 41.27 6.65 -5.59
N LEU D 143 40.44 6.12 -6.49
CA LEU D 143 39.90 4.76 -6.36
C LEU D 143 40.87 3.67 -6.84
N PRO D 144 40.85 2.48 -6.18
CA PRO D 144 41.78 1.43 -6.58
C PRO D 144 41.41 0.78 -7.91
N ASN D 145 42.41 0.20 -8.59
CA ASN D 145 42.23 -0.58 -9.83
C ASN D 145 41.58 0.22 -10.98
N PHE D 146 41.89 1.51 -11.06
CA PHE D 146 41.31 2.36 -12.09
C PHE D 146 41.94 2.10 -13.46
N ARG D 147 41.08 1.79 -14.44
CA ARG D 147 41.50 1.77 -15.83
C ARG D 147 40.46 2.46 -16.70
N GLU D 148 40.95 3.16 -17.73
CA GLU D 148 40.08 3.71 -18.77
C GLU D 148 40.01 2.70 -19.91
N LEU D 149 38.81 2.53 -20.46
CA LEU D 149 38.57 1.57 -21.54
C LEU D 149 38.98 2.12 -22.90
N SER D 150 39.63 1.25 -23.70
CA SER D 150 39.99 1.57 -25.09
C SER D 150 38.79 1.37 -26.03
N LYS D 151 38.84 2.03 -27.18
CA LYS D 151 37.72 2.03 -28.16
C LYS D 151 37.36 0.68 -28.78
N ASP D 152 38.30 -0.26 -28.73
CA ASP D 152 38.06 -1.65 -29.15
C ASP D 152 37.18 -2.41 -28.15
N GLU D 153 37.10 -1.89 -26.92
CA GLU D 153 36.27 -2.47 -25.84
C GLU D 153 34.94 -1.73 -25.65
N LEU D 154 34.85 -0.50 -26.16
CA LEU D 154 33.66 0.34 -26.01
C LEU D 154 32.61 0.06 -27.10
N PRO D 155 31.34 -0.21 -26.69
CA PRO D 155 30.20 -0.42 -27.60
C PRO D 155 29.85 0.83 -28.44
N PRO D 156 29.04 0.67 -29.53
CA PRO D 156 28.65 1.85 -30.33
C PRO D 156 27.77 2.83 -29.55
N GLY D 157 28.01 4.13 -29.76
CA GLY D 157 27.30 5.18 -29.04
C GLY D 157 27.93 5.54 -27.70
N ILE D 158 28.99 4.83 -27.34
CA ILE D 158 29.73 5.05 -26.09
C ILE D 158 31.05 5.76 -26.41
N ASP D 159 31.26 6.90 -25.76
CA ASP D 159 32.43 7.75 -25.99
C ASP D 159 33.67 7.26 -25.24
N ASN D 160 33.50 7.03 -23.94
CA ASN D 160 34.56 6.58 -23.04
C ASN D 160 33.95 5.82 -21.87
N ALA D 161 34.77 5.01 -21.20
CA ALA D 161 34.34 4.23 -20.05
C ALA D 161 35.42 4.14 -18.99
N ASN D 162 34.98 4.06 -17.73
CA ASN D 162 35.88 3.87 -16.58
C ASN D 162 35.55 2.56 -15.88
N ARG D 163 36.59 1.82 -15.51
CA ARG D 163 36.46 0.65 -14.67
C ARG D 163 37.33 0.85 -13.43
N PHE D 164 36.85 0.37 -12.28
CA PHE D 164 37.49 0.60 -10.97
C PHE D 164 36.81 -0.16 -9.85
N THR D 165 37.45 -0.17 -8.67
CA THR D 165 36.87 -0.71 -7.45
C THR D 165 36.33 0.46 -6.64
N SER D 166 35.03 0.39 -6.31
CA SER D 166 34.40 1.31 -5.37
C SER D 166 33.71 0.47 -4.30
N VAL D 167 32.74 1.04 -3.59
CA VAL D 167 31.96 0.29 -2.59
C VAL D 167 30.45 0.31 -2.85
N CYS D 168 29.77 -0.75 -2.47
CA CYS D 168 28.31 -0.70 -2.32
C CYS D 168 27.91 -0.88 -0.86
N ILE D 169 27.08 0.05 -0.41
CA ILE D 169 26.54 0.08 0.94
C ILE D 169 25.16 -0.60 0.97
N ASN D 170 25.08 -1.68 1.73
CA ASN D 170 23.78 -2.23 2.17
C ASN D 170 23.25 -1.26 3.24
N THR D 171 22.42 -0.31 2.80
CA THR D 171 21.89 0.75 3.68
C THR D 171 21.00 0.21 4.79
N ALA D 172 20.33 -0.91 4.52
CA ALA D 172 19.53 -1.61 5.53
C ALA D 172 20.36 -2.15 6.71
N VAL D 173 21.66 -2.37 6.49
CA VAL D 173 22.58 -2.83 7.54
C VAL D 173 23.43 -1.67 8.08
N TYR D 174 23.87 -0.79 7.18
CA TYR D 174 24.75 0.33 7.52
C TYR D 174 24.10 1.40 8.40
N LEU D 175 22.86 1.80 8.07
CA LEU D 175 22.14 2.78 8.89
C LEU D 175 21.98 2.34 10.36
N PRO D 176 21.49 1.10 10.61
CA PRO D 176 21.48 0.61 12.01
C PRO D 176 22.87 0.46 12.62
N TRP D 177 23.86 0.04 11.82
CA TRP D 177 25.25 -0.04 12.28
C TRP D 177 25.71 1.33 12.82
N LEU D 178 25.42 2.39 12.05
CA LEU D 178 25.74 3.76 12.49
C LEU D 178 25.02 4.17 13.79
N VAL D 179 23.75 3.78 13.93
CA VAL D 179 23.00 3.92 15.20
C VAL D 179 23.77 3.20 16.32
N GLY D 180 24.24 1.98 16.05
CA GLY D 180 24.95 1.16 17.04
C GLY D 180 26.26 1.75 17.50
N GLN D 181 27.00 2.33 16.56
CA GLN D 181 28.27 3.04 16.83
C GLN D 181 28.07 4.33 17.63
N CYS D 182 26.97 5.01 17.35
CA CYS D 182 26.58 6.18 18.14
C CYS D 182 26.24 5.72 19.57
N ARG D 183 25.38 4.69 19.69
CA ARG D 183 25.00 4.09 20.99
C ARG D 183 26.21 3.68 21.85
N LYS D 184 27.18 3.02 21.21
CA LYS D 184 28.42 2.56 21.87
C LYS D 184 29.24 3.71 22.46
N ASN D 185 29.06 4.90 21.89
CA ASN D 185 29.74 6.13 22.31
C ASN D 185 28.88 7.03 23.22
N GLY D 186 27.80 6.47 23.75
CA GLY D 186 26.92 7.18 24.69
C GLY D 186 25.78 8.02 24.11
N VAL D 187 25.68 8.07 22.77
CA VAL D 187 24.63 8.86 22.10
C VAL D 187 23.24 8.29 22.42
N VAL D 188 22.32 9.16 22.80
CA VAL D 188 20.93 8.77 23.12
C VAL D 188 20.02 9.16 21.95
N PHE D 189 19.15 8.23 21.58
CA PHE D 189 18.22 8.38 20.46
C PHE D 189 16.80 8.57 20.96
N LYS D 190 16.14 9.62 20.47
CA LYS D 190 14.76 9.91 20.85
C LYS D 190 13.89 10.13 19.62
N ARG D 191 12.71 9.52 19.62
CA ARG D 191 11.66 9.84 18.65
C ARG D 191 11.10 11.22 18.91
N ALA D 192 11.13 12.11 17.91
CA ALA D 192 10.55 13.46 18.05
C ALA D 192 10.07 14.06 16.75
N VAL D 193 9.09 14.96 16.84
CA VAL D 193 8.62 15.73 15.68
C VAL D 193 8.64 17.19 16.10
N PHE D 194 9.25 18.01 15.25
CA PHE D 194 9.39 19.44 15.51
C PHE D 194 8.80 20.23 14.35
N LYS D 195 8.04 21.27 14.69
CA LYS D 195 7.53 22.22 13.70
C LYS D 195 8.57 23.29 13.36
N HIS D 196 9.44 23.59 14.33
CA HIS D 196 10.43 24.65 14.23
C HIS D 196 11.77 24.14 14.76
N VAL D 197 12.86 24.48 14.05
CA VAL D 197 14.21 23.98 14.36
C VAL D 197 14.65 24.22 15.82
N ALA D 198 14.26 25.37 16.38
CA ALA D 198 14.65 25.75 17.74
C ALA D 198 14.10 24.83 18.83
N GLU D 199 12.93 24.23 18.57
CA GLU D 199 12.27 23.27 19.48
C GLU D 199 13.15 22.09 19.85
N ALA D 200 14.03 21.70 18.92
CA ALA D 200 14.96 20.59 19.13
C ALA D 200 15.87 20.79 20.35
N ALA D 201 16.16 22.06 20.66
CA ALA D 201 16.93 22.42 21.86
C ALA D 201 16.26 22.06 23.19
N ASN D 202 14.97 21.70 23.14
CA ASN D 202 14.22 21.27 24.32
C ASN D 202 14.06 19.74 24.40
N ALA D 203 14.73 19.02 23.51
CA ALA D 203 14.62 17.57 23.42
C ALA D 203 15.87 16.81 23.91
N HIS D 204 16.85 17.55 24.44
CA HIS D 204 18.11 16.94 24.90
C HIS D 204 17.91 16.00 26.09
N HIS D 205 18.56 14.83 26.05
CA HIS D 205 18.34 13.77 27.05
C HIS D 205 18.83 14.09 28.48
N SER D 206 19.61 15.16 28.62
CA SER D 206 20.05 15.66 29.93
C SER D 206 18.89 16.28 30.70
N GLY D 207 17.95 16.87 29.97
CA GLY D 207 16.86 17.64 30.56
C GLY D 207 17.15 19.13 30.56
N GLN D 208 18.41 19.47 30.26
CA GLN D 208 18.85 20.86 30.13
C GLN D 208 18.66 21.33 28.70
N LYS D 209 18.53 22.64 28.51
CA LYS D 209 18.38 23.25 27.20
C LYS D 209 19.68 23.10 26.41
N ALA D 210 19.56 22.56 25.19
CA ALA D 210 20.73 22.29 24.36
C ALA D 210 21.48 23.56 24.02
N ASP D 211 22.80 23.46 24.05
CA ASP D 211 23.66 24.57 23.64
C ASP D 211 23.64 24.77 22.13
N LEU D 212 23.48 23.65 21.40
CA LEU D 212 23.54 23.64 19.95
C LEU D 212 22.64 22.56 19.37
N VAL D 213 22.03 22.86 18.22
CA VAL D 213 21.22 21.91 17.46
C VAL D 213 21.87 21.79 16.09
N VAL D 214 22.15 20.57 15.66
CA VAL D 214 22.59 20.37 14.28
C VAL D 214 21.44 19.89 13.40
N ASN D 215 21.10 20.71 12.41
CA ASN D 215 19.95 20.49 11.54
C ASN D 215 20.29 19.56 10.38
N CYS D 216 19.97 18.28 10.57
CA CYS D 216 20.21 17.23 9.58
C CYS D 216 18.86 16.66 9.12
N THR D 217 17.98 17.55 8.68
CA THR D 217 16.61 17.19 8.31
C THR D 217 16.39 16.98 6.80
N GLY D 218 17.44 17.14 6.02
CA GLY D 218 17.38 16.88 4.57
C GLY D 218 16.33 17.75 3.89
N LEU D 219 15.44 17.10 3.12
CA LEU D 219 14.37 17.79 2.38
C LEU D 219 13.31 18.47 3.28
N SER D 220 13.17 18.01 4.52
CA SER D 220 12.22 18.65 5.46
C SER D 220 12.63 20.07 5.87
N SER D 221 13.87 20.47 5.57
CA SER D 221 14.35 21.84 5.78
C SER D 221 13.76 22.88 4.80
N ARG D 222 13.02 22.41 3.80
CA ARG D 222 12.24 23.28 2.91
C ARG D 222 11.08 23.94 3.67
N LYS D 223 10.47 23.17 4.58
CA LYS D 223 9.29 23.58 5.34
C LYS D 223 9.57 23.85 6.82
N LEU D 224 10.75 23.44 7.31
CA LEU D 224 11.08 23.50 8.75
C LEU D 224 11.16 24.93 9.27
N GLY D 225 10.42 25.19 10.35
CA GLY D 225 10.38 26.50 11.02
C GLY D 225 11.76 27.04 11.34
N GLY D 226 11.99 28.30 10.95
CA GLY D 226 13.28 28.96 11.15
C GLY D 226 14.36 28.61 10.13
N VAL D 227 14.06 27.66 9.24
CA VAL D 227 14.97 27.33 8.14
C VAL D 227 14.26 27.63 6.80
N GLN D 228 13.14 26.95 6.56
CA GLN D 228 12.24 27.25 5.43
C GLN D 228 12.98 27.51 4.11
N ASP D 229 13.82 26.55 3.73
CA ASP D 229 14.74 26.70 2.62
C ASP D 229 14.05 26.52 1.26
N ASN D 230 13.91 27.64 0.56
CA ASN D 230 13.23 27.69 -0.73
C ASN D 230 14.05 27.13 -1.91
N THR D 231 15.33 26.84 -1.67
CA THR D 231 16.25 26.33 -2.71
C THR D 231 16.34 24.79 -2.74
N LEU D 232 15.56 24.15 -1.87
CA LEU D 232 15.45 22.69 -1.83
C LEU D 232 14.33 22.16 -2.71
N LEU D 233 14.65 21.13 -3.48
CA LEU D 233 13.69 20.47 -4.39
C LEU D 233 13.94 18.96 -4.40
N PRO D 234 12.86 18.15 -4.49
CA PRO D 234 13.06 16.70 -4.62
C PRO D 234 13.50 16.29 -6.02
N ALA D 235 14.45 15.37 -6.10
CA ALA D 235 14.72 14.65 -7.33
C ALA D 235 14.35 13.21 -7.06
N ARG D 236 13.10 12.89 -7.41
CA ARG D 236 12.51 11.57 -7.24
C ARG D 236 13.40 10.49 -7.86
N GLY D 237 13.55 9.40 -7.13
CA GLY D 237 14.36 8.27 -7.56
C GLY D 237 13.61 6.98 -7.34
N GLN D 238 13.24 6.32 -8.43
CA GLN D 238 12.58 5.02 -8.35
C GLN D 238 13.60 3.90 -8.48
N ILE D 239 13.42 2.84 -7.69
CA ILE D 239 14.30 1.67 -7.73
C ILE D 239 13.52 0.37 -7.89
N VAL D 240 14.21 -0.65 -8.38
CA VAL D 240 13.71 -2.04 -8.33
C VAL D 240 14.74 -2.87 -7.57
N VAL D 241 14.28 -3.61 -6.57
CA VAL D 241 15.15 -4.41 -5.71
C VAL D 241 15.06 -5.88 -6.12
N VAL D 242 16.15 -6.44 -6.64
CA VAL D 242 16.12 -7.82 -7.15
C VAL D 242 17.11 -8.76 -6.42
N ARG D 243 16.86 -10.07 -6.52
CA ARG D 243 17.70 -11.08 -5.87
C ARG D 243 18.92 -11.45 -6.70
N ASN D 244 18.86 -11.17 -8.01
CA ASN D 244 19.92 -11.50 -8.97
C ASN D 244 21.23 -10.75 -8.65
N ASP D 245 22.31 -11.50 -8.46
CA ASP D 245 23.64 -10.94 -8.23
C ASP D 245 24.47 -11.03 -9.51
N PRO D 246 24.77 -9.87 -10.12
CA PRO D 246 25.53 -9.80 -11.38
C PRO D 246 27.05 -9.75 -11.19
N GLY D 247 27.50 -9.53 -9.96
CA GLY D 247 28.91 -9.55 -9.60
C GLY D 247 29.65 -8.23 -9.70
N LEU D 248 28.98 -7.19 -10.21
CA LEU D 248 29.59 -5.86 -10.39
C LEU D 248 28.57 -4.72 -10.37
N MET D 249 29.06 -3.51 -10.14
CA MET D 249 28.25 -2.28 -10.32
C MET D 249 28.48 -1.75 -11.72
N CYS D 250 27.39 -1.44 -12.42
CA CYS D 250 27.48 -0.76 -13.71
C CYS D 250 26.43 0.33 -13.87
N SER D 251 26.84 1.41 -14.53
CA SER D 251 25.99 2.57 -14.79
C SER D 251 26.37 3.25 -16.09
N ILE D 252 25.43 4.00 -16.64
CA ILE D 252 25.60 4.75 -17.88
C ILE D 252 25.22 6.23 -17.66
N SER D 253 25.83 7.11 -18.44
CA SER D 253 25.65 8.57 -18.34
C SER D 253 24.25 9.07 -18.72
N GLY D 254 23.44 8.22 -19.37
CA GLY D 254 22.11 8.60 -19.82
C GLY D 254 21.46 7.53 -20.70
N THR D 255 20.17 7.72 -20.98
CA THR D 255 19.33 6.75 -21.69
C THR D 255 18.55 7.40 -22.84
N ASP D 256 17.95 6.57 -23.69
CA ASP D 256 17.07 7.05 -24.77
C ASP D 256 15.60 7.10 -24.33
N ASP D 257 15.34 6.66 -23.10
CA ASP D 257 13.98 6.65 -22.55
C ASP D 257 13.51 8.00 -22.00
N GLY D 258 14.42 8.97 -21.95
CA GLY D 258 14.14 10.30 -21.42
C GLY D 258 15.31 10.90 -20.66
N ASP D 259 15.29 12.23 -20.58
CA ASP D 259 16.27 13.02 -19.85
C ASP D 259 16.33 12.65 -18.36
N ASP D 260 15.17 12.38 -17.78
CA ASP D 260 15.02 12.11 -16.35
C ASP D 260 15.03 10.61 -15.99
N GLU D 261 15.45 9.77 -16.93
CA GLU D 261 15.59 8.33 -16.72
C GLU D 261 17.04 7.91 -16.91
N VAL D 262 17.56 7.16 -15.92
CA VAL D 262 18.96 6.72 -15.93
C VAL D 262 19.05 5.19 -15.84
N THR D 263 20.25 4.66 -15.97
CA THR D 263 20.50 3.23 -15.77
C THR D 263 21.68 3.03 -14.83
N TYR D 264 21.41 2.35 -13.73
CA TYR D 264 22.46 1.86 -12.86
C TYR D 264 22.02 0.58 -12.17
N MET D 265 23.01 -0.15 -11.66
CA MET D 265 22.76 -1.30 -10.81
C MET D 265 23.92 -1.47 -9.83
N MET D 266 23.60 -2.02 -8.66
CA MET D 266 24.58 -2.31 -7.62
C MET D 266 24.07 -3.40 -6.69
N THR D 267 24.98 -4.25 -6.24
CA THR D 267 24.64 -5.33 -5.33
C THR D 267 25.07 -4.97 -3.92
N ARG D 268 24.10 -4.96 -3.00
CA ARG D 268 24.32 -4.65 -1.60
C ARG D 268 25.12 -5.77 -0.93
N ALA D 269 25.93 -5.38 0.05
CA ALA D 269 26.73 -6.30 0.86
C ALA D 269 25.83 -7.19 1.72
N ALA D 270 26.40 -8.32 2.16
CA ALA D 270 25.75 -9.24 3.10
C ALA D 270 24.36 -9.69 2.63
N GLY D 271 24.27 -10.04 1.35
CA GLY D 271 23.05 -10.55 0.74
C GLY D 271 21.87 -9.58 0.76
N GLY D 272 22.16 -8.28 0.81
CA GLY D 272 21.12 -7.23 0.89
C GLY D 272 20.23 -7.06 -0.33
N GLY D 273 20.64 -7.66 -1.44
CA GLY D 273 19.88 -7.59 -2.69
C GLY D 273 20.55 -6.65 -3.67
N THR D 274 20.07 -6.68 -4.91
CA THR D 274 20.59 -5.82 -5.97
C THR D 274 19.61 -4.69 -6.26
N ILE D 275 20.14 -3.48 -6.36
CA ILE D 275 19.36 -2.29 -6.62
C ILE D 275 19.48 -1.95 -8.11
N LEU D 276 18.34 -1.93 -8.82
CA LEU D 276 18.31 -1.52 -10.22
C LEU D 276 17.69 -0.14 -10.30
N GLY D 277 18.41 0.77 -10.96
CA GLY D 277 17.97 2.14 -11.19
C GLY D 277 17.94 2.49 -12.67
N GLY D 278 17.24 3.57 -13.02
CA GLY D 278 16.60 4.43 -12.05
C GLY D 278 16.04 5.69 -12.67
N THR D 279 16.00 6.73 -11.86
CA THR D 279 15.24 7.92 -12.15
C THR D 279 15.82 9.13 -11.39
N TYR D 280 15.81 10.28 -12.07
CA TYR D 280 16.15 11.57 -11.46
C TYR D 280 15.09 12.59 -11.92
N GLN D 281 13.98 12.65 -11.19
CA GLN D 281 12.82 13.48 -11.56
C GLN D 281 12.63 14.68 -10.63
N LYS D 282 13.14 15.83 -11.07
CA LYS D 282 13.09 17.05 -10.27
C LYS D 282 11.66 17.57 -10.11
N HIS D 283 11.37 18.15 -8.93
CA HIS D 283 10.05 18.70 -8.57
C HIS D 283 8.89 17.67 -8.63
N ASN D 284 9.25 16.39 -8.63
CA ASN D 284 8.30 15.29 -8.60
C ASN D 284 8.31 14.71 -7.20
N TRP D 285 7.16 14.74 -6.54
CA TRP D 285 7.02 14.30 -5.15
C TRP D 285 6.35 12.92 -5.00
N ASP D 286 6.02 12.28 -6.13
CA ASP D 286 5.27 11.01 -6.14
C ASP D 286 6.00 9.86 -5.43
N SER D 287 5.40 9.41 -4.33
CA SER D 287 5.93 8.36 -3.47
C SER D 287 5.71 6.95 -3.99
N LEU D 288 4.69 6.78 -4.83
CA LEU D 288 4.31 5.47 -5.34
C LEU D 288 5.19 5.06 -6.53
N PRO D 289 5.63 3.78 -6.57
CA PRO D 289 6.33 3.29 -7.78
C PRO D 289 5.40 3.26 -9.00
N ASP D 290 5.87 3.81 -10.10
CA ASP D 290 5.15 3.71 -11.36
C ASP D 290 5.49 2.37 -12.02
N PRO D 291 4.46 1.56 -12.34
CA PRO D 291 4.70 0.26 -12.98
C PRO D 291 5.44 0.35 -14.32
N ASN D 292 5.09 1.36 -15.13
CA ASN D 292 5.77 1.60 -16.41
C ASN D 292 7.25 1.95 -16.24
N LEU D 293 7.58 2.82 -15.29
CA LEU D 293 8.99 3.19 -15.05
C LEU D 293 9.80 2.00 -14.56
N ALA D 294 9.18 1.15 -13.73
CA ALA D 294 9.79 -0.08 -13.22
C ALA D 294 10.23 -1.06 -14.31
N VAL D 295 9.34 -1.29 -15.28
CA VAL D 295 9.57 -2.21 -16.40
C VAL D 295 10.73 -1.70 -17.25
N ARG D 296 10.75 -0.38 -17.47
CA ARG D 296 11.82 0.30 -18.20
C ARG D 296 13.16 0.19 -17.49
N ILE D 297 13.15 0.40 -16.16
CA ILE D 297 14.34 0.18 -15.31
C ILE D 297 14.87 -1.25 -15.52
N MET D 298 13.97 -2.22 -15.39
CA MET D 298 14.29 -3.64 -15.56
C MET D 298 14.74 -4.02 -16.97
N LYS D 299 14.15 -3.38 -17.99
CA LYS D 299 14.60 -3.59 -19.38
C LYS D 299 16.00 -3.01 -19.62
N ARG D 300 16.20 -1.75 -19.24
CA ARG D 300 17.47 -1.07 -19.43
C ARG D 300 18.64 -1.73 -18.68
N CYS D 301 18.37 -2.21 -17.47
CA CYS D 301 19.40 -2.88 -16.66
C CYS D 301 19.90 -4.20 -17.25
N ILE D 302 18.98 -5.06 -17.70
CA ILE D 302 19.37 -6.35 -18.30
C ILE D 302 20.09 -6.18 -19.65
N GLU D 303 19.83 -5.06 -20.33
CA GLU D 303 20.51 -4.73 -21.58
C GLU D 303 21.91 -4.18 -21.32
N LEU D 304 22.04 -3.30 -20.32
CA LEU D 304 23.33 -2.74 -19.94
C LEU D 304 24.28 -3.80 -19.43
N CYS D 305 23.79 -4.64 -18.51
CA CYS D 305 24.60 -5.70 -17.92
C CYS D 305 23.84 -7.04 -17.94
N PRO D 306 24.06 -7.87 -19.00
CA PRO D 306 23.27 -9.08 -19.27
C PRO D 306 23.47 -10.23 -18.29
N SER D 307 24.57 -10.22 -17.55
CA SER D 307 24.87 -11.22 -16.52
C SER D 307 23.92 -11.17 -15.31
N LEU D 308 23.08 -10.12 -15.24
CA LEU D 308 21.96 -10.04 -14.29
C LEU D 308 21.04 -11.25 -14.45
N VAL D 309 20.95 -11.73 -15.69
CA VAL D 309 19.99 -12.74 -16.08
C VAL D 309 20.70 -13.93 -16.76
N ALA D 310 20.03 -15.08 -16.79
CA ALA D 310 20.55 -16.27 -17.51
C ALA D 310 20.39 -16.08 -19.02
N PRO D 311 21.29 -16.69 -19.84
CA PRO D 311 21.25 -16.54 -21.31
C PRO D 311 19.85 -16.65 -21.92
N GLY D 312 19.46 -15.65 -22.68
CA GLY D 312 18.18 -15.64 -23.40
C GLY D 312 16.95 -15.21 -22.61
N GLN D 313 17.10 -15.03 -21.29
CA GLN D 313 16.01 -14.53 -20.45
C GLN D 313 15.86 -13.02 -20.62
N GLY D 314 14.61 -12.56 -20.55
CA GLY D 314 14.31 -11.13 -20.50
C GLY D 314 14.08 -10.73 -19.05
N ILE D 315 13.09 -9.87 -18.84
CA ILE D 315 12.74 -9.33 -17.50
C ILE D 315 12.24 -10.42 -16.53
N GLU D 316 11.57 -11.44 -17.07
CA GLU D 316 11.09 -12.60 -16.28
C GLU D 316 12.18 -13.35 -15.51
N GLY D 317 13.44 -13.14 -15.89
CA GLY D 317 14.58 -13.77 -15.23
C GLY D 317 14.95 -13.11 -13.91
N LEU D 318 14.58 -11.84 -13.75
CA LEU D 318 14.77 -11.11 -12.49
C LEU D 318 13.83 -11.61 -11.39
N ASP D 319 14.42 -12.03 -10.26
CA ASP D 319 13.65 -12.41 -9.10
C ASP D 319 13.46 -11.13 -8.25
N ILE D 320 12.29 -10.51 -8.40
CA ILE D 320 12.03 -9.19 -7.82
C ILE D 320 11.65 -9.30 -6.35
N ILE D 321 12.35 -8.54 -5.51
CA ILE D 321 12.03 -8.44 -4.08
C ILE D 321 10.88 -7.45 -3.88
N ARG D 322 11.09 -6.20 -4.31
CA ARG D 322 10.12 -5.10 -4.15
C ARG D 322 10.51 -3.94 -5.05
N HIS D 323 9.61 -2.95 -5.11
CA HIS D 323 9.90 -1.65 -5.72
C HIS D 323 10.10 -0.61 -4.62
N GLY D 324 10.68 0.54 -5.00
CA GLY D 324 10.91 1.63 -4.06
C GLY D 324 11.04 2.97 -4.73
N VAL D 325 10.77 4.02 -3.95
CA VAL D 325 10.86 5.41 -4.38
C VAL D 325 11.34 6.29 -3.22
N GLY D 326 12.41 7.03 -3.47
CA GLY D 326 12.84 8.10 -2.58
C GLY D 326 12.87 9.42 -3.30
N LEU D 327 12.87 10.50 -2.52
CA LEU D 327 13.12 11.85 -3.02
C LEU D 327 14.47 12.36 -2.52
N ARG D 328 15.42 12.52 -3.45
CA ARG D 328 16.71 13.15 -3.16
C ARG D 328 16.52 14.61 -2.71
N PRO D 329 17.13 15.00 -1.58
CA PRO D 329 17.02 16.38 -1.08
C PRO D 329 18.00 17.31 -1.80
N VAL D 330 17.69 17.65 -3.05
CA VAL D 330 18.57 18.49 -3.86
C VAL D 330 18.45 19.95 -3.42
N ARG D 331 19.60 20.60 -3.27
CA ARG D 331 19.68 22.02 -2.94
C ARG D 331 20.51 22.70 -4.03
N GLU D 332 20.08 23.90 -4.43
CA GLU D 332 20.70 24.63 -5.56
C GLU D 332 22.20 24.86 -5.40
N ASP D 333 22.62 25.37 -4.24
CA ASP D 333 24.04 25.62 -3.94
C ASP D 333 24.73 24.43 -3.29
N GLY D 334 24.11 23.25 -3.41
CA GLY D 334 24.61 22.02 -2.81
C GLY D 334 24.39 21.98 -1.31
N PRO D 335 25.17 21.13 -0.59
CA PRO D 335 25.01 20.99 0.86
C PRO D 335 25.19 22.30 1.62
N ARG D 336 24.29 22.56 2.56
CA ARG D 336 24.40 23.71 3.44
C ARG D 336 25.02 23.26 4.77
N ILE D 337 26.23 23.74 5.04
CA ILE D 337 26.91 23.51 6.30
C ILE D 337 27.44 24.84 6.81
N GLU D 338 26.74 25.42 7.78
CA GLU D 338 27.01 26.77 8.30
C GLU D 338 26.27 27.03 9.60
N LYS D 339 26.77 27.98 10.39
CA LYS D 339 26.21 28.33 11.69
C LYS D 339 25.25 29.52 11.63
N GLU D 340 24.25 29.47 12.49
CA GLU D 340 23.19 30.48 12.54
C GLU D 340 22.55 30.48 13.93
N LEU D 341 22.41 31.68 14.49
CA LEU D 341 21.69 31.86 15.74
C LEU D 341 20.21 32.04 15.42
N ILE D 342 19.38 31.08 15.86
CA ILE D 342 17.94 31.10 15.59
C ILE D 342 17.16 30.95 16.90
N ASP D 343 16.41 31.99 17.25
CA ASP D 343 15.61 32.08 18.49
C ASP D 343 16.40 31.73 19.77
N GLY D 344 17.64 32.19 19.83
CA GLY D 344 18.54 31.93 20.96
C GLY D 344 19.41 30.69 20.81
N VAL D 345 18.94 29.73 20.01
CA VAL D 345 19.60 28.44 19.83
C VAL D 345 20.62 28.49 18.69
N TRP D 346 21.86 28.13 18.99
CA TRP D 346 22.88 27.93 17.96
C TRP D 346 22.51 26.74 17.09
N VAL D 347 22.47 26.99 15.78
CA VAL D 347 22.09 25.98 14.78
C VAL D 347 23.20 25.84 13.74
N VAL D 348 23.65 24.59 13.54
CA VAL D 348 24.57 24.25 12.47
C VAL D 348 23.81 23.33 11.53
N HIS D 349 23.59 23.79 10.30
CA HIS D 349 22.89 22.98 9.31
C HIS D 349 23.86 21.97 8.69
N ASN D 350 23.34 20.81 8.33
CA ASN D 350 24.04 19.83 7.48
C ASN D 350 22.97 19.11 6.66
N TYR D 351 22.55 19.77 5.59
CA TYR D 351 21.49 19.26 4.71
C TYR D 351 21.61 19.72 3.24
N GLY D 352 20.92 19.00 2.36
CA GLY D 352 20.87 19.34 0.93
C GLY D 352 21.93 18.59 0.15
N HIS D 353 21.99 17.28 0.36
CA HIS D 353 23.05 16.43 -0.20
C HIS D 353 22.65 15.73 -1.50
N GLY D 354 21.48 16.10 -2.04
CA GLY D 354 20.99 15.54 -3.31
C GLY D 354 21.13 14.03 -3.46
N GLY D 355 21.75 13.60 -4.56
CA GLY D 355 22.00 12.18 -4.81
C GLY D 355 23.32 11.63 -4.28
N TYR D 356 23.99 12.39 -3.41
CA TYR D 356 25.36 12.09 -3.01
C TYR D 356 25.63 12.15 -1.50
N GLY D 357 24.59 11.91 -0.70
CA GLY D 357 24.64 12.02 0.75
C GLY D 357 25.50 11.01 1.47
N TYR D 358 25.53 9.78 0.96
CA TYR D 358 26.41 8.73 1.48
C TYR D 358 27.86 8.95 1.07
N GLN D 359 28.08 9.31 -0.20
CA GLN D 359 29.43 9.53 -0.72
C GLN D 359 30.10 10.86 -0.34
N THR D 360 29.37 11.72 0.35
CA THR D 360 29.92 12.93 0.99
C THR D 360 29.78 12.89 2.52
N SER D 361 29.16 11.83 3.04
CA SER D 361 28.74 11.74 4.45
C SER D 361 29.82 12.10 5.47
N PHE D 362 30.93 11.37 5.45
CA PHE D 362 32.04 11.64 6.36
C PHE D 362 32.70 13.01 6.14
N GLY D 363 32.88 13.39 4.88
CA GLY D 363 33.44 14.69 4.51
C GLY D 363 32.60 15.86 4.97
N CYS D 364 31.29 15.81 4.68
CA CYS D 364 30.36 16.83 5.16
C CYS D 364 30.27 16.89 6.68
N ALA D 365 30.22 15.70 7.31
CA ALA D 365 30.20 15.59 8.78
C ALA D 365 31.44 16.14 9.47
N THR D 366 32.60 16.04 8.81
CA THR D 366 33.87 16.58 9.32
C THR D 366 33.83 18.12 9.33
N THR D 367 33.25 18.71 8.28
CA THR D 367 33.01 20.16 8.20
C THR D 367 31.99 20.61 9.24
N ALA D 368 30.92 19.82 9.41
CA ALA D 368 29.91 20.08 10.44
C ALA D 368 30.53 20.16 11.84
N VAL D 369 31.37 19.18 12.18
CA VAL D 369 32.13 19.16 13.44
C VAL D 369 32.94 20.46 13.62
N GLU D 370 33.68 20.86 12.58
CA GLU D 370 34.47 22.11 12.56
C GLU D 370 33.61 23.35 12.85
N VAL D 371 32.45 23.44 12.20
CA VAL D 371 31.51 24.55 12.39
C VAL D 371 30.84 24.49 13.78
N VAL D 372 30.65 23.28 14.31
CA VAL D 372 30.12 23.08 15.67
C VAL D 372 31.08 23.65 16.71
N ARG D 373 32.36 23.29 16.62
CA ARG D 373 33.41 23.82 17.50
C ARG D 373 33.57 25.34 17.39
N GLU D 374 33.41 25.86 16.18
CA GLU D 374 33.43 27.30 15.88
C GLU D 374 32.27 28.05 16.56
N ALA D 375 31.06 27.48 16.46
CA ALA D 375 29.86 28.04 17.07
C ALA D 375 29.87 27.98 18.60
N LEU D 376 30.48 26.92 19.13
CA LEU D 376 30.60 26.73 20.58
C LEU D 376 31.66 27.65 21.20
N GLN D 377 32.69 28.00 20.42
CA GLN D 377 33.76 28.90 20.87
C GLN D 377 33.30 30.35 20.98
N GLN D 378 32.48 30.80 20.03
CA GLN D 378 31.79 32.09 20.09
C GLN D 378 30.88 32.18 21.32
N GLN D 379 30.25 31.06 21.65
CA GLN D 379 29.37 30.93 22.82
C GLN D 379 30.15 30.98 24.14
#